data_6KCN
#
_entry.id   6KCN
#
_cell.length_a   71.174
_cell.length_b   89.920
_cell.length_c   100.044
_cell.angle_alpha   76.700
_cell.angle_beta   72.950
_cell.angle_gamma   80.110
#
_symmetry.space_group_name_H-M   'P 1'
#
loop_
_entity.id
_entity.type
_entity.pdbx_description
1 polymer 'Lysine--tRNA ligase'
2 non-polymer 3-[[(1~{S},3~{S})-3-methylcyclohexyl]methyl]-6,8-bis(oxidanyl)isochromen-1-one
3 non-polymer GLYCEROL
4 non-polymer LYSINE
5 water water
#
_entity_poly.entity_id   1
_entity_poly.type   'polypeptide(L)'
_entity_poly.pdbx_seq_one_letter_code
;MEVDPRLYFENRSKFIQDQKDKGINPYPHKFERTISIPEFIEKYKDLGNGEHLEDTILNITGRIMRVSASGQKLRFFDLV
GDGEKIQVLANYSFHNHEKGNFAECYDKIRRGDIVGIVGFPGKSKKGELSIFPKETILLSACLHMLPMKYGLKDTEIRYR
QRYLDLLINESSRHTFVTRTKIINFLRNFLNERGFFEVETPMMNLIAGGANARPFITHHNDLDLDLYLRIATELPLKMLI
VGGIDKVYEIGKVFRNEGIDNTHNPEFTSCEFYWAYADYNDLIKWSEDFFSQLVYHLFGTYKISYNKDGPENQPIEIDFT
PPYPKVSIVEEIEKVTNTILEQPFDSNETIEKMINIIKEHKIELPNPPTAAKLLDQLASHFIENKYNDKPFFIVEHPQIM
SPLAKYHRTKPGLTERLEMFICGKEVLNAYTELNDPFKQKECFKLQQKDREKGDTEAAQLDSAFCTSLEYGLPPTGGLGL
GIDRITMFLTNKNSIKDVILFPTMRPANGGHHHHHH
;
_entity_poly.pdbx_strand_id   A,B,C,D
#
loop_
_chem_comp.id
_chem_comp.type
_chem_comp.name
_chem_comp.formula
D5F non-polymer 3-[[(1~{S},3~{S})-3-methylcyclohexyl]methyl]-6,8-bis(oxidanyl)isochromen-1-one 'C17 H20 O4'
GOL non-polymer GLYCEROL 'C3 H8 O3'
#
# COMPACT_ATOMS: atom_id res chain seq x y z
N VAL A 3 -41.53 -37.09 14.31
CA VAL A 3 -42.73 -37.72 13.77
C VAL A 3 -42.35 -38.68 12.63
N ASP A 4 -43.09 -38.59 11.53
CA ASP A 4 -42.88 -39.43 10.36
C ASP A 4 -42.56 -38.55 9.17
N PRO A 5 -41.28 -38.36 8.82
CA PRO A 5 -40.96 -37.48 7.68
C PRO A 5 -41.59 -37.89 6.37
N ARG A 6 -41.67 -39.19 6.10
CA ARG A 6 -42.23 -39.67 4.84
C ARG A 6 -43.71 -39.30 4.73
N LEU A 7 -44.48 -39.54 5.79
CA LEU A 7 -45.87 -39.14 5.79
C LEU A 7 -46.01 -37.62 5.68
N TYR A 8 -45.07 -36.88 6.28
CA TYR A 8 -45.16 -35.43 6.24
C TYR A 8 -44.95 -34.93 4.81
N PHE A 9 -44.03 -35.54 4.06
CA PHE A 9 -43.80 -35.15 2.67
C PHE A 9 -44.99 -35.52 1.80
N GLU A 10 -45.58 -36.69 2.02
CA GLU A 10 -46.72 -37.11 1.22
C GLU A 10 -47.92 -36.22 1.46
N ASN A 11 -48.17 -35.81 2.72
CA ASN A 11 -49.26 -34.89 3.00
C ASN A 11 -49.04 -33.54 2.35
N ARG A 12 -47.79 -33.05 2.37
CA ARG A 12 -47.49 -31.78 1.70
C ARG A 12 -47.64 -31.91 0.19
N SER A 13 -47.25 -33.06 -0.37
CA SER A 13 -47.46 -33.29 -1.79
C SER A 13 -48.95 -33.28 -2.13
N LYS A 14 -49.78 -33.88 -1.28
CA LYS A 14 -51.22 -33.84 -1.50
C LYS A 14 -51.76 -32.42 -1.34
N PHE A 15 -51.22 -31.66 -0.39
CA PHE A 15 -51.62 -30.27 -0.23
C PHE A 15 -51.37 -29.48 -1.51
N ILE A 16 -50.20 -29.69 -2.14
CA ILE A 16 -49.88 -28.99 -3.38
C ILE A 16 -50.88 -29.35 -4.47
N GLN A 17 -51.19 -30.65 -4.59
CA GLN A 17 -52.15 -31.09 -5.60
C GLN A 17 -53.55 -30.56 -5.30
N ASP A 18 -53.93 -30.50 -4.02
CA ASP A 18 -55.26 -30.04 -3.67
C ASP A 18 -55.41 -28.54 -3.93
N GLN A 19 -54.34 -27.77 -3.69
CA GLN A 19 -54.36 -26.37 -4.06
C GLN A 19 -54.60 -26.20 -5.56
N LYS A 20 -53.98 -27.05 -6.38
CA LYS A 20 -54.19 -26.98 -7.82
C LYS A 20 -55.61 -27.36 -8.19
N ASP A 21 -56.18 -28.35 -7.51
CA ASP A 21 -57.56 -28.75 -7.80
C ASP A 21 -58.55 -27.65 -7.45
N LYS A 22 -58.23 -26.84 -6.43
CA LYS A 22 -59.08 -25.72 -6.04
C LYS A 22 -58.84 -24.48 -6.88
N GLY A 23 -57.94 -24.54 -7.86
CA GLY A 23 -57.67 -23.42 -8.75
C GLY A 23 -56.53 -22.51 -8.35
N ILE A 24 -56.01 -22.65 -7.13
CA ILE A 24 -54.87 -21.84 -6.69
C ILE A 24 -53.60 -22.37 -7.34
N ASN A 25 -52.73 -21.46 -7.75
CA ASN A 25 -51.41 -21.82 -8.25
C ASN A 25 -50.43 -21.72 -7.10
N PRO A 26 -49.92 -22.85 -6.57
CA PRO A 26 -49.00 -22.78 -5.43
C PRO A 26 -47.57 -22.39 -5.79
N TYR A 27 -47.26 -22.27 -7.08
CA TYR A 27 -45.96 -21.80 -7.55
C TYR A 27 -46.16 -20.65 -8.52
N PRO A 28 -46.54 -19.48 -8.03
CA PRO A 28 -46.76 -18.34 -8.93
C PRO A 28 -45.50 -17.95 -9.68
N HIS A 29 -45.72 -17.28 -10.82
CA HIS A 29 -44.62 -16.96 -11.73
C HIS A 29 -43.77 -15.80 -11.23
N LYS A 30 -44.41 -14.72 -10.78
CA LYS A 30 -43.67 -13.51 -10.44
C LYS A 30 -44.33 -12.79 -9.28
N PHE A 31 -43.54 -12.45 -8.28
CA PHE A 31 -43.93 -11.56 -7.19
C PHE A 31 -42.95 -10.41 -7.19
N GLU A 32 -43.46 -9.19 -7.33
CA GLU A 32 -42.61 -8.02 -7.52
C GLU A 32 -42.23 -7.46 -6.15
N ARG A 33 -41.01 -7.76 -5.72
CA ARG A 33 -40.53 -7.31 -4.43
C ARG A 33 -40.20 -5.82 -4.46
N THR A 34 -40.50 -5.13 -3.36
CA THR A 34 -40.18 -3.72 -3.20
C THR A 34 -38.85 -3.49 -2.49
N ILE A 35 -38.48 -4.38 -1.56
CA ILE A 35 -37.29 -4.18 -0.76
C ILE A 35 -36.86 -5.54 -0.23
N SER A 36 -35.55 -5.70 -0.02
CA SER A 36 -35.01 -6.95 0.50
C SER A 36 -35.00 -6.91 2.02
N ILE A 37 -34.83 -8.08 2.63
CA ILE A 37 -34.79 -8.17 4.10
C ILE A 37 -33.62 -7.40 4.67
N PRO A 38 -32.39 -7.50 4.16
CA PRO A 38 -31.31 -6.64 4.68
C PRO A 38 -31.60 -5.15 4.53
N GLU A 39 -32.13 -4.74 3.38
CA GLU A 39 -32.48 -3.33 3.20
C GLU A 39 -33.60 -2.89 4.13
N PHE A 40 -34.46 -3.83 4.54
CA PHE A 40 -35.58 -3.54 5.42
C PHE A 40 -35.11 -3.39 6.86
N ILE A 41 -34.18 -4.24 7.29
CA ILE A 41 -33.54 -4.07 8.59
C ILE A 41 -32.82 -2.73 8.64
N GLU A 42 -32.22 -2.32 7.53
CA GLU A 42 -31.48 -1.06 7.50
C GLU A 42 -32.42 0.13 7.60
N LYS A 43 -33.53 0.10 6.85
CA LYS A 43 -34.41 1.26 6.78
C LYS A 43 -35.14 1.51 8.08
N TYR A 44 -35.49 0.46 8.84
CA TYR A 44 -36.41 0.58 9.96
C TYR A 44 -35.84 0.06 11.27
N LYS A 45 -34.52 -0.14 11.37
CA LYS A 45 -33.94 -0.54 12.64
C LYS A 45 -34.09 0.58 13.68
N ASP A 46 -33.89 1.83 13.26
CA ASP A 46 -34.04 2.97 14.15
C ASP A 46 -35.49 3.44 14.20
N LEU A 47 -36.39 2.51 14.50
CA LEU A 47 -37.81 2.77 14.61
C LEU A 47 -38.24 2.59 16.06
N GLY A 48 -39.31 3.28 16.44
CA GLY A 48 -39.68 3.31 17.84
C GLY A 48 -40.16 1.97 18.36
N ASN A 49 -39.91 1.74 19.64
CA ASN A 49 -40.37 0.54 20.33
C ASN A 49 -41.89 0.56 20.40
N GLY A 50 -42.55 -0.27 19.60
CA GLY A 50 -43.99 -0.25 19.48
C GLY A 50 -44.52 0.56 18.33
N GLU A 51 -43.65 1.15 17.51
CA GLU A 51 -44.07 2.09 16.47
C GLU A 51 -44.52 1.34 15.22
N HIS A 52 -45.45 1.95 14.49
CA HIS A 52 -45.96 1.42 13.24
C HIS A 52 -45.85 2.48 12.15
N LEU A 53 -45.80 2.02 10.90
CA LEU A 53 -45.77 2.89 9.72
C LEU A 53 -46.86 2.47 8.75
N GLU A 54 -48.07 2.30 9.28
CA GLU A 54 -49.16 1.63 8.56
C GLU A 54 -49.47 2.23 7.20
N ASP A 55 -49.03 3.46 6.92
CA ASP A 55 -49.22 4.04 5.60
C ASP A 55 -48.10 3.66 4.63
N THR A 56 -47.05 3.01 5.10
CA THR A 56 -45.95 2.53 4.26
C THR A 56 -46.21 1.07 3.92
N ILE A 57 -46.72 0.81 2.72
CA ILE A 57 -47.01 -0.55 2.26
C ILE A 57 -45.84 -1.06 1.45
N LEU A 58 -45.38 -2.27 1.77
CA LEU A 58 -44.20 -2.85 1.14
C LEU A 58 -44.50 -4.27 0.68
N ASN A 59 -43.77 -4.71 -0.34
CA ASN A 59 -43.78 -6.08 -0.81
C ASN A 59 -42.42 -6.70 -0.52
N ILE A 60 -42.39 -7.72 0.33
CA ILE A 60 -41.14 -8.39 0.70
C ILE A 60 -41.34 -9.90 0.58
N THR A 61 -40.22 -10.60 0.43
CA THR A 61 -40.21 -12.05 0.31
C THR A 61 -39.17 -12.64 1.25
N GLY A 62 -39.29 -13.93 1.50
CA GLY A 62 -38.35 -14.62 2.34
C GLY A 62 -38.80 -16.04 2.61
N ARG A 63 -38.04 -16.73 3.46
CA ARG A 63 -38.34 -18.10 3.86
C ARG A 63 -38.79 -18.12 5.31
N ILE A 64 -39.97 -18.69 5.56
CA ILE A 64 -40.41 -18.90 6.93
C ILE A 64 -39.49 -19.92 7.59
N MET A 65 -38.88 -19.55 8.72
CA MET A 65 -38.01 -20.45 9.45
C MET A 65 -38.47 -20.70 10.88
N ARG A 66 -39.57 -20.09 11.28
CA ARG A 66 -40.18 -20.36 12.57
C ARG A 66 -41.67 -20.09 12.52
N VAL A 67 -42.50 -20.95 13.09
CA VAL A 67 -43.94 -20.75 13.13
C VAL A 67 -44.38 -20.84 14.59
N SER A 68 -45.06 -19.80 15.06
CA SER A 68 -45.65 -19.80 16.39
C SER A 68 -46.94 -19.00 16.34
N ALA A 69 -47.75 -19.13 17.38
CA ALA A 69 -49.05 -18.47 17.44
C ALA A 69 -49.30 -17.95 18.84
N SER A 70 -50.12 -16.90 18.92
CA SER A 70 -50.60 -16.35 20.18
C SER A 70 -52.13 -16.29 20.16
N GLY A 71 -52.74 -17.37 19.71
CA GLY A 71 -54.17 -17.43 19.48
C GLY A 71 -54.49 -17.47 18.00
N GLN A 72 -55.79 -17.50 17.72
CA GLN A 72 -56.25 -17.59 16.34
C GLN A 72 -55.94 -16.32 15.54
N LYS A 73 -55.82 -15.18 16.22
CA LYS A 73 -55.76 -13.89 15.55
C LYS A 73 -54.39 -13.23 15.60
N LEU A 74 -53.38 -13.88 16.19
CA LEU A 74 -52.01 -13.35 16.21
C LEU A 74 -51.06 -14.48 15.84
N ARG A 75 -50.51 -14.43 14.64
CA ARG A 75 -49.56 -15.42 14.15
C ARG A 75 -48.18 -14.80 14.06
N PHE A 76 -47.16 -15.51 14.54
CA PHE A 76 -45.79 -15.03 14.55
C PHE A 76 -44.92 -15.93 13.68
N PHE A 77 -44.02 -15.32 12.92
CA PHE A 77 -43.12 -16.08 12.04
C PHE A 77 -41.73 -15.45 12.05
N ASP A 78 -40.75 -16.25 11.66
CA ASP A 78 -39.42 -15.78 11.32
C ASP A 78 -39.28 -15.77 9.79
N LEU A 79 -38.82 -14.66 9.24
CA LEU A 79 -38.61 -14.52 7.81
C LEU A 79 -37.14 -14.24 7.55
N VAL A 80 -36.47 -15.13 6.81
CA VAL A 80 -35.04 -15.00 6.57
C VAL A 80 -34.80 -14.75 5.09
N GLY A 81 -33.76 -13.98 4.82
CA GLY A 81 -33.29 -13.73 3.47
C GLY A 81 -31.89 -13.16 3.48
N ASP A 82 -31.04 -13.63 2.57
CA ASP A 82 -29.68 -13.12 2.42
C ASP A 82 -28.90 -13.18 3.73
N GLY A 83 -29.20 -14.19 4.55
CA GLY A 83 -28.50 -14.40 5.81
C GLY A 83 -29.03 -13.61 6.98
N GLU A 84 -30.12 -12.87 6.82
CA GLU A 84 -30.64 -11.99 7.86
C GLU A 84 -32.12 -12.30 8.09
N LYS A 85 -32.61 -11.87 9.25
CA LYS A 85 -33.92 -12.31 9.73
C LYS A 85 -34.72 -11.15 10.32
N ILE A 86 -36.02 -11.18 10.08
CA ILE A 86 -36.99 -10.33 10.76
C ILE A 86 -38.15 -11.22 11.21
N GLN A 87 -39.01 -10.65 12.05
CA GLN A 87 -40.21 -11.33 12.48
C GLN A 87 -41.39 -10.93 11.62
N VAL A 88 -42.34 -11.84 11.46
CA VAL A 88 -43.61 -11.57 10.81
C VAL A 88 -44.71 -11.64 11.86
N LEU A 89 -45.41 -10.52 12.05
CA LEU A 89 -46.51 -10.43 13.01
C LEU A 89 -47.80 -10.28 12.21
N ALA A 90 -48.56 -11.37 12.11
CA ALA A 90 -49.82 -11.39 11.38
C ALA A 90 -50.95 -11.19 12.39
N ASN A 91 -51.57 -10.01 12.35
CA ASN A 91 -52.67 -9.66 13.23
C ASN A 91 -53.96 -9.59 12.43
N TYR A 92 -54.99 -10.26 12.93
CA TYR A 92 -56.31 -10.22 12.30
C TYR A 92 -56.78 -8.79 12.04
N SER A 93 -56.41 -7.85 12.91
CA SER A 93 -56.89 -6.49 12.81
C SER A 93 -56.47 -5.82 11.50
N PHE A 94 -55.31 -6.20 10.96
CA PHE A 94 -54.77 -5.57 9.77
C PHE A 94 -54.95 -6.40 8.51
N HIS A 95 -55.49 -7.61 8.62
CA HIS A 95 -55.64 -8.49 7.46
C HIS A 95 -56.58 -7.89 6.43
N ASN A 96 -56.22 -8.01 5.16
CA ASN A 96 -57.06 -7.59 4.05
C ASN A 96 -58.06 -8.71 3.77
N HIS A 97 -59.24 -8.60 4.38
CA HIS A 97 -60.24 -9.65 4.28
C HIS A 97 -60.80 -9.80 2.87
N GLU A 98 -60.62 -8.79 2.01
CA GLU A 98 -61.00 -8.91 0.61
C GLU A 98 -60.23 -10.01 -0.11
N LYS A 99 -59.03 -10.35 0.36
CA LYS A 99 -58.17 -11.33 -0.29
C LYS A 99 -58.43 -12.75 0.20
N GLY A 100 -59.19 -12.93 1.28
CA GLY A 100 -59.45 -14.27 1.79
C GLY A 100 -59.53 -14.31 3.30
N ASN A 101 -59.81 -15.49 3.85
CA ASN A 101 -60.00 -15.63 5.28
C ASN A 101 -58.66 -15.71 6.00
N PHE A 102 -58.56 -15.00 7.13
CA PHE A 102 -57.31 -14.89 7.87
C PHE A 102 -56.79 -16.26 8.28
N ALA A 103 -57.61 -17.05 8.97
CA ALA A 103 -57.15 -18.32 9.49
C ALA A 103 -56.82 -19.31 8.38
N GLU A 104 -57.61 -19.31 7.29
CA GLU A 104 -57.32 -20.23 6.20
C GLU A 104 -55.99 -19.93 5.54
N CYS A 105 -55.60 -18.65 5.50
CA CYS A 105 -54.31 -18.30 4.92
C CYS A 105 -53.16 -18.84 5.77
N TYR A 106 -53.12 -18.44 7.05
CA TYR A 106 -51.95 -18.67 7.88
C TYR A 106 -51.90 -20.06 8.49
N ASP A 107 -53.04 -20.75 8.62
CA ASP A 107 -53.00 -22.15 9.00
C ASP A 107 -52.22 -22.99 7.98
N LYS A 108 -52.16 -22.54 6.73
CA LYS A 108 -51.49 -23.30 5.68
C LYS A 108 -49.97 -23.24 5.78
N ILE A 109 -49.43 -22.21 6.43
CA ILE A 109 -47.99 -21.97 6.38
C ILE A 109 -47.26 -23.05 7.18
N ARG A 110 -46.14 -23.51 6.61
CA ARG A 110 -45.25 -24.46 7.28
C ARG A 110 -43.84 -23.91 7.28
N ARG A 111 -43.04 -24.39 8.22
CA ARG A 111 -41.64 -24.00 8.29
C ARG A 111 -40.92 -24.36 6.99
N GLY A 112 -40.26 -23.38 6.39
CA GLY A 112 -39.54 -23.57 5.14
C GLY A 112 -40.22 -22.92 3.95
N ASP A 113 -41.49 -22.55 4.07
CA ASP A 113 -42.23 -22.01 2.94
C ASP A 113 -41.68 -20.66 2.51
N ILE A 114 -41.46 -20.50 1.21
CA ILE A 114 -41.16 -19.21 0.62
C ILE A 114 -42.48 -18.46 0.42
N VAL A 115 -42.55 -17.23 0.92
CA VAL A 115 -43.77 -16.45 0.84
C VAL A 115 -43.46 -15.05 0.35
N GLY A 116 -44.47 -14.41 -0.22
CA GLY A 116 -44.44 -12.99 -0.52
C GLY A 116 -45.48 -12.28 0.33
N ILE A 117 -45.08 -11.17 0.93
CA ILE A 117 -45.88 -10.47 1.92
C ILE A 117 -46.11 -9.04 1.47
N VAL A 118 -47.37 -8.62 1.46
CA VAL A 118 -47.73 -7.22 1.31
C VAL A 118 -48.07 -6.71 2.70
N GLY A 119 -47.27 -5.79 3.23
CA GLY A 119 -47.47 -5.36 4.59
C GLY A 119 -46.78 -4.03 4.88
N PHE A 120 -46.74 -3.69 6.16
CA PHE A 120 -46.18 -2.41 6.59
C PHE A 120 -45.18 -2.61 7.72
N PRO A 121 -44.19 -1.72 7.83
CA PRO A 121 -43.13 -1.90 8.82
C PRO A 121 -43.51 -1.38 10.20
N GLY A 122 -42.95 -2.05 11.20
CA GLY A 122 -43.11 -1.59 12.57
C GLY A 122 -42.29 -2.46 13.51
N LYS A 123 -42.28 -2.03 14.77
CA LYS A 123 -41.72 -2.82 15.85
C LYS A 123 -42.84 -3.25 16.79
N SER A 124 -42.68 -4.44 17.37
CA SER A 124 -43.65 -4.92 18.34
C SER A 124 -43.59 -4.06 19.59
N LYS A 125 -44.52 -4.32 20.51
CA LYS A 125 -44.48 -3.68 21.82
C LYS A 125 -43.16 -3.92 22.53
N LYS A 126 -42.52 -5.07 22.26
CA LYS A 126 -41.25 -5.44 22.87
C LYS A 126 -40.04 -4.88 22.13
N GLY A 127 -40.23 -4.17 21.02
CA GLY A 127 -39.13 -3.63 20.25
C GLY A 127 -38.68 -4.47 19.08
N GLU A 128 -39.43 -5.51 18.74
CA GLU A 128 -38.99 -6.50 17.76
C GLU A 128 -39.38 -6.04 16.36
N LEU A 129 -38.38 -5.85 15.50
CA LEU A 129 -38.62 -5.35 14.15
C LEU A 129 -39.45 -6.34 13.35
N SER A 130 -40.53 -5.87 12.76
CA SER A 130 -41.52 -6.76 12.17
C SER A 130 -42.08 -6.17 10.88
N ILE A 131 -42.47 -7.06 9.97
CA ILE A 131 -43.39 -6.75 8.89
C ILE A 131 -44.78 -7.19 9.31
N PHE A 132 -45.76 -6.29 9.16
CA PHE A 132 -47.14 -6.64 9.48
C PHE A 132 -47.89 -6.87 8.17
N PRO A 133 -48.09 -8.12 7.76
CA PRO A 133 -48.75 -8.36 6.47
C PRO A 133 -50.22 -7.95 6.49
N LYS A 134 -50.70 -7.49 5.34
CA LYS A 134 -52.12 -7.44 5.06
C LYS A 134 -52.56 -8.55 4.11
N GLU A 135 -51.62 -9.14 3.38
CA GLU A 135 -51.84 -10.44 2.74
C GLU A 135 -50.50 -11.14 2.61
N THR A 136 -50.52 -12.45 2.86
CA THR A 136 -49.37 -13.32 2.64
C THR A 136 -49.71 -14.32 1.55
N ILE A 137 -48.78 -14.53 0.62
CA ILE A 137 -49.01 -15.40 -0.53
C ILE A 137 -47.89 -16.43 -0.58
N LEU A 138 -48.25 -17.70 -0.72
CA LEU A 138 -47.26 -18.75 -0.87
C LEU A 138 -46.62 -18.66 -2.24
N LEU A 139 -45.28 -18.62 -2.28
CA LEU A 139 -44.54 -18.59 -3.53
C LEU A 139 -43.91 -19.95 -3.87
N SER A 140 -43.41 -20.67 -2.87
CA SER A 140 -42.86 -22.01 -3.09
C SER A 140 -42.86 -22.75 -1.75
N ALA A 141 -43.55 -23.88 -1.70
CA ALA A 141 -43.67 -24.63 -0.46
C ALA A 141 -42.45 -25.51 -0.22
N CYS A 142 -42.12 -25.72 1.05
CA CYS A 142 -41.12 -26.69 1.48
C CYS A 142 -41.85 -27.95 1.90
N LEU A 143 -41.62 -29.04 1.16
CA LEU A 143 -42.40 -30.25 1.32
C LEU A 143 -41.82 -31.22 2.35
N HIS A 144 -40.57 -31.03 2.77
CA HIS A 144 -39.94 -31.87 3.79
C HIS A 144 -39.80 -31.09 5.09
N MET A 145 -39.61 -31.84 6.18
CA MET A 145 -39.24 -31.23 7.45
C MET A 145 -37.79 -30.78 7.42
N LEU A 146 -37.54 -29.54 7.83
CA LEU A 146 -36.18 -29.06 7.90
C LEU A 146 -35.46 -29.73 9.06
N PRO A 147 -34.17 -30.05 8.91
CA PRO A 147 -33.43 -30.63 10.02
C PRO A 147 -33.16 -29.61 11.11
N MET A 148 -32.90 -30.13 12.31
CA MET A 148 -32.39 -29.29 13.38
C MET A 148 -30.90 -29.05 13.17
N LYS A 149 -30.36 -28.05 13.82
CA LYS A 149 -28.95 -27.78 13.75
C LYS A 149 -28.23 -28.96 14.31
N TYR A 150 -28.77 -29.57 15.33
CA TYR A 150 -28.16 -30.78 15.89
C TYR A 150 -28.01 -31.86 14.83
N GLY A 151 -29.00 -32.01 13.96
CA GLY A 151 -28.96 -33.06 12.95
C GLY A 151 -27.90 -32.85 11.88
N LEU A 152 -27.38 -31.64 11.74
CA LEU A 152 -26.32 -31.34 10.80
C LEU A 152 -24.94 -31.32 11.43
N LYS A 153 -24.85 -31.43 12.75
CA LYS A 153 -23.60 -31.15 13.46
C LYS A 153 -22.48 -32.08 13.01
N ASP A 154 -22.65 -33.39 13.25
CA ASP A 154 -21.62 -34.36 12.94
C ASP A 154 -22.05 -35.34 11.86
N THR A 155 -22.90 -34.90 10.94
CA THR A 155 -23.34 -35.68 9.80
C THR A 155 -22.84 -35.02 8.52
N GLU A 156 -22.75 -35.83 7.46
CA GLU A 156 -22.37 -35.30 6.16
C GLU A 156 -23.58 -34.93 5.29
N ILE A 157 -24.71 -34.62 5.91
CA ILE A 157 -25.79 -33.94 5.20
C ILE A 157 -25.31 -32.57 4.75
N ARG A 158 -24.43 -31.93 5.52
CA ARG A 158 -23.84 -30.66 5.13
C ARG A 158 -23.21 -30.73 3.75
N TYR A 159 -22.59 -31.87 3.42
CA TYR A 159 -21.86 -31.99 2.17
C TYR A 159 -22.71 -32.59 1.05
N ARG A 160 -23.69 -33.41 1.39
CA ARG A 160 -24.55 -34.03 0.39
C ARG A 160 -25.82 -33.22 0.12
N GLN A 161 -26.21 -32.34 1.04
CA GLN A 161 -27.40 -31.50 0.93
C GLN A 161 -27.06 -30.06 1.34
N ARG A 162 -25.96 -29.54 0.78
CA ARG A 162 -25.38 -28.25 1.19
C ARG A 162 -26.42 -27.15 1.36
N TYR A 163 -27.51 -27.18 0.57
CA TYR A 163 -28.52 -26.14 0.69
C TYR A 163 -29.15 -26.13 2.08
N LEU A 164 -29.30 -27.30 2.68
CA LEU A 164 -29.81 -27.37 4.05
C LEU A 164 -28.81 -26.74 5.02
N ASP A 165 -27.52 -26.99 4.81
CA ASP A 165 -26.50 -26.41 5.68
C ASP A 165 -26.49 -24.89 5.55
N LEU A 166 -26.67 -24.37 4.34
CA LEU A 166 -26.68 -22.92 4.14
C LEU A 166 -27.89 -22.25 4.78
N LEU A 167 -29.03 -22.94 4.82
CA LEU A 167 -30.23 -22.37 5.41
C LEU A 167 -30.20 -22.44 6.93
N ILE A 168 -29.68 -23.55 7.48
CA ILE A 168 -29.79 -23.80 8.91
C ILE A 168 -28.61 -23.24 9.70
N ASN A 169 -27.41 -23.24 9.13
CA ASN A 169 -26.19 -22.87 9.84
C ASN A 169 -25.69 -21.53 9.30
N GLU A 170 -25.73 -20.49 10.13
CA GLU A 170 -25.31 -19.16 9.71
C GLU A 170 -23.82 -19.13 9.40
N SER A 171 -23.00 -19.88 10.16
CA SER A 171 -21.57 -19.92 9.92
C SER A 171 -21.24 -20.48 8.53
N SER A 172 -22.14 -21.28 7.95
CA SER A 172 -21.89 -21.83 6.62
C SER A 172 -21.81 -20.73 5.57
N ARG A 173 -22.82 -19.87 5.52
CA ARG A 173 -22.78 -18.74 4.60
C ARG A 173 -21.54 -17.88 4.81
N HIS A 174 -21.14 -17.68 6.07
CA HIS A 174 -19.98 -16.84 6.35
C HIS A 174 -18.70 -17.47 5.82
N THR A 175 -18.58 -18.80 5.91
CA THR A 175 -17.39 -19.48 5.39
C THR A 175 -17.22 -19.20 3.90
N PHE A 176 -18.28 -19.40 3.12
CA PHE A 176 -18.18 -19.27 1.68
C PHE A 176 -18.17 -17.82 1.22
N VAL A 177 -18.68 -16.90 2.03
CA VAL A 177 -18.48 -15.48 1.75
C VAL A 177 -17.00 -15.13 1.87
N THR A 178 -16.36 -15.62 2.93
CA THR A 178 -14.92 -15.41 3.09
C THR A 178 -14.13 -15.99 1.93
N ARG A 179 -14.54 -17.17 1.45
CA ARG A 179 -13.87 -17.78 0.30
C ARG A 179 -13.88 -16.85 -0.90
N THR A 180 -15.06 -16.32 -1.25
CA THR A 180 -15.16 -15.38 -2.37
C THR A 180 -14.35 -14.12 -2.10
N LYS A 181 -14.36 -13.63 -0.85
CA LYS A 181 -13.55 -12.46 -0.51
C LYS A 181 -12.06 -12.74 -0.71
N ILE A 182 -11.62 -13.96 -0.36
CA ILE A 182 -10.22 -14.33 -0.56
C ILE A 182 -9.86 -14.28 -2.03
N ILE A 183 -10.70 -14.89 -2.88
CA ILE A 183 -10.43 -14.93 -4.31
C ILE A 183 -10.50 -13.52 -4.91
N ASN A 184 -11.49 -12.72 -4.50
CA ASN A 184 -11.59 -11.36 -4.98
C ASN A 184 -10.34 -10.56 -4.64
N PHE A 185 -9.81 -10.75 -3.43
CA PHE A 185 -8.64 -9.99 -3.01
C PHE A 185 -7.40 -10.44 -3.77
N LEU A 186 -7.29 -11.75 -4.03
CA LEU A 186 -6.16 -12.25 -4.82
C LEU A 186 -6.21 -11.72 -6.24
N ARG A 187 -7.39 -11.71 -6.86
CA ARG A 187 -7.51 -11.20 -8.21
C ARG A 187 -7.14 -9.73 -8.30
N ASN A 188 -7.68 -8.91 -7.38
CA ASN A 188 -7.37 -7.49 -7.37
C ASN A 188 -5.90 -7.25 -7.05
N PHE A 189 -5.31 -8.03 -6.16
CA PHE A 189 -3.94 -7.88 -5.77
C PHE A 189 -3.02 -8.07 -6.95
N LEU A 190 -3.33 -9.05 -7.74
CA LEU A 190 -2.51 -9.28 -8.93
C LEU A 190 -2.81 -8.28 -10.03
N ASN A 191 -4.09 -7.95 -10.23
CA ASN A 191 -4.46 -7.00 -11.27
C ASN A 191 -3.85 -5.63 -11.02
N GLU A 192 -3.82 -5.19 -9.75
CA GLU A 192 -3.20 -3.92 -9.42
C GLU A 192 -1.69 -3.92 -9.63
N ARG A 193 -1.11 -5.08 -9.75
CA ARG A 193 0.28 -5.15 -9.95
C ARG A 193 0.62 -5.36 -11.43
N GLY A 194 -0.38 -5.27 -12.30
CA GLY A 194 -0.19 -5.38 -13.74
C GLY A 194 -0.23 -6.78 -14.30
N PHE A 195 -0.71 -7.76 -13.54
CA PHE A 195 -0.77 -9.13 -14.05
C PHE A 195 -2.01 -9.32 -14.92
N PHE A 196 -1.89 -10.22 -15.89
CA PHE A 196 -2.91 -10.44 -16.90
C PHE A 196 -3.51 -11.83 -16.71
N GLU A 197 -4.80 -11.87 -16.38
CA GLU A 197 -5.49 -13.15 -16.17
C GLU A 197 -5.83 -13.78 -17.51
N VAL A 198 -5.66 -15.11 -17.58
CA VAL A 198 -5.87 -15.89 -18.80
C VAL A 198 -6.56 -17.19 -18.44
N GLU A 199 -6.92 -17.95 -19.47
CA GLU A 199 -7.51 -19.28 -19.32
C GLU A 199 -6.73 -20.25 -20.19
N THR A 200 -6.12 -21.25 -19.56
CA THR A 200 -5.39 -22.31 -20.24
C THR A 200 -6.21 -23.59 -20.26
N PRO A 201 -5.92 -24.52 -21.16
CA PRO A 201 -6.80 -25.69 -21.32
C PRO A 201 -6.85 -26.56 -20.08
N MET A 202 -8.03 -27.09 -19.79
CA MET A 202 -8.20 -28.09 -18.74
C MET A 202 -8.09 -29.51 -19.28
N MET A 203 -8.24 -29.69 -20.58
CA MET A 203 -8.00 -30.97 -21.24
C MET A 203 -6.76 -30.84 -22.11
N ASN A 204 -5.81 -31.75 -21.94
CA ASN A 204 -4.51 -31.63 -22.56
C ASN A 204 -4.04 -33.00 -23.05
N LEU A 205 -3.18 -32.99 -24.08
CA LEU A 205 -2.58 -34.22 -24.55
C LEU A 205 -1.68 -34.83 -23.49
N ILE A 206 -1.06 -34.01 -22.65
CA ILE A 206 -0.19 -34.46 -21.57
C ILE A 206 -0.53 -33.65 -20.33
N ALA A 207 -0.51 -34.31 -19.17
CA ALA A 207 -0.77 -33.65 -17.89
C ALA A 207 0.57 -33.46 -17.18
N GLY A 208 1.11 -32.25 -17.25
CA GLY A 208 2.38 -31.94 -16.62
C GLY A 208 2.32 -30.71 -15.72
N GLY A 209 3.49 -30.29 -15.23
CA GLY A 209 3.56 -29.16 -14.32
C GLY A 209 3.57 -29.51 -12.85
N ALA A 210 3.47 -30.80 -12.51
CA ALA A 210 3.47 -31.27 -11.13
C ALA A 210 3.67 -32.78 -11.18
N ASN A 211 3.72 -33.39 -9.99
CA ASN A 211 3.90 -34.84 -9.86
C ASN A 211 2.65 -35.42 -9.20
N ALA A 212 1.71 -35.85 -10.03
CA ALA A 212 0.47 -36.44 -9.55
C ALA A 212 -0.19 -37.23 -10.68
N ARG A 213 -0.91 -38.28 -10.31
CA ARG A 213 -1.63 -39.07 -11.30
C ARG A 213 -2.81 -38.28 -11.85
N PRO A 214 -3.00 -38.25 -13.17
CA PRO A 214 -4.08 -37.45 -13.74
C PRO A 214 -5.36 -38.24 -13.97
N PHE A 215 -6.44 -37.50 -14.24
CA PHE A 215 -7.66 -38.07 -14.78
C PHE A 215 -7.53 -38.21 -16.30
N ILE A 216 -8.23 -39.18 -16.86
CA ILE A 216 -8.24 -39.38 -18.30
C ILE A 216 -9.68 -39.32 -18.81
N THR A 217 -9.83 -38.79 -20.02
CA THR A 217 -11.13 -38.73 -20.67
C THR A 217 -10.91 -38.83 -22.17
N HIS A 218 -12.00 -38.87 -22.92
CA HIS A 218 -11.93 -39.13 -24.36
C HIS A 218 -12.89 -38.22 -25.12
N HIS A 219 -12.39 -37.58 -26.17
CA HIS A 219 -13.23 -36.85 -27.11
C HIS A 219 -13.59 -37.79 -28.25
N ASN A 220 -14.89 -37.98 -28.48
CA ASN A 220 -15.34 -38.97 -29.46
C ASN A 220 -15.03 -38.52 -30.87
N ASP A 221 -15.37 -37.29 -31.22
CA ASP A 221 -15.28 -36.85 -32.61
C ASP A 221 -13.82 -36.76 -33.07
N LEU A 222 -12.93 -36.28 -32.21
CA LEU A 222 -11.51 -36.29 -32.52
C LEU A 222 -10.87 -37.65 -32.30
N ASP A 223 -11.54 -38.56 -31.59
CA ASP A 223 -10.98 -39.86 -31.22
C ASP A 223 -9.66 -39.68 -30.47
N LEU A 224 -9.68 -38.82 -29.46
CA LEU A 224 -8.50 -38.43 -28.72
C LEU A 224 -8.71 -38.69 -27.24
N ASP A 225 -7.74 -39.35 -26.61
CA ASP A 225 -7.68 -39.39 -25.16
C ASP A 225 -7.05 -38.09 -24.67
N LEU A 226 -7.68 -37.46 -23.68
CA LEU A 226 -7.18 -36.23 -23.10
C LEU A 226 -7.03 -36.41 -21.59
N TYR A 227 -6.00 -35.79 -21.04
CA TYR A 227 -5.77 -35.79 -19.60
C TYR A 227 -6.18 -34.44 -19.03
N LEU A 228 -6.92 -34.48 -17.92
CA LEU A 228 -7.25 -33.25 -17.23
C LEU A 228 -6.00 -32.67 -16.58
N ARG A 229 -5.91 -31.34 -16.56
CA ARG A 229 -4.71 -30.70 -16.07
C ARG A 229 -4.54 -30.95 -14.57
N ILE A 230 -3.31 -31.28 -14.18
CA ILE A 230 -2.94 -31.37 -12.78
C ILE A 230 -2.33 -30.07 -12.27
N ALA A 231 -2.04 -29.14 -13.16
CA ALA A 231 -1.49 -27.83 -12.83
C ALA A 231 -1.61 -26.97 -14.09
N THR A 232 -1.42 -25.67 -13.93
CA THR A 232 -1.44 -24.73 -15.04
C THR A 232 -0.05 -24.26 -15.42
N GLU A 233 0.99 -24.90 -14.87
CA GLU A 233 2.34 -24.36 -14.93
C GLU A 233 2.85 -24.25 -16.36
N LEU A 234 2.72 -25.33 -17.15
CA LEU A 234 3.39 -25.37 -18.44
C LEU A 234 2.82 -24.38 -19.45
N PRO A 235 1.50 -24.35 -19.72
CA PRO A 235 1.00 -23.35 -20.67
C PRO A 235 1.21 -21.92 -20.22
N LEU A 236 1.18 -21.66 -18.91
CA LEU A 236 1.44 -20.31 -18.42
C LEU A 236 2.87 -19.87 -18.74
N LYS A 237 3.83 -20.79 -18.72
CA LYS A 237 5.20 -20.45 -19.12
C LYS A 237 5.28 -20.20 -20.62
N MET A 238 4.58 -21.00 -21.42
CA MET A 238 4.50 -20.73 -22.85
C MET A 238 3.94 -19.35 -23.13
N LEU A 239 3.06 -18.84 -22.26
CA LEU A 239 2.57 -17.48 -22.42
C LEU A 239 3.65 -16.45 -22.09
N ILE A 240 4.51 -16.75 -21.12
CA ILE A 240 5.64 -15.86 -20.83
C ILE A 240 6.55 -15.77 -22.05
N VAL A 241 6.81 -16.91 -22.70
CA VAL A 241 7.54 -16.91 -23.96
C VAL A 241 6.83 -16.04 -24.99
N GLY A 242 5.50 -16.04 -24.97
CA GLY A 242 4.71 -15.20 -25.85
C GLY A 242 4.73 -13.74 -25.51
N GLY A 243 5.38 -13.34 -24.42
CA GLY A 243 5.51 -11.93 -24.08
C GLY A 243 4.48 -11.38 -23.13
N ILE A 244 3.63 -12.23 -22.54
CA ILE A 244 2.76 -11.79 -21.45
C ILE A 244 3.58 -11.96 -20.18
N ASP A 245 4.35 -10.91 -19.85
CA ASP A 245 5.40 -11.02 -18.85
C ASP A 245 4.85 -11.13 -17.43
N LYS A 246 3.60 -10.72 -17.22
CA LYS A 246 2.93 -10.88 -15.93
C LYS A 246 1.58 -11.55 -16.21
N VAL A 247 1.47 -12.83 -15.88
CA VAL A 247 0.37 -13.67 -16.33
C VAL A 247 -0.04 -14.60 -15.18
N TYR A 248 -1.34 -14.84 -15.06
CA TYR A 248 -1.83 -15.70 -13.98
C TYR A 248 -3.16 -16.32 -14.39
N GLU A 249 -3.57 -17.32 -13.61
CA GLU A 249 -4.81 -18.05 -13.84
C GLU A 249 -5.32 -18.55 -12.49
N ILE A 250 -6.63 -18.41 -12.29
CA ILE A 250 -7.30 -18.91 -11.09
C ILE A 250 -8.39 -19.85 -11.57
N GLY A 251 -8.26 -21.13 -11.24
CA GLY A 251 -9.23 -22.10 -11.73
C GLY A 251 -8.97 -23.47 -11.15
N LYS A 252 -9.79 -24.42 -11.59
CA LYS A 252 -9.72 -25.78 -11.10
C LYS A 252 -8.57 -26.55 -11.71
N VAL A 253 -7.94 -27.40 -10.91
CA VAL A 253 -7.03 -28.43 -11.38
C VAL A 253 -7.49 -29.74 -10.76
N PHE A 254 -7.05 -30.86 -11.35
CA PHE A 254 -7.55 -32.17 -11.00
C PHE A 254 -6.40 -33.13 -10.82
N ARG A 255 -6.42 -33.87 -9.70
CA ARG A 255 -5.40 -34.87 -9.42
C ARG A 255 -6.10 -36.14 -8.94
N ASN A 256 -5.72 -37.27 -9.55
CA ASN A 256 -6.41 -38.56 -9.34
C ASN A 256 -5.68 -39.30 -8.23
N GLU A 257 -6.01 -38.93 -6.99
CA GLU A 257 -5.21 -39.29 -5.83
C GLU A 257 -6.14 -39.67 -4.69
N GLY A 258 -5.57 -39.75 -3.49
CA GLY A 258 -6.36 -40.02 -2.31
C GLY A 258 -7.14 -38.81 -1.86
N ILE A 259 -8.29 -39.06 -1.25
CA ILE A 259 -9.16 -38.03 -0.70
C ILE A 259 -9.03 -38.05 0.81
N ASP A 260 -8.88 -36.86 1.41
CA ASP A 260 -8.81 -36.72 2.86
C ASP A 260 -9.13 -35.28 3.21
N ASN A 261 -8.88 -34.91 4.47
CA ASN A 261 -9.28 -33.60 4.98
C ASN A 261 -8.54 -32.45 4.32
N THR A 262 -7.46 -32.70 3.57
CA THR A 262 -6.77 -31.66 2.83
C THR A 262 -6.68 -31.96 1.34
N HIS A 263 -7.40 -32.97 0.84
CA HIS A 263 -7.32 -33.37 -0.56
C HIS A 263 -8.73 -33.58 -1.10
N ASN A 264 -9.15 -32.69 -2.01
CA ASN A 264 -10.30 -32.91 -2.87
C ASN A 264 -9.80 -33.18 -4.29
N PRO A 265 -10.38 -34.16 -4.99
CA PRO A 265 -9.84 -34.50 -6.33
C PRO A 265 -9.81 -33.33 -7.29
N GLU A 266 -10.78 -32.42 -7.20
CA GLU A 266 -10.73 -31.15 -7.90
C GLU A 266 -10.62 -30.03 -6.86
N PHE A 267 -9.66 -29.14 -7.06
CA PHE A 267 -9.45 -28.02 -6.15
C PHE A 267 -9.00 -26.81 -6.96
N THR A 268 -9.01 -25.65 -6.30
CA THR A 268 -8.78 -24.37 -6.95
C THR A 268 -7.37 -23.89 -6.65
N SER A 269 -6.57 -23.71 -7.71
CA SER A 269 -5.24 -23.15 -7.60
C SER A 269 -5.18 -21.78 -8.26
N CYS A 270 -4.23 -20.98 -7.82
CA CYS A 270 -3.79 -19.80 -8.55
C CYS A 270 -2.29 -19.93 -8.81
N GLU A 271 -1.91 -19.84 -10.08
CA GLU A 271 -0.51 -19.77 -10.46
C GLU A 271 -0.29 -18.46 -11.22
N PHE A 272 0.77 -17.75 -10.84
CA PHE A 272 1.17 -16.55 -11.57
C PHE A 272 2.63 -16.67 -11.94
N TYR A 273 2.98 -16.10 -13.08
CA TYR A 273 4.34 -16.12 -13.56
C TYR A 273 4.79 -14.71 -13.90
N TRP A 274 5.99 -14.37 -13.45
CA TRP A 274 6.45 -13.00 -13.30
C TRP A 274 7.84 -12.90 -13.91
N ALA A 275 7.91 -12.46 -15.16
CA ALA A 275 9.18 -12.39 -15.87
C ALA A 275 10.12 -11.43 -15.17
N TYR A 276 11.39 -11.82 -15.11
CA TYR A 276 12.50 -11.05 -14.53
C TYR A 276 12.44 -10.99 -13.02
N ALA A 277 11.54 -11.75 -12.39
CA ALA A 277 11.58 -11.96 -10.96
C ALA A 277 12.33 -13.25 -10.64
N ASP A 278 12.76 -13.38 -9.39
CA ASP A 278 13.41 -14.60 -8.95
C ASP A 278 12.89 -15.09 -7.61
N TYR A 279 13.57 -16.09 -7.04
CA TYR A 279 13.13 -16.69 -5.79
C TYR A 279 12.97 -15.66 -4.69
N ASN A 280 13.87 -14.67 -4.63
CA ASN A 280 13.78 -13.64 -3.61
C ASN A 280 12.53 -12.79 -3.78
N ASP A 281 12.18 -12.46 -5.03
CA ASP A 281 10.96 -11.71 -5.29
C ASP A 281 9.73 -12.49 -4.87
N LEU A 282 9.77 -13.83 -5.01
CA LEU A 282 8.63 -14.65 -4.66
C LEU A 282 8.48 -14.78 -3.15
N ILE A 283 9.58 -14.85 -2.42
CA ILE A 283 9.53 -14.82 -0.96
C ILE A 283 8.84 -13.55 -0.49
N LYS A 284 9.32 -12.40 -0.95
CA LYS A 284 8.74 -11.12 -0.55
C LYS A 284 7.28 -11.02 -0.98
N TRP A 285 6.95 -11.51 -2.17
CA TRP A 285 5.55 -11.53 -2.61
C TRP A 285 4.69 -12.33 -1.65
N SER A 286 5.17 -13.51 -1.24
CA SER A 286 4.39 -14.35 -0.35
C SER A 286 4.15 -13.67 0.99
N GLU A 287 5.18 -13.04 1.55
CA GLU A 287 5.02 -12.36 2.83
C GLU A 287 4.11 -11.14 2.70
N ASP A 288 4.25 -10.39 1.61
CA ASP A 288 3.35 -9.25 1.37
C ASP A 288 1.90 -9.71 1.25
N PHE A 289 1.66 -10.73 0.44
CA PHE A 289 0.29 -11.11 0.11
C PHE A 289 -0.44 -11.65 1.34
N PHE A 290 0.16 -12.61 2.03
CA PHE A 290 -0.54 -13.25 3.14
C PHE A 290 -0.75 -12.29 4.30
N SER A 291 0.24 -11.41 4.56
CA SER A 291 0.06 -10.43 5.62
C SER A 291 -1.06 -9.45 5.29
N GLN A 292 -1.12 -8.99 4.05
CA GLN A 292 -2.16 -8.05 3.67
C GLN A 292 -3.52 -8.71 3.52
N LEU A 293 -3.56 -9.99 3.12
CA LEU A 293 -4.84 -10.69 3.02
C LEU A 293 -5.46 -10.89 4.39
N VAL A 294 -4.66 -11.36 5.36
CA VAL A 294 -5.19 -11.61 6.70
C VAL A 294 -5.70 -10.32 7.34
N TYR A 295 -4.96 -9.22 7.16
CA TYR A 295 -5.39 -7.95 7.75
C TYR A 295 -6.57 -7.38 6.98
N HIS A 296 -6.67 -7.65 5.68
CA HIS A 296 -7.85 -7.24 4.93
C HIS A 296 -9.11 -7.88 5.52
N LEU A 297 -9.00 -9.12 5.99
CA LEU A 297 -10.15 -9.88 6.46
C LEU A 297 -10.46 -9.69 7.94
N PHE A 298 -9.43 -9.62 8.80
CA PHE A 298 -9.64 -9.62 10.24
C PHE A 298 -9.21 -8.33 10.92
N GLY A 299 -8.64 -7.38 10.21
CA GLY A 299 -8.13 -6.20 10.87
C GLY A 299 -6.95 -6.45 11.78
N THR A 300 -6.25 -7.57 11.58
CA THR A 300 -5.15 -7.97 12.44
C THR A 300 -4.35 -9.05 11.73
N TYR A 301 -3.12 -9.24 12.19
CA TYR A 301 -2.25 -10.27 11.62
C TYR A 301 -2.36 -11.61 12.35
N LYS A 302 -2.87 -11.60 13.58
CA LYS A 302 -3.03 -12.82 14.36
C LYS A 302 -4.46 -13.34 14.24
N ILE A 303 -4.59 -14.65 14.08
CA ILE A 303 -5.89 -15.33 14.04
C ILE A 303 -5.76 -16.62 14.83
N SER A 304 -6.89 -17.10 15.32
CA SER A 304 -6.95 -18.38 16.00
C SER A 304 -7.45 -19.45 15.04
N TYR A 305 -6.95 -20.68 15.23
CA TYR A 305 -7.30 -21.80 14.38
C TYR A 305 -7.36 -23.06 15.22
N ASN A 306 -8.50 -23.74 15.19
CA ASN A 306 -8.70 -24.99 15.94
C ASN A 306 -8.00 -26.12 15.19
N LYS A 307 -6.67 -26.14 15.32
CA LYS A 307 -5.87 -27.17 14.66
C LYS A 307 -6.30 -28.57 15.11
N ASP A 308 -6.58 -28.73 16.40
CA ASP A 308 -6.96 -30.02 16.97
C ASP A 308 -8.47 -30.18 17.14
N GLY A 309 -9.25 -29.54 16.27
CA GLY A 309 -10.69 -29.72 16.27
C GLY A 309 -11.41 -28.75 17.19
N PRO A 310 -12.73 -28.68 17.05
CA PRO A 310 -13.51 -27.75 17.89
C PRO A 310 -13.52 -28.13 19.37
N GLU A 311 -13.22 -29.39 19.71
CA GLU A 311 -13.20 -29.78 21.12
C GLU A 311 -11.96 -29.24 21.81
N ASN A 312 -10.80 -29.40 21.20
CA ASN A 312 -9.57 -28.90 21.79
C ASN A 312 -9.47 -27.38 21.62
N GLN A 313 -8.59 -26.78 22.40
CA GLN A 313 -8.46 -25.34 22.37
C GLN A 313 -7.69 -24.89 21.12
N PRO A 314 -7.98 -23.69 20.62
CA PRO A 314 -7.33 -23.23 19.40
C PRO A 314 -5.89 -22.79 19.65
N ILE A 315 -5.13 -22.76 18.56
CA ILE A 315 -3.81 -22.13 18.54
C ILE A 315 -3.93 -20.81 17.79
N GLU A 316 -2.92 -19.97 17.96
CA GLU A 316 -2.86 -18.67 17.31
C GLU A 316 -1.81 -18.71 16.20
N ILE A 317 -2.17 -18.21 15.03
CA ILE A 317 -1.26 -18.13 13.89
C ILE A 317 -0.98 -16.65 13.62
N ASP A 318 0.29 -16.28 13.74
CA ASP A 318 0.74 -14.91 13.52
C ASP A 318 1.26 -14.79 12.09
N PHE A 319 0.58 -13.95 11.29
CA PHE A 319 0.97 -13.72 9.90
C PHE A 319 1.81 -12.46 9.74
N THR A 320 2.39 -11.95 10.82
CA THR A 320 3.26 -10.79 10.72
C THR A 320 4.56 -11.18 10.04
N PRO A 321 4.96 -10.48 8.99
CA PRO A 321 6.22 -10.81 8.30
C PRO A 321 7.41 -10.31 9.09
N PRO A 322 8.61 -10.85 8.84
CA PRO A 322 8.87 -11.94 7.89
C PRO A 322 8.56 -13.32 8.48
N TYR A 323 8.62 -14.35 7.65
CA TYR A 323 8.45 -15.72 8.14
C TYR A 323 9.78 -16.46 8.06
N PRO A 324 10.00 -17.45 8.93
CA PRO A 324 11.28 -18.16 8.91
C PRO A 324 11.47 -18.99 7.65
N LYS A 325 12.72 -19.14 7.24
CA LYS A 325 13.11 -19.92 6.07
C LYS A 325 13.98 -21.08 6.53
N VAL A 326 13.58 -22.30 6.17
CA VAL A 326 14.27 -23.51 6.61
C VAL A 326 14.69 -24.29 5.38
N SER A 327 16.00 -24.50 5.24
CA SER A 327 16.51 -25.31 4.13
C SER A 327 16.25 -26.78 4.40
N ILE A 328 15.70 -27.47 3.40
CA ILE A 328 15.16 -28.81 3.62
C ILE A 328 16.28 -29.80 3.94
N VAL A 329 17.36 -29.79 3.16
CA VAL A 329 18.44 -30.76 3.36
C VAL A 329 19.16 -30.48 4.67
N GLU A 330 19.49 -29.20 4.91
CA GLU A 330 20.25 -28.85 6.11
C GLU A 330 19.47 -29.17 7.38
N GLU A 331 18.15 -28.98 7.35
CA GLU A 331 17.35 -29.23 8.55
C GLU A 331 17.18 -30.73 8.80
N ILE A 332 16.83 -31.49 7.74
CA ILE A 332 16.79 -32.94 7.87
C ILE A 332 18.11 -33.46 8.41
N GLU A 333 19.22 -32.96 7.87
CA GLU A 333 20.54 -33.35 8.38
C GLU A 333 20.68 -33.00 9.86
N LYS A 334 20.26 -31.79 10.24
CA LYS A 334 20.43 -31.34 11.62
C LYS A 334 19.61 -32.19 12.60
N VAL A 335 18.32 -32.38 12.29
CA VAL A 335 17.44 -33.06 13.24
C VAL A 335 17.68 -34.56 13.21
N THR A 336 18.19 -35.11 12.12
CA THR A 336 18.45 -36.54 12.07
C THR A 336 19.88 -36.88 12.50
N ASN A 337 20.76 -35.90 12.61
CA ASN A 337 22.19 -36.14 12.84
C ASN A 337 22.74 -37.05 11.74
N THR A 338 22.40 -36.72 10.49
CA THR A 338 22.92 -37.42 9.33
C THR A 338 23.50 -36.40 8.37
N ILE A 339 24.32 -36.89 7.45
CA ILE A 339 24.82 -36.10 6.33
C ILE A 339 24.37 -36.80 5.06
N LEU A 340 23.63 -36.09 4.21
CA LEU A 340 23.11 -36.65 2.97
C LEU A 340 24.01 -36.22 1.83
N GLU A 341 24.93 -37.10 1.45
CA GLU A 341 25.89 -36.79 0.41
C GLU A 341 25.21 -36.75 -0.95
N GLN A 342 25.76 -35.94 -1.84
CA GLN A 342 25.25 -35.92 -3.19
C GLN A 342 26.01 -36.92 -4.07
N PRO A 343 25.36 -37.49 -5.09
CA PRO A 343 23.97 -37.22 -5.50
C PRO A 343 22.94 -37.84 -4.56
N PHE A 344 21.81 -37.17 -4.40
CA PHE A 344 20.77 -37.65 -3.49
C PHE A 344 20.11 -38.91 -3.99
N ASP A 345 20.21 -39.21 -5.28
CA ASP A 345 19.66 -40.45 -5.83
C ASP A 345 20.73 -41.50 -6.05
N SER A 346 21.91 -41.33 -5.50
CA SER A 346 22.86 -42.42 -5.41
C SER A 346 22.30 -43.49 -4.49
N ASN A 347 22.68 -44.74 -4.75
CA ASN A 347 22.25 -45.85 -3.89
C ASN A 347 22.78 -45.71 -2.47
N GLU A 348 23.86 -44.96 -2.27
CA GLU A 348 24.37 -44.71 -0.93
C GLU A 348 23.39 -43.84 -0.13
N THR A 349 23.03 -42.67 -0.66
CA THR A 349 22.14 -41.77 0.04
C THR A 349 20.72 -42.31 0.13
N ILE A 350 20.30 -43.16 -0.80
CA ILE A 350 18.95 -43.72 -0.76
C ILE A 350 18.80 -44.67 0.41
N GLU A 351 19.71 -45.65 0.52
CA GLU A 351 19.69 -46.57 1.65
C GLU A 351 19.88 -45.84 2.97
N LYS A 352 20.71 -44.80 2.97
CA LYS A 352 20.84 -43.98 4.18
C LYS A 352 19.50 -43.34 4.54
N MET A 353 18.76 -42.84 3.56
CA MET A 353 17.45 -42.30 3.84
C MET A 353 16.44 -43.40 4.16
N ILE A 354 16.61 -44.58 3.54
CA ILE A 354 15.70 -45.70 3.81
C ILE A 354 15.81 -46.13 5.27
N ASN A 355 17.05 -46.24 5.77
CA ASN A 355 17.25 -46.79 7.12
C ASN A 355 16.84 -45.79 8.20
N ILE A 356 17.18 -44.50 8.04
CA ILE A 356 16.70 -43.50 8.98
C ILE A 356 15.19 -43.35 8.89
N ILE A 357 14.60 -43.73 7.74
CA ILE A 357 13.15 -43.89 7.70
C ILE A 357 12.73 -45.07 8.56
N LYS A 358 13.42 -46.20 8.41
CA LYS A 358 13.07 -47.39 9.16
C LYS A 358 13.28 -47.22 10.66
N GLU A 359 14.31 -46.47 11.05
CA GLU A 359 14.62 -46.32 12.47
C GLU A 359 13.55 -45.53 13.20
N HIS A 360 13.06 -44.44 12.59
CA HIS A 360 12.08 -43.57 13.21
C HIS A 360 10.65 -44.07 13.07
N LYS A 361 10.45 -45.28 12.54
CA LYS A 361 9.13 -45.88 12.37
C LYS A 361 8.23 -45.00 11.51
N ILE A 362 8.69 -44.75 10.28
CA ILE A 362 7.90 -44.06 9.28
C ILE A 362 7.58 -45.07 8.18
N GLU A 363 6.75 -44.68 7.22
CA GLU A 363 6.30 -45.59 6.17
C GLU A 363 7.17 -45.37 4.94
N LEU A 364 7.76 -46.44 4.42
CA LEU A 364 8.54 -46.35 3.23
C LEU A 364 7.57 -46.20 2.05
N PRO A 365 7.76 -45.13 1.28
CA PRO A 365 6.91 -44.87 0.12
C PRO A 365 6.90 -46.04 -0.85
N PRO A 367 7.09 -47.16 -3.88
CA PRO A 367 8.17 -46.69 -4.74
C PRO A 367 9.03 -45.85 -3.87
N PRO A 368 10.21 -46.29 -3.54
CA PRO A 368 11.06 -45.53 -2.67
C PRO A 368 12.09 -44.85 -3.51
N THR A 369 11.71 -43.72 -4.02
CA THR A 369 12.64 -42.95 -4.81
C THR A 369 13.28 -41.92 -3.96
N ALA A 370 14.36 -41.40 -4.47
CA ALA A 370 15.05 -40.38 -3.68
C ALA A 370 14.14 -39.18 -3.42
N ALA A 371 13.38 -38.77 -4.44
CA ALA A 371 12.42 -37.67 -4.27
C ALA A 371 11.37 -38.04 -3.23
N LYS A 372 10.80 -39.24 -3.34
CA LYS A 372 9.78 -39.67 -2.39
C LYS A 372 10.33 -39.76 -0.98
N LEU A 373 11.54 -40.27 -0.82
CA LEU A 373 12.15 -40.37 0.50
C LEU A 373 12.36 -38.99 1.12
N LEU A 374 12.89 -38.05 0.34
CA LEU A 374 13.10 -36.69 0.83
C LEU A 374 11.79 -36.06 1.26
N ASP A 375 10.72 -36.28 0.49
CA ASP A 375 9.41 -35.76 0.87
C ASP A 375 8.98 -36.30 2.23
N GLN A 376 9.03 -37.62 2.40
CA GLN A 376 8.63 -38.23 3.67
C GLN A 376 9.47 -37.73 4.83
N LEU A 377 10.77 -37.48 4.58
CA LEU A 377 11.64 -36.97 5.64
C LEU A 377 11.25 -35.55 6.04
N ALA A 378 11.11 -34.66 5.06
CA ALA A 378 10.66 -33.30 5.36
C ALA A 378 9.26 -33.31 5.95
N SER A 379 8.38 -34.20 5.45
CA SER A 379 7.03 -34.30 5.97
C SER A 379 7.05 -34.68 7.45
N HIS A 380 7.94 -35.58 7.85
CA HIS A 380 7.95 -36.10 9.20
C HIS A 380 8.86 -35.34 10.15
N PHE A 381 9.81 -34.54 9.63
CA PHE A 381 10.79 -33.89 10.48
C PHE A 381 10.83 -32.38 10.38
N ILE A 382 10.26 -31.77 9.33
CA ILE A 382 10.34 -30.33 9.13
C ILE A 382 8.96 -29.67 9.14
N GLU A 383 7.98 -30.28 8.46
CA GLU A 383 6.78 -29.54 8.08
C GLU A 383 5.96 -29.08 9.27
N ASN A 384 6.13 -29.70 10.45
CA ASN A 384 5.48 -29.23 11.66
C ASN A 384 6.43 -28.48 12.59
N LYS A 385 7.55 -28.00 12.06
CA LYS A 385 8.51 -27.23 12.85
C LYS A 385 7.85 -26.00 13.48
N TYR A 386 7.00 -25.32 12.71
CA TYR A 386 6.32 -24.12 13.17
C TYR A 386 4.81 -24.30 13.02
N ASN A 387 4.07 -23.94 14.06
CA ASN A 387 2.61 -23.89 14.01
C ASN A 387 2.03 -22.52 14.35
N ASP A 388 2.75 -21.70 15.09
CA ASP A 388 2.29 -20.37 15.47
C ASP A 388 2.43 -19.35 14.35
N LYS A 389 3.03 -19.72 13.23
CA LYS A 389 3.29 -18.79 12.14
C LYS A 389 3.50 -19.60 10.87
N PRO A 390 3.15 -19.04 9.70
CA PRO A 390 3.57 -19.67 8.45
C PRO A 390 5.08 -19.66 8.33
N PHE A 391 5.62 -20.61 7.57
CA PHE A 391 7.06 -20.66 7.37
C PHE A 391 7.37 -21.33 6.04
N PHE A 392 8.54 -21.00 5.51
CA PHE A 392 8.99 -21.49 4.21
C PHE A 392 9.98 -22.63 4.39
N ILE A 393 9.81 -23.68 3.60
CA ILE A 393 10.87 -24.66 3.36
C ILE A 393 11.49 -24.32 2.01
N VAL A 394 12.81 -24.23 1.95
CA VAL A 394 13.48 -23.64 0.80
C VAL A 394 14.59 -24.54 0.30
N GLU A 395 14.99 -24.29 -0.96
CA GLU A 395 16.19 -24.86 -1.56
C GLU A 395 16.09 -26.37 -1.73
N HIS A 396 14.92 -26.84 -2.20
CA HIS A 396 14.73 -28.25 -2.47
C HIS A 396 15.75 -28.76 -3.48
N PRO A 397 16.26 -29.98 -3.31
CA PRO A 397 17.18 -30.54 -4.30
C PRO A 397 16.57 -30.60 -5.69
N GLN A 398 17.45 -30.68 -6.69
CA GLN A 398 17.01 -30.71 -8.08
C GLN A 398 16.19 -31.95 -8.39
N ILE A 399 16.49 -33.08 -7.74
CA ILE A 399 15.74 -34.31 -8.00
C ILE A 399 14.34 -34.27 -7.43
N MET A 400 14.02 -33.28 -6.59
CA MET A 400 12.66 -33.01 -6.15
C MET A 400 11.96 -31.97 -7.00
N SER A 401 12.69 -31.27 -7.88
CA SER A 401 12.21 -30.05 -8.51
C SER A 401 12.64 -30.04 -9.97
N PRO A 402 12.01 -30.87 -10.81
CA PRO A 402 12.43 -30.95 -12.22
C PRO A 402 12.17 -29.68 -13.02
N LEU A 403 11.31 -28.78 -12.53
CA LEU A 403 11.01 -27.54 -13.24
C LEU A 403 11.63 -26.31 -12.59
N ALA A 404 12.38 -26.47 -11.50
CA ALA A 404 12.97 -25.36 -10.78
C ALA A 404 14.42 -25.17 -11.21
N LYS A 405 14.83 -23.91 -11.33
CA LYS A 405 16.18 -23.61 -11.78
C LYS A 405 17.20 -23.92 -10.68
N TYR A 406 18.38 -24.37 -11.12
CA TYR A 406 19.43 -24.75 -10.19
C TYR A 406 19.86 -23.57 -9.32
N HIS A 407 20.24 -23.89 -8.09
CA HIS A 407 20.66 -22.85 -7.14
C HIS A 407 21.96 -22.22 -7.60
N ARG A 408 21.99 -20.88 -7.61
CA ARG A 408 23.10 -20.17 -8.21
C ARG A 408 24.40 -20.31 -7.42
N THR A 409 24.33 -20.74 -6.15
CA THR A 409 25.54 -20.96 -5.36
C THR A 409 25.63 -22.33 -4.71
N LYS A 410 24.52 -23.02 -4.48
CA LYS A 410 24.54 -24.30 -3.77
C LYS A 410 24.31 -25.43 -4.75
N PRO A 411 25.33 -26.25 -5.05
CA PRO A 411 25.15 -27.30 -6.05
C PRO A 411 24.16 -28.36 -5.61
N GLY A 412 23.43 -28.90 -6.59
CA GLY A 412 22.43 -29.92 -6.35
C GLY A 412 21.10 -29.41 -5.84
N LEU A 413 21.00 -28.13 -5.49
CA LEU A 413 19.79 -27.55 -4.95
C LEU A 413 19.17 -26.59 -5.97
N THR A 414 17.91 -26.26 -5.75
CA THR A 414 17.20 -25.30 -6.59
C THR A 414 16.80 -24.08 -5.77
N GLU A 415 16.31 -23.06 -6.47
CA GLU A 415 15.85 -21.84 -5.83
C GLU A 415 14.34 -21.90 -5.64
N ARG A 416 13.93 -22.81 -4.76
CA ARG A 416 12.53 -23.17 -4.55
C ARG A 416 12.09 -22.80 -3.14
N LEU A 417 10.79 -22.55 -2.98
CA LEU A 417 10.20 -22.26 -1.68
C LEU A 417 8.83 -22.90 -1.59
N GLU A 418 8.48 -23.35 -0.38
CA GLU A 418 7.15 -23.86 -0.07
C GLU A 418 6.73 -23.26 1.27
N MET A 419 5.55 -22.66 1.32
CA MET A 419 5.02 -22.08 2.55
C MET A 419 4.01 -23.03 3.17
N PHE A 420 4.18 -23.33 4.45
CA PHE A 420 3.28 -24.19 5.18
C PHE A 420 2.55 -23.40 6.26
N ILE A 421 1.30 -23.78 6.50
CA ILE A 421 0.51 -23.25 7.60
C ILE A 421 0.03 -24.45 8.41
N CYS A 422 0.46 -24.53 9.67
CA CYS A 422 0.13 -25.65 10.55
C CYS A 422 0.48 -26.98 9.90
N GLY A 423 1.61 -27.02 9.20
CA GLY A 423 2.09 -28.24 8.60
C GLY A 423 1.45 -28.62 7.27
N LYS A 424 0.71 -27.71 6.64
CA LYS A 424 0.01 -28.00 5.40
C LYS A 424 0.49 -27.05 4.32
N GLU A 425 0.94 -27.60 3.20
CA GLU A 425 1.46 -26.81 2.11
C GLU A 425 0.36 -26.01 1.43
N VAL A 426 0.53 -24.69 1.34
CA VAL A 426 -0.42 -23.81 0.68
C VAL A 426 0.22 -23.01 -0.44
N LEU A 427 1.53 -23.12 -0.63
CA LEU A 427 2.24 -22.29 -1.59
C LEU A 427 3.45 -23.04 -2.11
N ASN A 428 3.71 -22.92 -3.40
CA ASN A 428 4.86 -23.53 -4.04
C ASN A 428 5.37 -22.61 -5.14
N ALA A 429 6.64 -22.23 -5.07
CA ALA A 429 7.21 -21.27 -5.99
C ALA A 429 8.69 -21.53 -6.15
N TYR A 430 9.25 -21.03 -7.24
CA TYR A 430 10.68 -21.16 -7.50
C TYR A 430 11.09 -20.33 -8.71
N THR A 431 12.38 -19.99 -8.74
CA THR A 431 12.97 -19.47 -9.96
C THR A 431 12.81 -20.49 -11.07
N GLU A 432 12.33 -20.03 -12.22
CA GLU A 432 11.89 -20.94 -13.27
C GLU A 432 13.08 -21.45 -14.07
N LEU A 433 13.11 -22.76 -14.31
CA LEU A 433 14.13 -23.36 -15.17
C LEU A 433 13.83 -23.00 -16.62
N ASN A 434 14.72 -22.23 -17.24
CA ASN A 434 14.50 -21.75 -18.60
C ASN A 434 15.58 -22.20 -19.58
N ASP A 435 16.50 -23.06 -19.17
CA ASP A 435 17.47 -23.63 -20.08
C ASP A 435 16.89 -24.92 -20.66
N PRO A 436 16.53 -24.96 -21.93
CA PRO A 436 15.88 -26.17 -22.47
C PRO A 436 16.75 -27.41 -22.39
N PHE A 437 18.07 -27.26 -22.52
CA PHE A 437 18.96 -28.42 -22.43
C PHE A 437 18.96 -29.00 -21.03
N LYS A 438 18.99 -28.14 -20.00
CA LYS A 438 18.85 -28.63 -18.63
C LYS A 438 17.45 -29.15 -18.35
N GLN A 439 16.45 -28.64 -19.08
CA GLN A 439 15.06 -29.06 -18.83
C GLN A 439 14.82 -30.48 -19.32
N LYS A 440 15.23 -30.79 -20.54
CA LYS A 440 15.02 -32.14 -21.08
C LYS A 440 15.77 -33.18 -20.27
N GLU A 441 16.96 -32.83 -19.76
CA GLU A 441 17.68 -33.75 -18.87
C GLU A 441 16.91 -34.02 -17.60
N CYS A 442 16.16 -33.03 -17.11
CA CYS A 442 15.26 -33.27 -15.98
C CYS A 442 14.07 -34.12 -16.40
N PHE A 443 13.60 -33.98 -17.64
CA PHE A 443 12.50 -34.79 -18.13
C PHE A 443 12.91 -36.24 -18.31
N LYS A 444 14.14 -36.49 -18.75
CA LYS A 444 14.61 -37.85 -18.99
C LYS A 444 14.81 -38.59 -17.67
N LEU A 445 15.31 -37.90 -16.64
CA LEU A 445 15.52 -38.54 -15.35
C LEU A 445 14.19 -38.95 -14.71
N GLN A 446 13.15 -38.15 -14.91
CA GLN A 446 11.83 -38.53 -14.42
C GLN A 446 11.27 -39.73 -15.18
N GLN A 447 11.65 -39.87 -16.46
CA GLN A 447 11.19 -41.01 -17.24
C GLN A 447 11.89 -42.30 -16.81
N LYS A 448 13.17 -42.21 -16.46
CA LYS A 448 13.84 -43.36 -15.87
C LYS A 448 13.35 -43.61 -14.45
N ASP A 449 12.96 -42.55 -13.74
CA ASP A 449 12.25 -42.72 -12.48
C ASP A 449 10.85 -43.29 -12.72
N ARG A 450 10.30 -43.08 -13.92
CA ARG A 450 9.00 -43.63 -14.27
C ARG A 450 9.09 -45.13 -14.55
N GLU A 451 10.15 -45.55 -15.23
CA GLU A 451 10.28 -46.96 -15.62
C GLU A 451 10.37 -47.89 -14.42
N LYS A 452 10.79 -47.39 -13.27
CA LYS A 452 11.00 -48.25 -12.10
C LYS A 452 9.70 -48.42 -11.31
N ALA A 458 5.84 -37.15 -14.06
CA ALA A 458 4.96 -36.64 -15.10
C ALA A 458 5.57 -36.87 -16.49
N GLN A 459 4.72 -36.85 -17.51
CA GLN A 459 5.18 -37.01 -18.88
C GLN A 459 5.85 -35.73 -19.38
N LEU A 460 6.80 -35.91 -20.29
CA LEU A 460 7.46 -34.78 -20.92
C LEU A 460 6.64 -34.29 -22.11
N ASP A 461 6.36 -32.99 -22.15
CA ASP A 461 5.59 -32.38 -23.23
C ASP A 461 6.56 -31.74 -24.20
N SER A 462 6.61 -32.27 -25.44
CA SER A 462 7.49 -31.69 -26.44
C SER A 462 7.10 -30.27 -26.80
N ALA A 463 5.81 -29.94 -26.71
CA ALA A 463 5.38 -28.57 -27.01
C ALA A 463 5.93 -27.58 -26.00
N PHE A 464 5.99 -27.96 -24.72
CA PHE A 464 6.59 -27.09 -23.71
C PHE A 464 8.09 -26.97 -23.92
N CYS A 465 8.77 -28.09 -24.17
CA CYS A 465 10.21 -28.06 -24.40
C CYS A 465 10.55 -27.22 -25.63
N THR A 466 9.77 -27.36 -26.70
CA THR A 466 9.97 -26.54 -27.89
C THR A 466 9.83 -25.06 -27.58
N SER A 467 8.84 -24.70 -26.75
CA SER A 467 8.63 -23.29 -26.42
C SER A 467 9.81 -22.73 -25.63
N LEU A 468 10.41 -23.54 -24.77
CA LEU A 468 11.63 -23.11 -24.09
C LEU A 468 12.75 -22.80 -25.08
N GLU A 469 12.74 -23.45 -26.24
CA GLU A 469 13.79 -23.25 -27.25
C GLU A 469 13.67 -21.93 -27.98
N TYR A 470 12.54 -21.23 -27.87
CA TYR A 470 12.41 -19.90 -28.44
C TYR A 470 12.77 -18.81 -27.44
N GLY A 471 13.18 -19.19 -26.24
CA GLY A 471 13.68 -18.24 -25.26
C GLY A 471 12.66 -17.91 -24.19
N LEU A 472 12.80 -18.54 -23.02
CA LEU A 472 12.04 -18.16 -21.85
C LEU A 472 12.87 -17.21 -21.02
N PRO A 473 12.44 -15.97 -20.81
CA PRO A 473 13.23 -15.04 -19.99
C PRO A 473 13.39 -15.59 -18.58
N PRO A 474 14.39 -15.13 -17.83
CA PRO A 474 14.46 -15.48 -16.41
C PRO A 474 13.17 -15.07 -15.72
N THR A 475 12.53 -16.03 -15.06
CA THR A 475 11.18 -15.86 -14.56
C THR A 475 11.04 -16.50 -13.20
N GLY A 476 10.16 -15.94 -12.38
CA GLY A 476 9.73 -16.56 -11.14
C GLY A 476 8.24 -16.84 -11.13
N GLY A 477 7.86 -18.09 -10.84
CA GLY A 477 6.46 -18.46 -10.79
C GLY A 477 6.03 -18.95 -9.43
N LEU A 478 4.74 -18.90 -9.14
CA LEU A 478 4.24 -19.24 -7.81
C LEU A 478 2.84 -19.85 -7.93
N GLY A 479 2.57 -20.84 -7.10
CA GLY A 479 1.27 -21.48 -7.04
C GLY A 479 0.68 -21.43 -5.64
N LEU A 480 -0.63 -21.21 -5.56
CA LEU A 480 -1.36 -21.15 -4.31
C LEU A 480 -2.46 -22.19 -4.26
N GLY A 481 -2.64 -22.83 -3.11
CA GLY A 481 -3.78 -23.69 -2.88
C GLY A 481 -4.92 -22.94 -2.22
N ILE A 482 -5.91 -22.53 -3.01
CA ILE A 482 -6.92 -21.60 -2.53
C ILE A 482 -7.77 -22.22 -1.43
N ASP A 483 -8.19 -23.49 -1.62
CA ASP A 483 -9.05 -24.12 -0.65
C ASP A 483 -8.36 -24.29 0.70
N ARG A 484 -7.09 -24.71 0.69
CA ARG A 484 -6.36 -24.86 1.94
C ARG A 484 -6.19 -23.53 2.65
N ILE A 485 -5.94 -22.46 1.90
CA ILE A 485 -5.84 -21.13 2.51
C ILE A 485 -7.17 -20.74 3.13
N THR A 486 -8.28 -20.99 2.43
CA THR A 486 -9.59 -20.67 2.98
C THR A 486 -9.86 -21.46 4.25
N MET A 487 -9.39 -22.70 4.32
CA MET A 487 -9.54 -23.51 5.53
C MET A 487 -9.01 -22.78 6.77
N PHE A 488 -7.79 -22.27 6.68
CA PHE A 488 -7.17 -21.63 7.85
C PHE A 488 -7.80 -20.29 8.15
N LEU A 489 -8.28 -19.58 7.14
CA LEU A 489 -8.90 -18.27 7.34
C LEU A 489 -10.39 -18.36 7.61
N THR A 490 -10.95 -19.57 7.63
CA THR A 490 -12.34 -19.77 8.04
C THR A 490 -12.45 -20.73 9.22
N ASN A 491 -11.31 -21.13 9.80
CA ASN A 491 -11.26 -22.03 10.96
C ASN A 491 -11.97 -23.35 10.66
N LYS A 492 -11.44 -24.07 9.68
CA LYS A 492 -12.02 -25.34 9.25
C LYS A 492 -10.94 -26.41 9.15
N ASN A 493 -11.24 -27.59 9.69
CA ASN A 493 -10.30 -28.70 9.71
C ASN A 493 -10.37 -29.57 8.46
N SER A 494 -11.43 -29.46 7.68
CA SER A 494 -11.64 -30.32 6.51
C SER A 494 -11.83 -29.45 5.26
N ILE A 495 -11.17 -29.85 4.18
CA ILE A 495 -11.36 -29.18 2.89
C ILE A 495 -12.80 -29.30 2.44
N LYS A 496 -13.52 -30.33 2.90
CA LYS A 496 -14.95 -30.47 2.60
C LYS A 496 -15.76 -29.28 3.09
N ASP A 497 -15.27 -28.54 4.07
CA ASP A 497 -16.01 -27.44 4.69
C ASP A 497 -15.92 -26.13 3.91
N VAL A 498 -14.98 -26.01 2.98
CA VAL A 498 -14.81 -24.79 2.19
C VAL A 498 -15.10 -25.03 0.72
N ILE A 499 -15.62 -26.19 0.36
CA ILE A 499 -16.06 -26.50 -0.99
C ILE A 499 -17.56 -26.77 -0.92
N LEU A 500 -18.32 -26.05 -1.74
CA LEU A 500 -19.78 -26.13 -1.67
C LEU A 500 -20.27 -27.56 -1.85
N PHE A 501 -19.76 -28.26 -2.87
CA PHE A 501 -20.10 -29.66 -3.12
C PHE A 501 -18.80 -30.46 -3.23
N PRO A 502 -18.25 -30.90 -2.10
CA PRO A 502 -17.04 -31.71 -2.14
C PRO A 502 -17.32 -33.11 -2.68
N THR A 503 -16.26 -33.73 -3.18
CA THR A 503 -16.36 -35.07 -3.74
C THR A 503 -16.60 -36.07 -2.61
N MET A 504 -17.74 -36.76 -2.65
CA MET A 504 -18.14 -37.68 -1.60
C MET A 504 -18.24 -39.10 -2.14
N ARG A 505 -17.97 -40.06 -1.27
CA ARG A 505 -18.35 -41.44 -1.52
C ARG A 505 -19.84 -41.51 -1.86
N PRO A 506 -20.22 -42.08 -3.00
CA PRO A 506 -21.63 -42.04 -3.41
C PRO A 506 -22.50 -42.86 -2.47
N ALA A 507 -23.72 -42.37 -2.27
CA ALA A 507 -24.68 -43.02 -1.39
C ALA A 507 -25.42 -44.13 -2.14
N ASP B 4 18.29 -22.84 -43.96
CA ASP B 4 17.97 -24.10 -43.30
C ASP B 4 17.80 -23.89 -41.79
N PRO B 5 16.53 -23.81 -41.35
CA PRO B 5 16.28 -23.61 -39.91
C PRO B 5 16.86 -24.71 -39.04
N ARG B 6 16.85 -25.96 -39.51
CA ARG B 6 17.43 -27.05 -38.74
C ARG B 6 18.93 -26.82 -38.52
N LEU B 7 19.63 -26.33 -39.55
CA LEU B 7 21.02 -25.96 -39.38
C LEU B 7 21.17 -24.80 -38.40
N TYR B 8 20.27 -23.82 -38.47
CA TYR B 8 20.36 -22.65 -37.61
C TYR B 8 20.17 -23.01 -36.14
N PHE B 9 19.18 -23.86 -35.85
CA PHE B 9 18.99 -24.34 -34.49
C PHE B 9 20.21 -25.12 -34.01
N GLU B 10 20.81 -25.91 -34.89
CA GLU B 10 21.98 -26.68 -34.52
C GLU B 10 23.17 -25.78 -34.17
N ASN B 11 23.29 -24.64 -34.85
CA ASN B 11 24.40 -23.74 -34.57
C ASN B 11 24.18 -22.98 -33.27
N ARG B 12 22.94 -22.58 -33.01
CA ARG B 12 22.64 -21.86 -31.77
C ARG B 12 22.78 -22.79 -30.56
N SER B 13 22.39 -24.05 -30.71
CA SER B 13 22.57 -25.02 -29.62
C SER B 13 24.04 -25.24 -29.31
N LYS B 14 24.86 -25.41 -30.36
CA LYS B 14 26.29 -25.55 -30.16
C LYS B 14 26.90 -24.30 -29.55
N PHE B 15 26.38 -23.13 -29.95
CA PHE B 15 26.83 -21.87 -29.33
C PHE B 15 26.56 -21.87 -27.83
N ILE B 16 25.39 -22.36 -27.42
CA ILE B 16 25.06 -22.41 -25.99
C ILE B 16 26.05 -23.28 -25.25
N GLN B 17 26.33 -24.48 -25.78
CA GLN B 17 27.27 -25.38 -25.11
C GLN B 17 28.68 -24.80 -25.06
N ASP B 18 29.12 -24.17 -26.15
CA ASP B 18 30.45 -23.58 -26.18
C ASP B 18 30.52 -22.35 -25.29
N GLN B 19 29.42 -21.60 -25.18
CA GLN B 19 29.35 -20.53 -24.20
C GLN B 19 29.51 -21.08 -22.78
N LYS B 20 28.89 -22.24 -22.50
CA LYS B 20 29.04 -22.88 -21.21
C LYS B 20 30.47 -23.37 -20.98
N ASP B 21 31.07 -23.96 -22.01
CA ASP B 21 32.43 -24.49 -21.87
C ASP B 21 33.44 -23.39 -21.58
N LYS B 22 33.20 -22.18 -22.08
CA LYS B 22 34.18 -21.11 -21.95
C LYS B 22 34.19 -20.55 -20.53
N GLY B 23 33.02 -20.38 -19.91
CA GLY B 23 32.95 -19.82 -18.58
C GLY B 23 31.80 -18.85 -18.37
N ILE B 24 31.01 -18.62 -19.42
CA ILE B 24 29.88 -17.70 -19.37
C ILE B 24 28.59 -18.48 -19.17
N ASN B 25 27.74 -18.00 -18.26
CA ASN B 25 26.41 -18.55 -18.08
C ASN B 25 25.47 -17.92 -19.10
N PRO B 26 24.95 -18.70 -20.06
CA PRO B 26 24.04 -18.12 -21.07
C PRO B 26 22.62 -17.89 -20.57
N TYR B 27 22.29 -18.35 -19.36
CA TYR B 27 20.96 -18.15 -18.76
C TYR B 27 21.14 -17.64 -17.34
N PRO B 28 21.51 -16.36 -17.18
CA PRO B 28 21.72 -15.82 -15.84
C PRO B 28 20.45 -15.90 -15.00
N HIS B 29 20.65 -15.91 -13.67
CA HIS B 29 19.53 -16.13 -12.75
C HIS B 29 18.68 -14.88 -12.60
N LYS B 30 19.30 -13.73 -12.38
CA LYS B 30 18.55 -12.52 -12.05
C LYS B 30 19.22 -11.30 -12.68
N PHE B 31 18.42 -10.43 -13.27
CA PHE B 31 18.80 -9.13 -13.79
C PHE B 31 17.71 -8.17 -13.27
N GLU B 32 18.00 -7.17 -12.45
CA GLU B 32 16.96 -6.27 -11.96
C GLU B 32 16.65 -5.21 -13.01
N ARG B 33 15.43 -5.22 -13.51
CA ARG B 33 15.00 -4.19 -14.44
C ARG B 33 14.70 -2.89 -13.68
N THR B 34 15.19 -1.78 -14.22
CA THR B 34 14.86 -0.48 -13.63
C THR B 34 13.51 0.01 -14.12
N ILE B 35 13.20 -0.24 -15.39
CA ILE B 35 12.04 0.34 -16.04
C ILE B 35 11.55 -0.63 -17.11
N SER B 36 10.22 -0.72 -17.25
CA SER B 36 9.70 -1.53 -18.33
C SER B 36 9.72 -0.72 -19.62
N ILE B 37 9.57 -1.41 -20.76
CA ILE B 37 9.56 -0.73 -22.05
C ILE B 37 8.36 0.19 -22.17
N PRO B 38 7.14 -0.18 -21.76
CA PRO B 38 6.06 0.82 -21.72
C PRO B 38 6.38 2.02 -20.86
N GLU B 39 6.94 1.82 -19.67
CA GLU B 39 7.30 2.98 -18.84
C GLU B 39 8.39 3.80 -19.53
N PHE B 40 9.31 3.14 -20.24
CA PHE B 40 10.38 3.85 -20.93
C PHE B 40 9.81 4.78 -22.00
N ILE B 41 8.88 4.28 -22.80
CA ILE B 41 8.26 5.12 -23.83
C ILE B 41 7.46 6.24 -23.19
N GLU B 42 6.73 5.93 -22.11
CA GLU B 42 5.87 6.92 -21.49
C GLU B 42 6.65 8.01 -20.76
N LYS B 43 7.89 7.70 -20.33
CA LYS B 43 8.67 8.67 -19.58
C LYS B 43 9.56 9.53 -20.48
N TYR B 44 10.08 8.97 -21.57
CA TYR B 44 11.01 9.69 -22.44
C TYR B 44 10.44 9.94 -23.82
N LYS B 45 9.10 9.91 -23.97
CA LYS B 45 8.50 10.37 -25.22
C LYS B 45 8.71 11.86 -25.41
N ASP B 46 8.87 12.60 -24.31
CA ASP B 46 9.06 14.04 -24.33
C ASP B 46 10.53 14.42 -24.44
N LEU B 47 11.22 13.90 -25.46
CA LEU B 47 12.64 14.15 -25.64
C LEU B 47 12.88 14.85 -26.98
N GLY B 48 13.79 15.81 -26.97
CA GLY B 48 14.16 16.48 -28.20
C GLY B 48 14.94 15.57 -29.13
N ASN B 49 14.76 15.79 -30.42
CA ASN B 49 15.44 14.98 -31.43
C ASN B 49 16.95 15.12 -31.31
N GLY B 50 17.63 14.00 -31.08
CA GLY B 50 19.07 14.00 -30.95
C GLY B 50 19.61 14.20 -29.54
N GLU B 51 18.74 14.34 -28.54
CA GLU B 51 19.19 14.53 -27.17
C GLU B 51 19.50 13.19 -26.51
N HIS B 52 20.57 13.17 -25.71
CA HIS B 52 20.91 12.02 -24.88
C HIS B 52 20.89 12.44 -23.41
N LEU B 53 20.28 11.60 -22.58
CA LEU B 53 20.36 11.77 -21.12
C LEU B 53 21.41 10.78 -20.62
N GLU B 54 22.68 11.14 -20.85
CA GLU B 54 23.79 10.23 -20.56
C GLU B 54 24.08 10.12 -19.07
N ASP B 55 23.60 11.07 -18.26
CA ASP B 55 23.73 10.96 -16.82
C ASP B 55 22.78 9.93 -16.22
N THR B 56 21.72 9.57 -16.95
CA THR B 56 20.69 8.66 -16.46
C THR B 56 20.99 7.25 -16.98
N ILE B 57 21.37 6.35 -16.07
CA ILE B 57 21.73 4.99 -16.42
C ILE B 57 20.60 4.07 -15.98
N LEU B 58 19.98 3.39 -16.95
CA LEU B 58 18.84 2.52 -16.71
C LEU B 58 19.18 1.07 -17.03
N ASN B 59 18.59 0.16 -16.28
CA ASN B 59 18.58 -1.26 -16.62
C ASN B 59 17.25 -1.59 -17.27
N ILE B 60 17.29 -2.18 -18.47
CA ILE B 60 16.09 -2.49 -19.23
C ILE B 60 16.21 -3.87 -19.85
N THR B 61 15.09 -4.54 -19.99
CA THR B 61 15.02 -5.86 -20.60
C THR B 61 14.04 -5.85 -21.76
N GLY B 62 14.15 -6.86 -22.62
CA GLY B 62 13.22 -7.04 -23.71
C GLY B 62 13.69 -8.15 -24.61
N ARG B 63 12.94 -8.35 -25.69
CA ARG B 63 13.29 -9.33 -26.71
C ARG B 63 13.75 -8.60 -27.97
N ILE B 64 14.92 -8.99 -28.49
CA ILE B 64 15.38 -8.45 -29.75
C ILE B 64 14.50 -9.02 -30.86
N MET B 65 14.03 -8.13 -31.74
CA MET B 65 13.22 -8.55 -32.88
C MET B 65 13.80 -8.07 -34.19
N ARG B 66 14.85 -7.29 -34.21
CA ARG B 66 15.52 -6.94 -35.45
C ARG B 66 16.96 -6.56 -35.17
N VAL B 67 17.84 -6.95 -36.06
CA VAL B 67 19.27 -6.72 -35.95
C VAL B 67 19.78 -6.12 -37.26
N SER B 68 20.47 -4.98 -37.15
CA SER B 68 21.07 -4.34 -38.31
C SER B 68 22.36 -3.66 -37.85
N ALA B 69 23.21 -3.35 -38.82
CA ALA B 69 24.49 -2.71 -38.54
C ALA B 69 24.80 -1.70 -39.63
N SER B 70 25.53 -0.65 -39.26
CA SER B 70 25.95 0.38 -40.18
C SER B 70 27.43 0.28 -40.55
N GLY B 71 28.31 0.24 -39.56
CA GLY B 71 29.72 0.05 -39.81
C GLY B 71 30.33 -0.92 -38.82
N GLN B 72 31.57 -0.67 -38.41
CA GLN B 72 32.21 -1.47 -37.37
C GLN B 72 31.88 -0.96 -35.97
N LYS B 73 31.28 0.22 -35.83
CA LYS B 73 31.10 0.86 -34.55
C LYS B 73 29.66 1.18 -34.19
N LEU B 74 28.70 0.82 -35.05
CA LEU B 74 27.30 1.10 -34.80
C LEU B 74 26.46 -0.14 -35.09
N ARG B 75 25.51 -0.44 -34.21
CA ARG B 75 24.63 -1.58 -34.38
C ARG B 75 23.26 -1.24 -33.80
N PHE B 76 22.21 -1.64 -34.52
CA PHE B 76 20.84 -1.23 -34.21
C PHE B 76 19.99 -2.45 -33.93
N PHE B 77 19.01 -2.28 -33.04
CA PHE B 77 18.10 -3.36 -32.68
C PHE B 77 16.73 -2.79 -32.36
N ASP B 78 15.70 -3.59 -32.62
CA ASP B 78 14.39 -3.40 -32.04
C ASP B 78 14.29 -4.21 -30.76
N LEU B 79 13.86 -3.56 -29.67
CA LEU B 79 13.64 -4.23 -28.40
C LEU B 79 12.17 -4.09 -28.04
N VAL B 80 11.48 -5.21 -27.89
CA VAL B 80 10.04 -5.19 -27.66
C VAL B 80 9.74 -5.79 -26.30
N GLY B 81 8.65 -5.30 -25.71
CA GLY B 81 8.20 -5.78 -24.41
C GLY B 81 6.82 -5.25 -24.09
N ASP B 82 5.92 -6.13 -23.64
CA ASP B 82 4.54 -5.77 -23.31
C ASP B 82 3.83 -5.13 -24.50
N GLY B 83 4.15 -5.61 -25.70
CA GLY B 83 3.51 -5.12 -26.91
C GLY B 83 3.99 -3.78 -27.41
N GLU B 84 5.03 -3.22 -26.81
CA GLU B 84 5.60 -1.95 -27.23
C GLU B 84 7.07 -2.12 -27.57
N LYS B 85 7.58 -1.22 -28.41
CA LYS B 85 8.88 -1.39 -29.04
C LYS B 85 9.71 -0.13 -28.92
N ILE B 86 11.01 -0.31 -28.68
CA ILE B 86 11.99 0.77 -28.72
C ILE B 86 13.19 0.31 -29.52
N GLN B 87 14.03 1.27 -29.89
CA GLN B 87 15.26 1.01 -30.63
C GLN B 87 16.44 0.93 -29.68
N VAL B 88 17.42 0.12 -30.05
CA VAL B 88 18.68 0.00 -29.32
C VAL B 88 19.80 0.53 -30.21
N LEU B 89 20.51 1.55 -29.75
CA LEU B 89 21.65 2.11 -30.46
C LEU B 89 22.91 1.77 -29.68
N ALA B 90 23.60 0.71 -30.11
CA ALA B 90 24.85 0.31 -29.49
C ALA B 90 25.99 1.01 -30.24
N ASN B 91 26.55 2.05 -29.62
CA ASN B 91 27.65 2.79 -30.19
C ASN B 91 28.95 2.41 -29.50
N TYR B 92 29.99 2.21 -30.31
CA TYR B 92 31.33 1.89 -29.84
C TYR B 92 31.89 2.99 -28.95
N SER B 93 31.34 4.20 -29.03
CA SER B 93 31.80 5.30 -28.19
C SER B 93 31.42 5.07 -26.73
N PHE B 94 30.25 4.49 -26.47
CA PHE B 94 29.73 4.34 -25.11
C PHE B 94 29.93 2.94 -24.53
N HIS B 95 30.42 2.00 -25.32
CA HIS B 95 30.55 0.62 -24.86
C HIS B 95 31.55 0.50 -23.72
N ASN B 96 31.20 -0.30 -22.71
CA ASN B 96 32.11 -0.60 -21.61
C ASN B 96 33.05 -1.70 -22.09
N HIS B 97 34.26 -1.31 -22.50
CA HIS B 97 35.21 -2.27 -23.06
C HIS B 97 35.74 -3.23 -22.01
N GLU B 98 35.60 -2.92 -20.73
CA GLU B 98 36.06 -3.83 -19.68
C GLU B 98 35.26 -5.12 -19.62
N LYS B 99 34.11 -5.18 -20.29
CA LYS B 99 33.27 -6.38 -20.31
C LYS B 99 33.59 -7.31 -21.47
N GLY B 100 34.30 -6.83 -22.48
CA GLY B 100 34.61 -7.65 -23.63
C GLY B 100 34.67 -6.80 -24.90
N ASN B 101 34.88 -7.48 -26.02
CA ASN B 101 35.02 -6.82 -27.30
C ASN B 101 33.65 -6.39 -27.82
N PHE B 102 33.58 -5.15 -28.33
CA PHE B 102 32.33 -4.59 -28.82
C PHE B 102 31.71 -5.47 -29.91
N ALA B 103 32.45 -5.70 -30.99
CA ALA B 103 31.93 -6.50 -32.09
C ALA B 103 31.58 -7.91 -31.61
N GLU B 104 32.50 -8.54 -30.89
CA GLU B 104 32.26 -9.90 -30.40
C GLU B 104 31.03 -9.96 -29.49
N CYS B 105 30.76 -8.90 -28.74
CA CYS B 105 29.59 -8.87 -27.87
C CYS B 105 28.31 -8.88 -28.69
N TYR B 106 28.21 -8.01 -29.70
CA TYR B 106 26.98 -7.82 -30.45
C TYR B 106 26.87 -8.71 -31.68
N ASP B 107 27.98 -9.33 -32.12
CA ASP B 107 27.87 -10.36 -33.15
C ASP B 107 27.05 -11.54 -32.66
N LYS B 108 27.09 -11.83 -31.36
CA LYS B 108 26.39 -12.99 -30.82
C LYS B 108 24.88 -12.84 -30.89
N ILE B 109 24.38 -11.61 -30.79
CA ILE B 109 22.95 -11.38 -30.65
C ILE B 109 22.22 -11.76 -31.94
N ARG B 110 21.09 -12.46 -31.78
CA ARG B 110 20.23 -12.83 -32.89
C ARG B 110 18.81 -12.34 -32.61
N ARG B 111 18.03 -12.24 -33.68
CA ARG B 111 16.62 -11.92 -33.55
C ARG B 111 15.93 -12.94 -32.65
N GLY B 112 15.17 -12.45 -31.68
CA GLY B 112 14.47 -13.30 -30.74
C GLY B 112 15.13 -13.44 -29.38
N ASP B 113 16.38 -12.99 -29.24
CA ASP B 113 17.08 -13.13 -27.98
C ASP B 113 16.49 -12.21 -26.91
N ILE B 114 16.36 -12.74 -25.70
CA ILE B 114 16.06 -11.92 -24.53
C ILE B 114 17.37 -11.37 -24.00
N VAL B 115 17.43 -10.05 -23.81
CA VAL B 115 18.65 -9.41 -23.34
C VAL B 115 18.31 -8.43 -22.23
N GLY B 116 19.32 -8.15 -21.41
CA GLY B 116 19.28 -7.06 -20.46
C GLY B 116 20.27 -6.01 -20.90
N ILE B 117 19.89 -4.74 -20.75
CA ILE B 117 20.70 -3.62 -21.23
C ILE B 117 20.92 -2.65 -20.08
N VAL B 118 22.17 -2.25 -19.89
CA VAL B 118 22.53 -1.12 -19.05
C VAL B 118 22.90 0.03 -19.99
N GLY B 119 22.19 1.14 -19.88
CA GLY B 119 22.41 2.22 -20.82
C GLY B 119 21.67 3.48 -20.42
N PHE B 120 21.62 4.43 -21.37
CA PHE B 120 21.01 5.72 -21.06
C PHE B 120 20.00 6.12 -22.14
N PRO B 121 18.96 6.85 -21.76
CA PRO B 121 17.89 7.17 -22.71
C PRO B 121 18.29 8.30 -23.65
N GLY B 122 17.77 8.22 -24.87
CA GLY B 122 17.99 9.25 -25.86
C GLY B 122 17.18 8.98 -27.11
N LYS B 123 17.12 9.98 -27.96
CA LYS B 123 16.48 9.86 -29.26
C LYS B 123 17.54 9.87 -30.36
N SER B 124 17.27 9.14 -31.42
CA SER B 124 18.18 9.12 -32.56
C SER B 124 18.16 10.47 -33.26
N LYS B 125 19.09 10.63 -34.20
CA LYS B 125 19.12 11.85 -35.01
C LYS B 125 17.84 11.99 -35.84
N LYS B 126 17.21 10.86 -36.18
CA LYS B 126 15.97 10.87 -36.95
C LYS B 126 14.73 11.00 -36.07
N GLY B 127 14.87 10.85 -34.77
CA GLY B 127 13.75 10.97 -33.85
C GLY B 127 13.22 9.66 -33.27
N GLU B 128 14.01 8.59 -33.29
CA GLU B 128 13.57 7.31 -32.74
C GLU B 128 13.97 7.22 -31.28
N LEU B 129 12.99 7.00 -30.41
CA LEU B 129 13.29 6.78 -29.00
C LEU B 129 14.16 5.54 -28.85
N SER B 130 15.23 5.66 -28.08
CA SER B 130 16.23 4.61 -28.04
C SER B 130 16.83 4.49 -26.64
N ILE B 131 17.29 3.28 -26.32
CA ILE B 131 18.20 3.06 -25.21
C ILE B 131 19.60 2.91 -25.80
N PHE B 132 20.57 3.57 -25.19
CA PHE B 132 21.95 3.53 -25.68
C PHE B 132 22.76 2.69 -24.73
N PRO B 133 23.02 1.41 -25.05
CA PRO B 133 23.66 0.53 -24.07
C PRO B 133 25.12 0.90 -23.83
N LYS B 134 25.53 0.73 -22.57
CA LYS B 134 26.94 0.61 -22.23
C LYS B 134 27.36 -0.85 -22.05
N GLU B 135 26.39 -1.73 -21.77
CA GLU B 135 26.61 -3.16 -21.67
C GLU B 135 25.32 -3.87 -22.04
N THR B 136 25.45 -4.93 -22.85
CA THR B 136 24.31 -5.75 -23.26
C THR B 136 24.61 -7.19 -22.90
N ILE B 137 23.69 -7.80 -22.13
CA ILE B 137 23.88 -9.14 -21.59
C ILE B 137 22.81 -10.05 -22.18
N LEU B 138 23.24 -11.24 -22.60
CA LEU B 138 22.30 -12.27 -23.08
C LEU B 138 21.64 -12.93 -21.87
N LEU B 139 20.32 -12.89 -21.83
CA LEU B 139 19.57 -13.50 -20.74
C LEU B 139 18.92 -14.82 -21.11
N SER B 140 18.41 -14.93 -22.34
CA SER B 140 17.82 -16.18 -22.83
C SER B 140 17.80 -16.13 -24.34
N ALA B 141 18.53 -17.04 -24.98
CA ALA B 141 18.62 -17.05 -26.43
C ALA B 141 17.38 -17.68 -27.05
N CYS B 142 17.05 -17.23 -28.26
CA CYS B 142 16.06 -17.88 -29.10
C CYS B 142 16.80 -18.81 -30.04
N LEU B 143 16.65 -20.12 -29.84
CA LEU B 143 17.45 -21.08 -30.58
C LEU B 143 16.90 -21.37 -31.97
N HIS B 144 15.66 -21.00 -32.25
CA HIS B 144 15.07 -21.16 -33.57
C HIS B 144 15.05 -19.83 -34.30
N MET B 145 14.87 -19.91 -35.61
CA MET B 145 14.54 -18.71 -36.39
C MET B 145 13.11 -18.31 -36.09
N LEU B 146 12.91 -17.07 -35.69
CA LEU B 146 11.55 -16.57 -35.54
C LEU B 146 10.99 -16.21 -36.91
N PRO B 147 9.83 -16.72 -37.29
CA PRO B 147 9.25 -16.37 -38.59
C PRO B 147 8.80 -14.93 -38.62
N MET B 148 8.57 -14.44 -39.82
CA MET B 148 7.99 -13.12 -40.02
C MET B 148 6.46 -13.21 -39.99
N LYS B 149 5.82 -12.05 -39.99
CA LYS B 149 4.35 -11.98 -39.91
C LYS B 149 3.69 -12.44 -41.20
N LYS B 153 3.20 -16.15 -40.12
CA LYS B 153 2.40 -17.05 -39.29
C LYS B 153 0.91 -16.80 -39.49
N ASP B 154 0.35 -17.44 -40.52
CA ASP B 154 -1.06 -17.31 -40.87
C ASP B 154 -1.67 -18.69 -41.14
N THR B 155 -1.41 -19.64 -40.24
CA THR B 155 -1.76 -21.03 -40.46
C THR B 155 -2.16 -21.63 -39.12
N GLU B 156 -2.26 -22.96 -39.07
CA GLU B 156 -2.49 -23.69 -37.82
C GLU B 156 -1.39 -23.44 -36.79
N ILE B 157 -0.27 -22.84 -37.19
CA ILE B 157 0.81 -22.53 -36.25
C ILE B 157 0.31 -21.61 -35.15
N ARG B 158 -0.60 -20.69 -35.49
CA ARG B 158 -1.12 -19.74 -34.50
C ARG B 158 -1.79 -20.45 -33.32
N TYR B 159 -2.33 -21.64 -33.55
CA TYR B 159 -3.06 -22.35 -32.52
C TYR B 159 -2.19 -23.31 -31.71
N ARG B 160 -1.19 -23.93 -32.35
CA ARG B 160 -0.30 -24.86 -31.66
C ARG B 160 0.95 -24.19 -31.10
N GLN B 161 1.25 -22.97 -31.53
CA GLN B 161 2.41 -22.22 -31.07
C GLN B 161 1.99 -20.79 -30.74
N ARG B 162 0.91 -20.66 -29.97
CA ARG B 162 0.31 -19.35 -29.65
C ARG B 162 1.35 -18.33 -29.20
N TYR B 163 2.42 -18.77 -28.53
CA TYR B 163 3.46 -17.84 -28.11
C TYR B 163 4.10 -17.14 -29.29
N LEU B 164 4.22 -17.83 -30.44
CA LEU B 164 4.73 -17.19 -31.64
C LEU B 164 3.74 -16.17 -32.18
N ASP B 165 2.46 -16.55 -32.23
CA ASP B 165 1.41 -15.64 -32.69
C ASP B 165 1.36 -14.38 -31.81
N LEU B 166 1.49 -14.56 -30.50
CA LEU B 166 1.49 -13.41 -29.60
C LEU B 166 2.72 -12.53 -29.79
N LEU B 167 3.84 -13.10 -30.20
CA LEU B 167 5.07 -12.32 -30.36
C LEU B 167 5.08 -11.53 -31.66
N ILE B 168 4.49 -12.09 -32.73
CA ILE B 168 4.70 -11.55 -34.07
C ILE B 168 3.50 -10.74 -34.54
N ASN B 169 2.29 -11.15 -34.13
CA ASN B 169 1.06 -10.51 -34.58
C ASN B 169 0.55 -9.56 -33.49
N GLU B 170 0.51 -8.26 -33.82
CA GLU B 170 -0.04 -7.29 -32.86
C GLU B 170 -1.49 -7.61 -32.52
N SER B 171 -2.27 -8.02 -33.53
CA SER B 171 -3.70 -8.23 -33.32
C SER B 171 -3.97 -9.33 -32.30
N SER B 172 -3.10 -10.33 -32.22
CA SER B 172 -3.33 -11.44 -31.31
C SER B 172 -3.36 -10.98 -29.86
N ARG B 173 -2.41 -10.10 -29.48
CA ARG B 173 -2.38 -9.62 -28.11
C ARG B 173 -3.65 -8.84 -27.76
N HIS B 174 -4.12 -7.97 -28.66
CA HIS B 174 -5.28 -7.13 -28.38
C HIS B 174 -6.55 -7.95 -28.25
N THR B 175 -6.66 -9.02 -29.03
CA THR B 175 -7.84 -9.88 -28.93
C THR B 175 -7.99 -10.46 -27.53
N PHE B 176 -6.90 -11.05 -27.01
CA PHE B 176 -6.97 -11.68 -25.70
C PHE B 176 -7.02 -10.66 -24.58
N VAL B 177 -6.46 -9.47 -24.78
CA VAL B 177 -6.66 -8.38 -23.83
C VAL B 177 -8.15 -8.04 -23.75
N THR B 178 -8.80 -7.92 -24.92
CA THR B 178 -10.23 -7.63 -24.94
C THR B 178 -11.03 -8.75 -24.31
N ARG B 179 -10.62 -10.01 -24.53
CA ARG B 179 -11.30 -11.13 -23.89
C ARG B 179 -11.32 -10.99 -22.37
N THR B 180 -10.15 -10.68 -21.80
CA THR B 180 -10.07 -10.51 -20.34
C THR B 180 -10.85 -9.27 -19.90
N LYS B 181 -10.85 -8.22 -20.72
CA LYS B 181 -11.66 -7.05 -20.41
C LYS B 181 -13.15 -7.40 -20.35
N ILE B 182 -13.60 -8.30 -21.23
CA ILE B 182 -15.01 -8.67 -21.26
C ILE B 182 -15.38 -9.40 -19.97
N ILE B 183 -14.55 -10.34 -19.54
CA ILE B 183 -14.85 -11.09 -18.31
C ILE B 183 -14.76 -10.16 -17.10
N ASN B 184 -13.80 -9.23 -17.11
CA ASN B 184 -13.70 -8.25 -16.03
C ASN B 184 -14.97 -7.42 -15.94
N PHE B 185 -15.44 -6.91 -17.08
CA PHE B 185 -16.67 -6.12 -17.08
C PHE B 185 -17.86 -6.95 -16.60
N LEU B 186 -17.96 -8.20 -17.06
CA LEU B 186 -19.06 -9.07 -16.64
C LEU B 186 -19.05 -9.30 -15.14
N ARG B 187 -17.87 -9.61 -14.58
CA ARG B 187 -17.77 -9.89 -13.15
C ARG B 187 -18.13 -8.65 -12.34
N ASN B 188 -17.57 -7.50 -12.67
CA ASN B 188 -17.93 -6.27 -11.98
C ASN B 188 -19.41 -5.97 -12.15
N PHE B 189 -19.98 -6.19 -13.32
CA PHE B 189 -21.37 -5.91 -13.59
C PHE B 189 -22.27 -6.72 -12.68
N LEU B 190 -21.99 -7.98 -12.52
CA LEU B 190 -22.79 -8.81 -11.64
C LEU B 190 -22.53 -8.46 -10.17
N ASN B 191 -21.26 -8.25 -9.82
CA ASN B 191 -20.91 -8.00 -8.43
C ASN B 191 -21.58 -6.74 -7.89
N GLU B 192 -21.67 -5.68 -8.70
CA GLU B 192 -22.31 -4.46 -8.22
C GLU B 192 -23.83 -4.55 -8.21
N ARG B 193 -24.37 -5.62 -8.72
CA ARG B 193 -25.76 -5.86 -8.64
C ARG B 193 -26.07 -6.79 -7.46
N GLY B 194 -25.07 -7.15 -6.67
CA GLY B 194 -25.25 -7.94 -5.47
C GLY B 194 -25.04 -9.43 -5.63
N PHE B 195 -24.60 -9.89 -6.80
CA PHE B 195 -24.46 -11.32 -7.04
C PHE B 195 -23.21 -11.86 -6.35
N PHE B 196 -23.26 -13.16 -6.05
CA PHE B 196 -22.23 -13.84 -5.28
C PHE B 196 -21.59 -14.92 -6.14
N GLU B 197 -20.29 -14.80 -6.40
CA GLU B 197 -19.59 -15.76 -7.24
C GLU B 197 -19.22 -17.01 -6.45
N VAL B 198 -19.43 -18.17 -7.07
CA VAL B 198 -19.18 -19.46 -6.46
C VAL B 198 -18.52 -20.38 -7.49
N GLU B 199 -18.02 -21.51 -7.01
CA GLU B 199 -17.55 -22.60 -7.85
C GLU B 199 -18.30 -23.88 -7.48
N THR B 200 -18.84 -24.56 -8.48
CA THR B 200 -19.54 -25.81 -8.34
C THR B 200 -18.74 -26.93 -9.02
N PRO B 201 -19.05 -28.20 -8.73
CA PRO B 201 -18.18 -29.29 -9.20
C PRO B 201 -18.14 -29.39 -10.72
N MET B 202 -16.93 -29.57 -11.25
CA MET B 202 -16.75 -29.90 -12.66
C MET B 202 -16.85 -31.40 -12.91
N MET B 203 -16.73 -32.22 -11.87
CA MET B 203 -16.90 -33.66 -11.96
C MET B 203 -18.13 -34.04 -11.15
N ASN B 204 -19.01 -34.86 -11.72
CA ASN B 204 -20.30 -35.14 -11.13
C ASN B 204 -20.75 -36.54 -11.52
N LEU B 205 -21.62 -37.11 -10.68
CA LEU B 205 -22.23 -38.40 -11.00
C LEU B 205 -23.14 -38.32 -12.22
N ILE B 206 -23.65 -37.13 -12.53
CA ILE B 206 -24.55 -36.91 -13.66
C ILE B 206 -24.22 -35.56 -14.27
N ALA B 207 -24.31 -35.46 -15.60
CA ALA B 207 -24.04 -34.22 -16.33
C ALA B 207 -25.37 -33.67 -16.84
N GLY B 208 -26.01 -32.85 -16.01
CA GLY B 208 -27.27 -32.23 -16.34
C GLY B 208 -27.16 -30.73 -16.53
N GLY B 209 -28.30 -30.12 -16.82
CA GLY B 209 -28.40 -28.70 -17.03
C GLY B 209 -28.41 -28.26 -18.48
N ALA B 210 -28.29 -29.18 -19.42
CA ALA B 210 -28.31 -28.86 -20.85
C ALA B 210 -28.45 -30.18 -21.61
N ASN B 211 -28.67 -30.05 -22.93
CA ASN B 211 -28.82 -31.20 -23.81
C ASN B 211 -27.51 -31.36 -24.58
N ALA B 212 -26.61 -32.16 -24.03
CA ALA B 212 -25.30 -32.35 -24.65
C ALA B 212 -24.65 -33.62 -24.12
N ARG B 213 -23.89 -34.27 -24.99
CA ARG B 213 -23.14 -35.45 -24.59
C ARG B 213 -21.94 -35.05 -23.72
N PRO B 214 -21.71 -35.71 -22.60
CA PRO B 214 -20.63 -35.31 -21.71
C PRO B 214 -19.32 -36.05 -21.98
N PHE B 215 -18.32 -35.66 -21.28
CA PHE B 215 -17.06 -36.33 -21.22
C PHE B 215 -17.12 -37.21 -19.95
N ILE B 216 -16.54 -38.37 -19.98
CA ILE B 216 -16.52 -39.28 -18.84
C ILE B 216 -15.08 -39.49 -18.40
N THR B 217 -14.88 -39.58 -17.08
CA THR B 217 -13.58 -39.85 -16.52
C THR B 217 -13.75 -40.80 -15.33
N HIS B 218 -12.64 -41.11 -14.67
CA HIS B 218 -12.65 -42.14 -13.63
C HIS B 218 -11.68 -41.76 -12.52
N HIS B 219 -12.18 -41.77 -11.28
CA HIS B 219 -11.34 -41.59 -10.10
C HIS B 219 -10.93 -42.96 -9.60
N ASN B 220 -9.61 -43.22 -9.56
CA ASN B 220 -9.10 -44.56 -9.31
C ASN B 220 -9.44 -45.04 -7.90
N ASP B 221 -9.05 -44.27 -6.88
CA ASP B 221 -9.17 -44.75 -5.51
C ASP B 221 -10.62 -45.00 -5.11
N LEU B 222 -11.56 -44.22 -5.67
CA LEU B 222 -12.98 -44.46 -5.41
C LEU B 222 -13.59 -45.46 -6.39
N ASP B 223 -12.87 -45.85 -7.43
CA ASP B 223 -13.38 -46.75 -8.47
C ASP B 223 -14.73 -46.25 -9.00
N LEU B 224 -14.76 -44.96 -9.33
CA LEU B 224 -16.01 -44.28 -9.64
C LEU B 224 -15.87 -43.53 -10.96
N ASP B 225 -16.74 -43.85 -11.91
CA ASP B 225 -16.84 -43.06 -13.13
C ASP B 225 -17.48 -41.71 -12.81
N LEU B 226 -16.99 -40.67 -13.48
CA LEU B 226 -17.48 -39.32 -13.26
C LEU B 226 -17.62 -38.60 -14.59
N TYR B 227 -18.63 -37.75 -14.69
CA TYR B 227 -18.88 -36.99 -15.90
C TYR B 227 -18.46 -35.54 -15.71
N LEU B 228 -17.79 -34.99 -16.72
CA LEU B 228 -17.49 -33.58 -16.71
C LEU B 228 -18.75 -32.78 -16.92
N ARG B 229 -18.87 -31.66 -16.22
CA ARG B 229 -20.10 -30.87 -16.30
C ARG B 229 -20.28 -30.30 -17.71
N ILE B 230 -21.52 -30.36 -18.20
CA ILE B 230 -21.88 -29.73 -19.46
C ILE B 230 -22.51 -28.37 -19.26
N ALA B 231 -22.85 -28.01 -18.02
CA ALA B 231 -23.45 -26.74 -17.65
C ALA B 231 -23.39 -26.65 -16.12
N THR B 232 -23.68 -25.47 -15.60
CA THR B 232 -23.65 -25.21 -14.16
C THR B 232 -25.03 -24.96 -13.59
N GLU B 233 -26.09 -25.22 -14.35
CA GLU B 233 -27.45 -24.92 -13.95
C GLU B 233 -27.82 -25.55 -12.62
N LEU B 234 -27.67 -26.87 -12.53
CA LEU B 234 -28.29 -27.61 -11.43
C LEU B 234 -27.69 -27.27 -10.07
N PRO B 235 -26.37 -27.30 -9.86
CA PRO B 235 -25.84 -26.92 -8.54
C PRO B 235 -26.12 -25.46 -8.19
N LEU B 236 -26.19 -24.58 -9.19
CA LEU B 236 -26.46 -23.17 -8.90
C LEU B 236 -27.88 -22.97 -8.36
N LYS B 237 -28.87 -23.62 -8.99
CA LYS B 237 -30.24 -23.53 -8.49
C LYS B 237 -30.36 -24.13 -7.09
N MET B 238 -29.62 -25.21 -6.83
CA MET B 238 -29.55 -25.74 -5.47
C MET B 238 -29.04 -24.68 -4.49
N LEU B 239 -28.16 -23.79 -4.95
CA LEU B 239 -27.70 -22.70 -4.09
C LEU B 239 -28.79 -21.66 -3.88
N ILE B 240 -29.66 -21.44 -4.87
CA ILE B 240 -30.82 -20.58 -4.66
C ILE B 240 -31.71 -21.16 -3.57
N VAL B 241 -31.93 -22.47 -3.61
CA VAL B 241 -32.66 -23.15 -2.54
C VAL B 241 -31.98 -22.90 -1.20
N GLY B 242 -30.65 -22.89 -1.19
CA GLY B 242 -29.89 -22.63 0.02
C GLY B 242 -29.87 -21.19 0.48
N GLY B 243 -30.53 -20.29 -0.23
CA GLY B 243 -30.66 -18.91 0.19
C GLY B 243 -29.66 -17.93 -0.39
N ILE B 244 -28.83 -18.36 -1.34
CA ILE B 244 -27.95 -17.43 -2.06
C ILE B 244 -28.77 -16.94 -3.25
N ASP B 245 -29.57 -15.89 -3.03
CA ASP B 245 -30.59 -15.48 -3.98
C ASP B 245 -30.02 -14.80 -5.22
N LYS B 246 -28.75 -14.41 -5.20
CA LYS B 246 -28.08 -13.87 -6.37
C LYS B 246 -26.72 -14.55 -6.47
N VAL B 247 -26.62 -15.57 -7.31
CA VAL B 247 -25.46 -16.43 -7.38
C VAL B 247 -25.06 -16.62 -8.84
N TYR B 248 -23.76 -16.76 -9.08
CA TYR B 248 -23.28 -16.94 -10.45
C TYR B 248 -21.93 -17.64 -10.44
N GLU B 249 -21.53 -18.10 -11.62
CA GLU B 249 -20.28 -18.82 -11.82
C GLU B 249 -19.76 -18.54 -13.21
N ILE B 250 -18.47 -18.21 -13.31
CA ILE B 250 -17.79 -17.99 -14.58
C ILE B 250 -16.68 -19.02 -14.67
N GLY B 251 -16.80 -19.97 -15.59
CA GLY B 251 -15.81 -21.02 -15.67
C GLY B 251 -16.06 -21.93 -16.85
N LYS B 252 -15.22 -22.96 -16.94
CA LYS B 252 -15.25 -23.89 -18.06
C LYS B 252 -16.37 -24.91 -17.90
N VAL B 253 -16.99 -25.27 -19.02
CA VAL B 253 -17.83 -26.46 -19.12
C VAL B 253 -17.33 -27.26 -20.30
N PHE B 254 -17.76 -28.52 -20.36
CA PHE B 254 -17.21 -29.47 -21.33
C PHE B 254 -18.36 -30.20 -22.01
N ARG B 255 -18.31 -30.25 -23.33
CA ARG B 255 -19.32 -30.93 -24.12
C ARG B 255 -18.64 -31.79 -25.18
N ASN B 256 -18.96 -33.08 -25.17
CA ASN B 256 -18.32 -34.06 -26.05
C ASN B 256 -19.08 -34.06 -27.38
N GLU B 257 -18.80 -33.05 -28.20
CA GLU B 257 -19.55 -32.79 -29.42
C GLU B 257 -18.62 -32.61 -30.61
N GLY B 258 -19.18 -32.17 -31.75
CA GLY B 258 -18.37 -31.83 -32.90
C GLY B 258 -17.74 -30.46 -32.75
N ILE B 259 -16.59 -30.31 -33.38
CA ILE B 259 -15.81 -29.07 -33.35
C ILE B 259 -16.04 -28.30 -34.64
N ASP B 260 -16.19 -26.99 -34.53
CA ASP B 260 -16.26 -26.10 -35.70
C ASP B 260 -15.94 -24.68 -35.25
N ASN B 261 -16.19 -23.71 -36.13
CA ASN B 261 -15.80 -22.33 -35.88
C ASN B 261 -16.46 -21.73 -34.64
N THR B 262 -17.55 -22.32 -34.14
CA THR B 262 -18.19 -21.83 -32.93
C THR B 262 -18.27 -22.90 -31.84
N HIS B 263 -17.50 -23.98 -31.97
CA HIS B 263 -17.53 -25.06 -31.00
C HIS B 263 -16.11 -25.51 -30.67
N ASN B 264 -15.71 -25.29 -29.41
CA ASN B 264 -14.53 -25.91 -28.80
C ASN B 264 -14.99 -26.87 -27.71
N PRO B 265 -14.40 -28.07 -27.62
CA PRO B 265 -14.90 -29.06 -26.64
C PRO B 265 -14.93 -28.56 -25.21
N GLU B 266 -14.09 -27.60 -24.86
CA GLU B 266 -14.18 -26.90 -23.58
C GLU B 266 -14.29 -25.41 -23.86
N PHE B 267 -15.17 -24.74 -23.13
CA PHE B 267 -15.43 -23.33 -23.37
C PHE B 267 -15.93 -22.69 -22.09
N THR B 268 -15.91 -21.37 -22.07
CA THR B 268 -16.17 -20.58 -20.87
C THR B 268 -17.59 -20.04 -20.92
N SER B 269 -18.36 -20.32 -19.87
CA SER B 269 -19.73 -19.86 -19.74
C SER B 269 -19.91 -19.11 -18.44
N CYS B 270 -20.87 -18.19 -18.43
CA CYS B 270 -21.35 -17.56 -17.21
C CYS B 270 -22.83 -17.89 -17.06
N GLU B 271 -23.18 -18.46 -15.92
CA GLU B 271 -24.57 -18.64 -15.53
C GLU B 271 -24.83 -17.93 -14.22
N PHE B 272 -25.91 -17.15 -14.18
CA PHE B 272 -26.29 -16.46 -12.95
C PHE B 272 -27.76 -16.75 -12.66
N TYR B 273 -28.09 -16.78 -11.36
CA TYR B 273 -29.44 -17.07 -10.93
C TYR B 273 -29.89 -16.02 -9.95
N TRP B 274 -31.13 -15.58 -10.14
CA TRP B 274 -31.63 -14.31 -9.60
C TRP B 274 -33.02 -14.58 -9.07
N ALA B 275 -33.12 -14.81 -7.76
CA ALA B 275 -34.40 -15.15 -7.17
C ALA B 275 -35.37 -13.98 -7.29
N TYR B 276 -36.65 -14.31 -7.48
CA TYR B 276 -37.76 -13.36 -7.58
C TYR B 276 -37.73 -12.55 -8.86
N ALA B 277 -36.82 -12.87 -9.77
CA ALA B 277 -36.84 -12.32 -11.13
C ALA B 277 -37.51 -13.32 -12.07
N ASP B 278 -37.83 -12.86 -13.28
CA ASP B 278 -38.47 -13.73 -14.25
C ASP B 278 -37.97 -13.37 -15.65
N TYR B 279 -38.66 -13.93 -16.65
CA TYR B 279 -38.28 -13.79 -18.05
C TYR B 279 -38.10 -12.34 -18.47
N ASN B 280 -38.96 -11.45 -17.98
CA ASN B 280 -38.88 -10.06 -18.39
C ASN B 280 -37.68 -9.35 -17.78
N ASP B 281 -37.40 -9.59 -16.50
CA ASP B 281 -36.17 -9.08 -15.90
C ASP B 281 -34.94 -9.56 -16.65
N LEU B 282 -35.01 -10.76 -17.25
CA LEU B 282 -33.85 -11.32 -17.93
C LEU B 282 -33.60 -10.64 -19.27
N ILE B 283 -34.66 -10.36 -20.03
CA ILE B 283 -34.50 -9.57 -21.25
C ILE B 283 -33.95 -8.19 -20.93
N LYS B 284 -34.45 -7.58 -19.85
CA LYS B 284 -33.92 -6.30 -19.40
C LYS B 284 -32.43 -6.39 -19.12
N TRP B 285 -32.02 -7.40 -18.34
CA TRP B 285 -30.60 -7.59 -18.03
C TRP B 285 -29.76 -7.76 -19.30
N SER B 286 -30.25 -8.56 -20.25
CA SER B 286 -29.48 -8.81 -21.46
C SER B 286 -29.25 -7.54 -22.25
N GLU B 287 -30.27 -6.69 -22.37
CA GLU B 287 -30.13 -5.45 -23.11
C GLU B 287 -29.21 -4.47 -22.38
N ASP B 288 -29.36 -4.35 -21.07
CA ASP B 288 -28.45 -3.53 -20.29
C ASP B 288 -27.01 -4.03 -20.42
N PHE B 289 -26.80 -5.32 -20.22
CA PHE B 289 -25.44 -5.85 -20.18
C PHE B 289 -24.72 -5.67 -21.51
N PHE B 290 -25.37 -6.07 -22.60
CA PHE B 290 -24.69 -6.06 -23.89
C PHE B 290 -24.46 -4.63 -24.39
N SER B 291 -25.43 -3.75 -24.19
CA SER B 291 -25.27 -2.37 -24.62
C SER B 291 -24.16 -1.68 -23.83
N GLN B 292 -24.17 -1.82 -22.51
CA GLN B 292 -23.13 -1.19 -21.69
C GLN B 292 -21.76 -1.79 -21.96
N LEU B 293 -21.70 -3.10 -22.19
CA LEU B 293 -20.42 -3.75 -22.48
C LEU B 293 -19.81 -3.20 -23.77
N VAL B 294 -20.61 -3.13 -24.84
CA VAL B 294 -20.10 -2.67 -26.12
C VAL B 294 -19.64 -1.22 -26.03
N TYR B 295 -20.40 -0.37 -25.34
CA TYR B 295 -19.99 1.02 -25.18
C TYR B 295 -18.79 1.14 -24.27
N HIS B 296 -18.70 0.30 -23.24
CA HIS B 296 -17.50 0.25 -22.40
C HIS B 296 -16.26 0.04 -23.25
N LEU B 297 -16.30 -0.93 -24.16
CA LEU B 297 -15.14 -1.27 -24.98
C LEU B 297 -14.90 -0.28 -26.11
N PHE B 298 -15.95 0.33 -26.66
CA PHE B 298 -15.83 1.03 -27.93
C PHE B 298 -16.30 2.48 -27.92
N GLY B 299 -16.94 2.94 -26.85
CA GLY B 299 -17.45 4.30 -26.86
C GLY B 299 -18.58 4.53 -27.83
N THR B 300 -19.31 3.46 -28.19
CA THR B 300 -20.41 3.50 -29.14
C THR B 300 -21.13 2.17 -29.04
N TYR B 301 -22.39 2.16 -29.49
CA TYR B 301 -23.18 0.94 -29.46
C TYR B 301 -23.11 0.16 -30.77
N LYS B 302 -22.47 0.72 -31.79
CA LYS B 302 -22.39 0.09 -33.10
C LYS B 302 -20.96 -0.36 -33.37
N ILE B 303 -20.81 -1.60 -33.85
CA ILE B 303 -19.50 -2.17 -34.13
C ILE B 303 -19.51 -2.73 -35.55
N SER B 304 -18.32 -2.91 -36.09
CA SER B 304 -18.12 -3.53 -37.39
C SER B 304 -17.74 -4.99 -37.20
N TYR B 305 -18.27 -5.85 -38.06
CA TYR B 305 -17.97 -7.27 -37.97
C TYR B 305 -17.96 -7.88 -39.37
N ASN B 306 -16.89 -8.61 -39.68
CA ASN B 306 -16.75 -9.29 -40.96
C ASN B 306 -17.40 -10.67 -40.85
N LYS B 307 -18.73 -10.68 -40.92
CA LYS B 307 -19.48 -11.93 -40.81
C LYS B 307 -19.06 -12.93 -41.87
N ASP B 308 -18.75 -12.45 -43.07
CA ASP B 308 -18.38 -13.32 -44.20
C ASP B 308 -16.88 -13.38 -44.43
N GLY B 309 -16.08 -13.04 -43.42
CA GLY B 309 -14.64 -13.12 -43.53
C GLY B 309 -14.00 -11.83 -44.02
N PRO B 310 -12.68 -11.72 -43.83
CA PRO B 310 -12.00 -10.48 -44.23
C PRO B 310 -11.99 -10.25 -45.73
N GLU B 311 -12.21 -11.28 -46.54
CA GLU B 311 -12.29 -11.13 -47.99
C GLU B 311 -13.62 -10.57 -48.47
N ASN B 312 -14.55 -10.31 -47.57
CA ASN B 312 -15.86 -9.78 -47.92
C ASN B 312 -16.14 -8.55 -47.07
N GLN B 313 -17.09 -7.74 -47.54
CA GLN B 313 -17.37 -6.48 -46.86
C GLN B 313 -18.00 -6.75 -45.49
N PRO B 314 -17.65 -5.98 -44.47
CA PRO B 314 -18.21 -6.19 -43.14
C PRO B 314 -19.63 -5.62 -43.07
N ILE B 315 -20.27 -5.84 -41.92
CA ILE B 315 -21.58 -5.28 -41.65
C ILE B 315 -21.54 -4.61 -40.29
N GLU B 316 -22.50 -3.73 -40.06
CA GLU B 316 -22.64 -3.03 -38.79
C GLU B 316 -23.59 -3.79 -37.89
N ILE B 317 -23.20 -3.97 -36.62
CA ILE B 317 -24.08 -4.55 -35.61
C ILE B 317 -24.40 -3.47 -34.60
N ASP B 318 -25.68 -3.18 -34.44
CA ASP B 318 -26.15 -2.12 -33.54
C ASP B 318 -26.66 -2.78 -32.26
N PHE B 319 -25.96 -2.54 -31.15
CA PHE B 319 -26.38 -3.05 -29.86
C PHE B 319 -27.19 -2.04 -29.06
N THR B 320 -27.71 -1.00 -29.70
CA THR B 320 -28.59 -0.07 -29.02
C THR B 320 -29.88 -0.78 -28.65
N PRO B 321 -30.26 -0.85 -27.37
CA PRO B 321 -31.50 -1.51 -26.99
C PRO B 321 -32.69 -0.64 -27.35
N PRO B 322 -33.90 -1.22 -27.43
CA PRO B 322 -34.23 -2.64 -27.23
C PRO B 322 -33.98 -3.50 -28.46
N TYR B 323 -33.96 -4.82 -28.27
CA TYR B 323 -33.69 -5.77 -29.33
C TYR B 323 -34.98 -6.49 -29.74
N PRO B 324 -35.07 -6.94 -30.98
CA PRO B 324 -36.30 -7.61 -31.44
C PRO B 324 -36.52 -8.94 -30.73
N LYS B 325 -37.80 -9.26 -30.53
CA LYS B 325 -38.22 -10.51 -29.91
C LYS B 325 -39.03 -11.30 -30.93
N VAL B 326 -38.67 -12.57 -31.13
CA VAL B 326 -39.30 -13.42 -32.13
C VAL B 326 -39.73 -14.71 -31.48
N SER B 327 -41.03 -14.99 -31.49
CA SER B 327 -41.57 -16.25 -30.95
C SER B 327 -41.30 -17.38 -31.94
N ILE B 328 -40.73 -18.47 -31.45
CA ILE B 328 -40.14 -19.47 -32.34
C ILE B 328 -41.22 -20.22 -33.12
N VAL B 329 -42.21 -20.78 -32.42
CA VAL B 329 -43.23 -21.58 -33.09
C VAL B 329 -44.02 -20.73 -34.06
N GLU B 330 -44.49 -19.57 -33.61
CA GLU B 330 -45.30 -18.69 -34.45
C GLU B 330 -44.54 -18.23 -35.68
N GLU B 331 -43.25 -17.91 -35.53
CA GLU B 331 -42.47 -17.45 -36.67
C GLU B 331 -42.18 -18.58 -37.64
N ILE B 332 -41.77 -19.75 -37.13
CA ILE B 332 -41.61 -20.92 -37.99
C ILE B 332 -42.87 -21.16 -38.79
N GLU B 333 -44.02 -21.21 -38.09
CA GLU B 333 -45.30 -21.43 -38.77
C GLU B 333 -45.56 -20.39 -39.83
N LYS B 334 -45.18 -19.13 -39.56
CA LYS B 334 -45.38 -18.07 -40.55
C LYS B 334 -44.49 -18.29 -41.77
N VAL B 335 -43.20 -18.54 -41.54
CA VAL B 335 -42.27 -18.72 -42.65
C VAL B 335 -42.56 -20.01 -43.41
N THR B 336 -42.96 -21.06 -42.70
CA THR B 336 -43.14 -22.37 -43.33
C THR B 336 -44.51 -22.54 -43.97
N ASN B 337 -45.48 -21.69 -43.65
CA ASN B 337 -46.85 -21.81 -44.14
C ASN B 337 -47.47 -23.14 -43.76
N THR B 338 -47.11 -23.67 -42.60
CA THR B 338 -47.74 -24.88 -42.06
C THR B 338 -48.15 -24.61 -40.62
N ILE B 339 -48.96 -25.52 -40.08
CA ILE B 339 -49.46 -25.41 -38.71
C ILE B 339 -48.84 -26.55 -37.92
N LEU B 340 -48.07 -26.20 -36.89
CA LEU B 340 -47.39 -27.19 -36.05
C LEU B 340 -48.26 -27.43 -34.81
N GLU B 341 -49.01 -28.49 -34.82
CA GLU B 341 -49.92 -28.80 -33.75
C GLU B 341 -49.34 -29.36 -32.48
N GLN B 342 -49.97 -29.04 -31.38
CA GLN B 342 -49.56 -29.67 -30.13
C GLN B 342 -50.29 -30.99 -29.97
N PRO B 343 -49.64 -32.02 -29.40
CA PRO B 343 -48.27 -32.01 -28.90
C PRO B 343 -47.23 -31.94 -30.00
N PHE B 344 -46.17 -31.17 -29.78
CA PHE B 344 -45.11 -31.04 -30.78
C PHE B 344 -44.32 -32.32 -30.95
N ASP B 345 -44.31 -33.20 -29.95
CA ASP B 345 -43.65 -34.49 -30.05
C ASP B 345 -44.60 -35.59 -30.52
N SER B 346 -45.80 -35.24 -30.97
CA SER B 346 -46.67 -36.21 -31.59
C SER B 346 -46.09 -36.66 -32.93
N ASN B 347 -46.39 -37.91 -33.30
CA ASN B 347 -45.89 -38.44 -34.57
C ASN B 347 -46.36 -37.60 -35.75
N GLU B 348 -47.54 -36.99 -35.64
CA GLU B 348 -48.06 -36.18 -36.74
C GLU B 348 -47.24 -34.90 -36.91
N THR B 349 -47.03 -34.16 -35.83
CA THR B 349 -46.22 -32.95 -35.91
C THR B 349 -44.77 -33.27 -36.23
N ILE B 350 -44.26 -34.40 -35.73
CA ILE B 350 -42.90 -34.82 -36.08
C ILE B 350 -42.81 -35.13 -37.57
N GLU B 351 -43.77 -35.89 -38.08
CA GLU B 351 -43.76 -36.26 -39.50
C GLU B 351 -43.85 -35.04 -40.41
N LYS B 352 -44.58 -34.01 -40.00
CA LYS B 352 -44.68 -32.80 -40.81
C LYS B 352 -43.37 -32.02 -40.80
N MET B 353 -42.77 -31.86 -39.61
CA MET B 353 -41.49 -31.17 -39.53
C MET B 353 -40.43 -31.86 -40.36
N ILE B 354 -40.40 -33.20 -40.32
CA ILE B 354 -39.49 -33.96 -41.18
C ILE B 354 -39.74 -33.64 -42.65
N ASN B 355 -41.01 -33.64 -43.07
CA ASN B 355 -41.33 -33.37 -44.46
C ASN B 355 -40.99 -31.93 -44.86
N ILE B 356 -41.08 -31.00 -43.91
CA ILE B 356 -40.64 -29.62 -44.20
C ILE B 356 -39.14 -29.59 -44.45
N ILE B 357 -38.38 -30.39 -43.70
CA ILE B 357 -36.93 -30.40 -43.85
C ILE B 357 -36.54 -31.12 -45.14
N LYS B 358 -37.25 -32.19 -45.49
CA LYS B 358 -36.95 -32.91 -46.73
C LYS B 358 -37.31 -32.07 -47.95
N GLU B 359 -38.44 -31.42 -47.90
CA GLU B 359 -38.86 -30.63 -49.01
C GLU B 359 -38.00 -29.44 -49.22
N HIS B 360 -37.38 -28.97 -48.19
CA HIS B 360 -36.53 -27.83 -48.30
C HIS B 360 -35.07 -28.19 -48.48
N LYS B 361 -34.77 -29.46 -48.66
CA LYS B 361 -33.42 -29.95 -48.83
C LYS B 361 -32.45 -29.62 -47.72
N ILE B 362 -32.97 -29.68 -46.52
CA ILE B 362 -32.18 -29.50 -45.33
C ILE B 362 -31.89 -30.88 -44.75
N GLU B 363 -30.85 -30.98 -43.96
CA GLU B 363 -30.45 -32.25 -43.43
C GLU B 363 -31.20 -32.68 -42.19
N LEU B 364 -31.77 -33.88 -42.21
CA LEU B 364 -32.48 -34.39 -41.06
C LEU B 364 -31.52 -34.71 -39.95
N PRO B 365 -31.87 -34.34 -38.75
CA PRO B 365 -31.03 -34.54 -37.57
C PRO B 365 -30.78 -35.99 -37.14
N PRO B 367 -30.80 -38.18 -35.04
CA PRO B 367 -32.05 -38.70 -34.46
C PRO B 367 -33.10 -37.61 -34.50
N PRO B 368 -34.11 -37.81 -35.31
CA PRO B 368 -35.14 -36.80 -35.53
C PRO B 368 -36.18 -36.69 -34.46
N THR B 369 -35.77 -36.20 -33.31
CA THR B 369 -36.70 -35.95 -32.25
C THR B 369 -37.42 -34.65 -32.48
N ALA B 370 -38.49 -34.46 -31.79
CA ALA B 370 -39.26 -33.23 -31.97
C ALA B 370 -38.44 -32.00 -31.60
N ALA B 371 -37.72 -32.08 -30.47
CA ALA B 371 -36.92 -30.94 -30.04
C ALA B 371 -35.78 -30.67 -31.03
N LYS B 372 -35.17 -31.72 -31.56
CA LYS B 372 -34.10 -31.53 -32.54
C LYS B 372 -34.65 -30.98 -33.86
N LEU B 373 -35.84 -31.43 -34.25
CA LEU B 373 -36.44 -30.95 -35.50
C LEU B 373 -36.79 -29.48 -35.41
N LEU B 374 -37.44 -29.07 -34.32
CA LEU B 374 -37.76 -27.65 -34.12
C LEU B 374 -36.50 -26.79 -34.17
N ASP B 375 -35.45 -27.21 -33.47
CA ASP B 375 -34.23 -26.42 -33.42
C ASP B 375 -33.57 -26.35 -34.79
N GLN B 376 -33.66 -27.42 -35.59
CA GLN B 376 -33.18 -27.38 -36.96
C GLN B 376 -34.00 -26.40 -37.80
N LEU B 377 -35.32 -26.38 -37.58
CA LEU B 377 -36.18 -25.46 -38.33
C LEU B 377 -35.91 -24.02 -37.92
N ALA B 378 -35.65 -23.78 -36.63
CA ALA B 378 -35.33 -22.43 -36.19
C ALA B 378 -34.01 -21.95 -36.78
N SER B 379 -33.01 -22.82 -36.85
CA SER B 379 -31.70 -22.43 -37.35
C SER B 379 -31.74 -22.07 -38.83
N HIS B 380 -32.60 -22.72 -39.60
CA HIS B 380 -32.65 -22.52 -41.03
C HIS B 380 -33.66 -21.46 -41.49
N PHE B 381 -34.59 -21.05 -40.62
CA PHE B 381 -35.62 -20.12 -41.01
C PHE B 381 -35.72 -18.87 -40.13
N ILE B 382 -35.10 -18.86 -38.94
CA ILE B 382 -35.32 -17.80 -37.96
C ILE B 382 -34.02 -17.09 -37.61
N GLU B 383 -32.97 -17.85 -37.31
CA GLU B 383 -31.82 -17.32 -36.57
C GLU B 383 -30.97 -16.35 -37.39
N ASN B 384 -31.15 -16.28 -38.70
CA ASN B 384 -30.48 -15.27 -39.52
C ASN B 384 -31.44 -14.21 -40.03
N LYS B 385 -32.60 -14.05 -39.38
CA LYS B 385 -33.50 -12.96 -39.75
C LYS B 385 -32.85 -11.61 -39.51
N TYR B 386 -32.11 -11.47 -38.41
CA TYR B 386 -31.49 -10.21 -38.03
C TYR B 386 -29.99 -10.41 -37.92
N ASN B 387 -29.23 -9.66 -38.73
CA ASN B 387 -27.78 -9.61 -38.61
C ASN B 387 -27.26 -8.24 -38.19
N ASP B 388 -27.95 -7.16 -38.56
CA ASP B 388 -27.51 -5.82 -38.18
C ASP B 388 -27.73 -5.51 -36.71
N LYS B 389 -28.30 -6.44 -35.94
CA LYS B 389 -28.55 -6.23 -34.52
C LYS B 389 -28.76 -7.58 -33.86
N PRO B 390 -28.43 -7.72 -32.58
CA PRO B 390 -28.82 -8.93 -31.85
C PRO B 390 -30.33 -8.98 -31.67
N PHE B 391 -30.84 -10.19 -31.49
CA PHE B 391 -32.27 -10.35 -31.30
C PHE B 391 -32.54 -11.62 -30.51
N PHE B 392 -33.74 -11.67 -29.92
CA PHE B 392 -34.15 -12.76 -29.05
C PHE B 392 -35.12 -13.68 -29.77
N ILE B 393 -34.85 -14.98 -29.71
CA ILE B 393 -35.86 -16.00 -30.01
C ILE B 393 -36.47 -16.45 -28.69
N VAL B 394 -37.80 -16.46 -28.61
CA VAL B 394 -38.47 -16.57 -27.32
C VAL B 394 -39.57 -17.61 -27.37
N GLU B 395 -40.02 -17.99 -26.16
CA GLU B 395 -41.24 -18.78 -25.95
C GLU B 395 -41.12 -20.19 -26.54
N HIS B 396 -40.00 -20.84 -26.26
CA HIS B 396 -39.74 -22.18 -26.77
C HIS B 396 -40.74 -23.18 -26.19
N PRO B 397 -41.10 -24.22 -26.96
CA PRO B 397 -41.97 -25.27 -26.43
C PRO B 397 -41.38 -25.96 -25.21
N GLN B 398 -42.28 -26.52 -24.40
CA GLN B 398 -41.87 -27.35 -23.26
C GLN B 398 -40.88 -28.42 -23.69
N ILE B 399 -41.12 -29.04 -24.83
CA ILE B 399 -40.30 -30.17 -25.25
C ILE B 399 -38.84 -29.80 -25.36
N MET B 400 -38.58 -28.58 -25.80
CA MET B 400 -37.21 -28.14 -26.01
C MET B 400 -36.51 -27.64 -24.75
N SER B 401 -37.25 -27.44 -23.66
CA SER B 401 -36.71 -26.78 -22.47
C SER B 401 -37.26 -27.46 -21.23
N PRO B 402 -36.69 -28.60 -20.83
CA PRO B 402 -37.25 -29.35 -19.70
C PRO B 402 -37.02 -28.69 -18.35
N LEU B 403 -36.18 -27.66 -18.26
CA LEU B 403 -35.90 -26.98 -17.01
C LEU B 403 -36.50 -25.58 -16.94
N ALA B 404 -37.25 -25.17 -17.97
CA ALA B 404 -37.85 -23.84 -18.03
C ALA B 404 -39.30 -23.89 -17.57
N LYS B 405 -39.71 -22.88 -16.80
CA LYS B 405 -41.07 -22.83 -16.31
C LYS B 405 -42.06 -22.65 -17.46
N TYR B 406 -43.21 -23.29 -17.35
CA TYR B 406 -44.23 -23.21 -18.38
C TYR B 406 -44.73 -21.78 -18.54
N HIS B 407 -45.09 -21.43 -19.77
CA HIS B 407 -45.56 -20.08 -20.08
C HIS B 407 -46.88 -19.81 -19.36
N ARG B 408 -46.99 -18.64 -18.74
CA ARG B 408 -48.12 -18.36 -17.87
C ARG B 408 -49.41 -18.10 -18.64
N THR B 409 -49.35 -17.83 -19.94
CA THR B 409 -50.56 -17.66 -20.74
C THR B 409 -50.61 -18.50 -22.00
N LYS B 410 -49.48 -19.04 -22.47
CA LYS B 410 -49.46 -19.78 -23.73
C LYS B 410 -49.22 -21.26 -23.48
N PRO B 411 -50.23 -22.11 -23.63
CA PRO B 411 -50.05 -23.53 -23.32
C PRO B 411 -49.02 -24.19 -24.23
N GLY B 412 -48.21 -25.06 -23.63
CA GLY B 412 -47.17 -25.77 -24.33
C GLY B 412 -45.85 -25.05 -24.45
N LEU B 413 -45.81 -23.75 -24.18
CA LEU B 413 -44.58 -22.99 -24.31
C LEU B 413 -43.98 -22.71 -22.94
N THR B 414 -42.77 -22.17 -22.96
CA THR B 414 -42.08 -21.78 -21.74
C THR B 414 -41.69 -20.32 -21.83
N GLU B 415 -41.27 -19.76 -20.70
CA GLU B 415 -40.87 -18.36 -20.64
C GLU B 415 -39.35 -18.28 -20.82
N ARG B 416 -38.94 -18.58 -22.05
CA ARG B 416 -37.53 -18.76 -22.41
C ARG B 416 -37.12 -17.76 -23.47
N LEU B 417 -35.85 -17.38 -23.44
CA LEU B 417 -35.26 -16.51 -24.45
C LEU B 417 -33.84 -17.00 -24.74
N GLU B 418 -33.44 -16.88 -26.00
CA GLU B 418 -32.03 -17.00 -26.35
C GLU B 418 -31.67 -15.94 -27.36
N MET B 419 -30.57 -15.22 -27.11
CA MET B 419 -30.14 -14.10 -27.93
C MET B 419 -29.13 -14.58 -28.97
N PHE B 420 -29.28 -14.10 -30.20
CA PHE B 420 -28.40 -14.45 -31.29
C PHE B 420 -27.68 -13.22 -31.82
N ILE B 421 -26.43 -13.44 -32.25
CA ILE B 421 -25.68 -12.44 -32.99
C ILE B 421 -25.19 -13.10 -34.27
N CYS B 422 -25.61 -12.56 -35.41
CA CYS B 422 -25.22 -13.10 -36.72
C CYS B 422 -25.49 -14.61 -36.81
N GLY B 423 -26.64 -15.03 -36.29
CA GLY B 423 -27.04 -16.42 -36.38
C GLY B 423 -26.43 -17.35 -35.36
N LYS B 424 -25.67 -16.83 -34.40
CA LYS B 424 -24.96 -17.65 -33.43
C LYS B 424 -25.48 -17.37 -32.03
N GLU B 425 -25.87 -18.43 -31.32
CA GLU B 425 -26.41 -18.29 -29.98
C GLU B 425 -25.32 -17.89 -28.99
N VAL B 426 -25.56 -16.80 -28.26
CA VAL B 426 -24.63 -16.31 -27.25
C VAL B 426 -25.25 -16.21 -25.87
N LEU B 427 -26.55 -16.47 -25.74
CA LEU B 427 -27.24 -16.28 -24.47
C LEU B 427 -28.44 -17.21 -24.41
N ASN B 428 -28.67 -17.79 -23.23
CA ASN B 428 -29.82 -18.65 -22.98
C ASN B 428 -30.35 -18.35 -21.59
N ALA B 429 -31.65 -18.14 -21.46
CA ALA B 429 -32.23 -17.69 -20.20
C ALA B 429 -33.71 -18.02 -20.19
N TYR B 430 -34.26 -18.18 -18.98
CA TYR B 430 -35.69 -18.44 -18.82
C TYR B 430 -36.08 -18.37 -17.36
N THR B 431 -37.38 -18.13 -17.14
CA THR B 431 -37.97 -18.32 -15.83
C THR B 431 -37.81 -19.78 -15.44
N GLU B 432 -37.24 -20.02 -14.26
CA GLU B 432 -36.86 -21.36 -13.87
C GLU B 432 -38.07 -22.17 -13.42
N LEU B 433 -38.16 -23.41 -13.89
CA LEU B 433 -39.15 -24.36 -13.40
C LEU B 433 -38.84 -24.67 -11.94
N ASN B 434 -39.79 -24.39 -11.05
CA ASN B 434 -39.59 -24.61 -9.62
C ASN B 434 -40.68 -25.49 -9.01
N ASP B 435 -41.57 -26.07 -9.81
CA ASP B 435 -42.53 -27.04 -9.29
C ASP B 435 -41.88 -28.42 -9.35
N PRO B 436 -41.60 -29.05 -8.21
CA PRO B 436 -40.88 -30.34 -8.25
C PRO B 436 -41.60 -31.42 -9.02
N PHE B 437 -42.92 -31.40 -9.02
CA PHE B 437 -43.69 -32.46 -9.67
C PHE B 437 -43.76 -32.26 -11.19
N LYS B 438 -43.63 -31.02 -11.66
CA LYS B 438 -43.50 -30.79 -13.10
C LYS B 438 -42.10 -31.14 -13.60
N GLN B 439 -41.09 -31.03 -12.75
CA GLN B 439 -39.71 -31.27 -13.19
C GLN B 439 -39.47 -32.73 -13.48
N LYS B 440 -39.90 -33.62 -12.58
CA LYS B 440 -39.72 -35.06 -12.81
C LYS B 440 -40.49 -35.52 -14.03
N GLU B 441 -41.66 -34.92 -14.30
CA GLU B 441 -42.37 -35.22 -15.53
C GLU B 441 -41.54 -34.80 -16.74
N CYS B 442 -40.91 -33.64 -16.68
CA CYS B 442 -40.02 -33.23 -17.76
C CYS B 442 -38.81 -34.15 -17.86
N PHE B 443 -38.29 -34.59 -16.70
CA PHE B 443 -37.17 -35.52 -16.72
C PHE B 443 -37.60 -36.88 -17.28
N LYS B 444 -38.78 -37.36 -16.88
CA LYS B 444 -39.25 -38.66 -17.37
C LYS B 444 -39.50 -38.63 -18.87
N LEU B 445 -39.87 -37.47 -19.41
CA LEU B 445 -40.17 -37.39 -20.85
C LEU B 445 -38.89 -37.41 -21.68
N GLN B 446 -37.82 -36.77 -21.20
CA GLN B 446 -36.57 -36.74 -21.97
C GLN B 446 -35.85 -38.08 -21.95
N GLN B 447 -36.13 -38.94 -20.96
CA GLN B 447 -35.61 -40.30 -21.02
C GLN B 447 -36.26 -41.09 -22.14
N LYS B 448 -37.53 -40.81 -22.44
CA LYS B 448 -38.18 -41.43 -23.59
C LYS B 448 -37.45 -41.08 -24.87
N ASP B 449 -36.93 -39.85 -24.97
CA ASP B 449 -36.11 -39.48 -26.12
C ASP B 449 -34.73 -40.11 -26.06
N ARG B 450 -34.17 -40.27 -24.85
CA ARG B 450 -32.89 -40.95 -24.70
C ARG B 450 -32.99 -42.42 -25.12
N GLU B 451 -34.18 -43.01 -25.02
CA GLU B 451 -34.37 -44.38 -25.46
C GLU B 451 -34.36 -44.53 -26.97
N LYS B 452 -34.53 -43.42 -27.70
CA LYS B 452 -34.52 -43.43 -29.16
C LYS B 452 -33.13 -43.21 -29.74
N GLY B 453 -32.10 -43.16 -28.91
CA GLY B 453 -30.75 -42.89 -29.36
C GLY B 453 -30.27 -41.48 -29.15
N ASP B 454 -30.93 -40.70 -28.29
CA ASP B 454 -30.55 -39.31 -28.03
C ASP B 454 -29.46 -39.31 -26.96
N THR B 455 -28.20 -39.37 -27.39
CA THR B 455 -27.09 -39.31 -26.45
C THR B 455 -26.98 -37.96 -25.77
N GLU B 456 -27.56 -36.92 -26.36
CA GLU B 456 -27.51 -35.56 -25.83
C GLU B 456 -28.80 -35.18 -25.10
N ALA B 457 -29.48 -36.16 -24.51
CA ALA B 457 -30.67 -35.89 -23.71
C ALA B 457 -30.27 -35.78 -22.24
N ALA B 458 -30.76 -34.75 -21.56
CA ALA B 458 -30.35 -34.49 -20.19
C ALA B 458 -30.82 -35.59 -19.26
N GLN B 459 -29.95 -36.02 -18.37
CA GLN B 459 -30.25 -37.06 -17.41
C GLN B 459 -30.84 -36.46 -16.13
N LEU B 460 -31.61 -37.28 -15.41
CA LEU B 460 -32.32 -36.81 -14.24
C LEU B 460 -31.42 -36.88 -13.01
N ASP B 461 -31.23 -35.75 -12.35
CA ASP B 461 -30.48 -35.69 -11.09
C ASP B 461 -31.49 -35.76 -9.94
N SER B 462 -31.50 -36.89 -9.23
CA SER B 462 -32.42 -37.04 -8.12
C SER B 462 -32.04 -36.12 -6.96
N ALA B 463 -30.75 -35.84 -6.79
CA ALA B 463 -30.33 -34.87 -5.78
C ALA B 463 -30.87 -33.47 -6.11
N PHE B 464 -30.90 -33.13 -7.40
CA PHE B 464 -31.48 -31.85 -7.81
C PHE B 464 -32.99 -31.85 -7.57
N CYS B 465 -33.67 -32.94 -7.93
CA CYS B 465 -35.11 -33.02 -7.72
C CYS B 465 -35.47 -32.94 -6.24
N THR B 466 -34.64 -33.54 -5.38
CA THR B 466 -34.88 -33.45 -3.94
C THR B 466 -34.76 -32.01 -3.45
N SER B 467 -33.76 -31.28 -3.93
CA SER B 467 -33.57 -29.89 -3.50
C SER B 467 -34.79 -29.04 -3.85
N LEU B 468 -35.40 -29.27 -5.02
CA LEU B 468 -36.58 -28.52 -5.40
C LEU B 468 -37.75 -28.78 -4.46
N GLU B 469 -37.79 -29.96 -3.84
CA GLU B 469 -38.84 -30.28 -2.89
C GLU B 469 -38.72 -29.51 -1.58
N TYR B 470 -37.57 -28.90 -1.32
CA TYR B 470 -37.39 -28.04 -0.16
C TYR B 470 -37.77 -26.59 -0.46
N GLY B 471 -38.17 -26.30 -1.68
CA GLY B 471 -38.67 -24.98 -2.04
C GLY B 471 -37.66 -24.15 -2.81
N LEU B 472 -37.82 -24.08 -4.12
CA LEU B 472 -37.06 -23.16 -4.94
C LEU B 472 -37.93 -21.94 -5.22
N PRO B 473 -37.56 -20.75 -4.77
CA PRO B 473 -38.39 -19.58 -5.00
C PRO B 473 -38.51 -19.29 -6.49
N PRO B 474 -39.47 -18.47 -6.90
CA PRO B 474 -39.50 -18.04 -8.30
C PRO B 474 -38.17 -17.40 -8.67
N THR B 475 -37.62 -17.80 -9.81
CA THR B 475 -36.24 -17.46 -10.12
C THR B 475 -36.08 -17.31 -11.63
N GLY B 476 -35.21 -16.40 -12.02
CA GLY B 476 -34.78 -16.28 -13.40
C GLY B 476 -33.29 -16.53 -13.54
N GLY B 477 -32.90 -17.40 -14.48
CA GLY B 477 -31.51 -17.71 -14.68
C GLY B 477 -31.07 -17.41 -16.10
N LEU B 478 -29.77 -17.24 -16.31
CA LEU B 478 -29.26 -16.81 -17.61
C LEU B 478 -27.86 -17.36 -17.83
N GLY B 479 -27.61 -17.82 -19.05
CA GLY B 479 -26.30 -18.33 -19.44
C GLY B 479 -25.73 -17.53 -20.59
N LEU B 480 -24.42 -17.33 -20.55
CA LEU B 480 -23.69 -16.60 -21.58
C LEU B 480 -22.59 -17.47 -22.17
N GLY B 481 -22.42 -17.41 -23.48
CA GLY B 481 -21.26 -18.03 -24.11
C GLY B 481 -20.14 -17.01 -24.26
N ILE B 482 -19.18 -17.04 -23.33
CA ILE B 482 -18.18 -15.96 -23.25
C ILE B 482 -17.34 -15.92 -24.52
N ASP B 483 -16.87 -17.05 -24.99
CA ASP B 483 -16.03 -17.13 -26.14
C ASP B 483 -16.68 -16.62 -27.41
N ARG B 484 -17.93 -16.99 -27.61
CA ARG B 484 -18.64 -16.52 -28.79
C ARG B 484 -18.85 -15.01 -28.75
N ILE B 485 -19.13 -14.47 -27.56
CA ILE B 485 -19.24 -13.01 -27.43
C ILE B 485 -17.92 -12.34 -27.77
N THR B 486 -16.81 -12.92 -27.29
CA THR B 486 -15.49 -12.36 -27.59
C THR B 486 -15.23 -12.33 -29.09
N MET B 487 -15.69 -13.36 -29.80
CA MET B 487 -15.52 -13.41 -31.25
C MET B 487 -16.10 -12.16 -31.92
N PHE B 488 -17.35 -11.82 -31.58
CA PHE B 488 -18.01 -10.70 -32.22
C PHE B 488 -17.41 -9.36 -31.80
N LEU B 489 -16.82 -9.29 -30.60
CA LEU B 489 -16.22 -8.06 -30.12
C LEU B 489 -14.75 -7.93 -30.46
N THR B 490 -14.15 -8.96 -31.08
CA THR B 490 -12.79 -8.87 -31.58
C THR B 490 -12.72 -9.13 -33.09
N ASN B 491 -13.86 -9.15 -33.78
CA ASN B 491 -13.92 -9.32 -35.23
C ASN B 491 -13.27 -10.64 -35.68
N LYS B 492 -13.58 -11.72 -34.97
CA LYS B 492 -13.06 -13.04 -35.29
C LYS B 492 -14.18 -13.94 -35.80
N ASN B 493 -13.87 -14.78 -36.77
CA ASN B 493 -14.81 -15.73 -37.34
C ASN B 493 -14.67 -17.13 -36.77
N SER B 494 -13.70 -17.36 -35.88
CA SER B 494 -13.45 -18.67 -35.32
C SER B 494 -13.26 -18.57 -33.82
N ILE B 495 -13.86 -19.51 -33.09
CA ILE B 495 -13.67 -19.60 -31.65
C ILE B 495 -12.22 -19.93 -31.33
N LYS B 496 -11.51 -20.57 -32.26
CA LYS B 496 -10.10 -20.86 -32.08
C LYS B 496 -9.28 -19.58 -31.93
N ASP B 497 -9.75 -18.48 -32.52
CA ASP B 497 -9.03 -17.21 -32.49
C ASP B 497 -9.18 -16.46 -31.17
N VAL B 498 -10.06 -16.91 -30.28
CA VAL B 498 -10.25 -16.25 -28.99
C VAL B 498 -9.94 -17.16 -27.81
N ILE B 499 -9.45 -18.37 -28.07
CA ILE B 499 -8.99 -19.27 -27.02
C ILE B 499 -7.49 -19.42 -27.20
N LEU B 500 -6.74 -19.29 -26.10
CA LEU B 500 -5.28 -19.27 -26.19
C LEU B 500 -4.74 -20.58 -26.76
N PHE B 501 -5.26 -21.71 -26.29
CA PHE B 501 -4.87 -23.02 -26.81
C PHE B 501 -6.13 -23.83 -27.09
N PRO B 502 -6.69 -23.71 -28.29
CA PRO B 502 -7.85 -24.54 -28.64
C PRO B 502 -7.49 -26.02 -28.68
N THR B 503 -8.53 -26.86 -28.60
CA THR B 503 -8.35 -28.29 -28.62
C THR B 503 -7.95 -28.76 -30.01
N MET B 504 -6.86 -29.51 -30.09
CA MET B 504 -6.33 -29.95 -31.38
C MET B 504 -5.65 -31.30 -31.23
N ARG B 505 -5.52 -31.99 -32.36
CA ARG B 505 -4.85 -33.28 -32.42
C ARG B 505 -3.35 -33.09 -32.23
N PRO B 506 -2.65 -34.14 -31.79
CA PRO B 506 -1.19 -34.04 -31.64
C PRO B 506 -0.51 -33.76 -32.97
N ALA B 507 0.65 -33.12 -32.88
CA ALA B 507 1.44 -32.79 -34.07
C ALA B 507 2.04 -34.05 -34.69
N VAL C 3 44.82 38.29 -11.15
CA VAL C 3 45.16 37.22 -12.08
C VAL C 3 43.90 36.53 -12.59
N ASP C 4 44.08 35.53 -13.43
CA ASP C 4 42.97 34.71 -13.92
C ASP C 4 42.51 33.78 -12.82
N PRO C 5 41.23 33.82 -12.42
CA PRO C 5 40.75 32.83 -11.44
C PRO C 5 40.90 31.40 -11.91
N ARG C 6 40.78 31.14 -13.21
CA ARG C 6 41.05 29.80 -13.73
C ARG C 6 42.50 29.42 -13.53
N LEU C 7 43.42 30.35 -13.80
CA LEU C 7 44.83 30.10 -13.54
C LEU C 7 45.10 30.00 -12.05
N TYR C 8 44.43 30.82 -11.24
CA TYR C 8 44.75 30.87 -9.82
C TYR C 8 44.33 29.58 -9.12
N PHE C 9 43.21 28.98 -9.52
CA PHE C 9 42.83 27.69 -8.98
C PHE C 9 43.81 26.59 -9.41
N GLU C 10 44.22 26.61 -10.68
CA GLU C 10 45.20 25.66 -11.17
C GLU C 10 46.51 25.76 -10.38
N ASN C 11 46.92 26.99 -10.04
CA ASN C 11 48.17 27.20 -9.33
C ASN C 11 48.11 26.70 -7.88
N ARG C 12 47.02 27.03 -7.16
CA ARG C 12 46.89 26.51 -5.80
C ARG C 12 46.85 24.98 -5.81
N SER C 13 46.15 24.40 -6.78
CA SER C 13 46.05 22.93 -6.86
C SER C 13 47.41 22.30 -7.08
N LYS C 14 48.23 22.89 -7.95
CA LYS C 14 49.61 22.43 -8.10
C LYS C 14 50.40 22.64 -6.82
N PHE C 15 50.12 23.72 -6.08
CA PHE C 15 50.80 23.95 -4.82
C PHE C 15 50.51 22.86 -3.81
N ILE C 16 49.23 22.45 -3.72
CA ILE C 16 48.86 21.39 -2.79
C ILE C 16 49.61 20.09 -3.12
N GLN C 17 49.55 19.68 -4.39
CA GLN C 17 50.20 18.44 -4.80
C GLN C 17 51.72 18.53 -4.68
N ASP C 18 52.30 19.70 -4.94
CA ASP C 18 53.74 19.85 -4.79
C ASP C 18 54.16 19.75 -3.33
N GLN C 19 53.32 20.21 -2.41
CA GLN C 19 53.57 19.99 -0.99
C GLN C 19 53.58 18.50 -0.66
N LYS C 20 52.63 17.75 -1.24
CA LYS C 20 52.56 16.31 -0.97
C LYS C 20 53.79 15.59 -1.52
N ASP C 21 54.27 15.99 -2.69
CA ASP C 21 55.50 15.40 -3.22
C ASP C 21 56.69 15.72 -2.34
N LYS C 22 56.67 16.86 -1.66
CA LYS C 22 57.69 17.22 -0.69
C LYS C 22 57.50 16.52 0.65
N GLY C 23 56.51 15.63 0.76
CA GLY C 23 56.24 14.94 2.01
C GLY C 23 55.43 15.71 3.01
N ILE C 24 55.05 16.95 2.72
CA ILE C 24 54.30 17.78 3.65
C ILE C 24 52.82 17.46 3.54
N ASN C 25 52.13 17.43 4.68
CA ASN C 25 50.69 17.26 4.72
C ASN C 25 50.03 18.63 4.72
N PRO C 26 49.40 19.06 3.61
CA PRO C 26 48.76 20.38 3.61
C PRO C 26 47.45 20.43 4.39
N TYR C 27 46.90 19.28 4.80
CA TYR C 27 45.69 19.20 5.60
C TYR C 27 45.99 18.40 6.86
N PRO C 28 46.65 19.00 7.85
CA PRO C 28 46.91 18.30 9.10
C PRO C 28 45.62 17.90 9.81
N HIS C 29 45.70 16.81 10.58
CA HIS C 29 44.53 16.22 11.18
C HIS C 29 44.01 17.03 12.35
N LYS C 30 44.90 17.47 13.24
CA LYS C 30 44.42 18.06 14.48
C LYS C 30 45.33 19.19 14.92
N PHE C 31 44.71 20.35 15.19
CA PHE C 31 45.40 21.50 15.75
C PHE C 31 44.62 21.91 17.00
N GLU C 32 45.28 21.89 18.15
CA GLU C 32 44.60 22.07 19.43
C GLU C 32 44.57 23.57 19.72
N ARG C 33 43.42 24.17 19.44
CA ARG C 33 43.19 25.58 19.75
C ARG C 33 43.20 25.80 21.26
N THR C 34 43.82 26.89 21.68
CA THR C 34 43.78 27.30 23.08
C THR C 34 42.59 28.18 23.40
N ILE C 35 42.14 29.00 22.44
CA ILE C 35 41.12 30.00 22.68
C ILE C 35 40.57 30.45 21.34
N SER C 36 39.29 30.81 21.31
CA SER C 36 38.67 31.28 20.09
C SER C 36 38.98 32.76 19.86
N ILE C 37 38.71 33.22 18.63
CA ILE C 37 38.90 34.65 18.35
C ILE C 37 37.95 35.52 19.14
N PRO C 38 36.67 35.17 19.34
CA PRO C 38 35.84 35.96 20.27
C PRO C 38 36.38 36.00 21.70
N GLU C 39 36.86 34.86 22.22
CA GLU C 39 37.36 34.84 23.59
C GLU C 39 38.67 35.62 23.73
N PHE C 40 39.48 35.62 22.67
CA PHE C 40 40.75 36.35 22.70
C PHE C 40 40.52 37.86 22.64
N ILE C 41 39.47 38.30 21.93
CA ILE C 41 39.10 39.71 21.94
C ILE C 41 38.64 40.12 23.33
N GLU C 42 37.84 39.28 23.98
CA GLU C 42 37.34 39.62 25.31
C GLU C 42 38.45 39.61 26.34
N LYS C 43 39.40 38.67 26.22
CA LYS C 43 40.40 38.50 27.26
C LYS C 43 41.47 39.60 27.23
N TYR C 44 41.77 40.16 26.06
CA TYR C 44 42.88 41.10 25.92
C TYR C 44 42.41 42.46 25.44
N LYS C 45 41.22 42.88 25.86
CA LYS C 45 40.69 44.20 25.49
C LYS C 45 41.55 45.32 26.08
N ASP C 46 41.60 45.39 27.40
CA ASP C 46 42.11 46.57 28.11
C ASP C 46 43.61 46.45 28.37
N LEU C 47 44.36 46.29 27.28
CA LEU C 47 45.81 46.23 27.34
C LEU C 47 46.39 47.44 26.62
N GLY C 48 47.51 47.95 27.13
CA GLY C 48 47.99 49.24 26.69
C GLY C 48 48.41 49.26 25.23
N ASN C 49 48.43 50.46 24.67
CA ASN C 49 48.91 50.66 23.31
C ASN C 49 50.38 50.26 23.22
N GLY C 50 50.67 49.18 22.52
CA GLY C 50 52.02 48.67 22.42
C GLY C 50 52.40 47.61 23.42
N GLU C 51 51.48 47.21 24.31
CA GLU C 51 51.80 46.22 25.32
C GLU C 51 51.93 44.83 24.69
N HIS C 52 52.85 44.05 25.22
CA HIS C 52 53.07 42.68 24.80
C HIS C 52 52.96 41.75 25.99
N LEU C 53 52.59 40.50 25.71
CA LEU C 53 52.49 39.43 26.70
C LEU C 53 53.31 38.23 26.24
N GLU C 54 54.54 38.50 25.82
CA GLU C 54 55.36 37.50 25.13
C GLU C 54 55.57 36.23 25.94
N ASP C 55 55.33 36.25 27.24
CA ASP C 55 55.37 35.04 28.04
C ASP C 55 54.11 34.18 27.89
N THR C 56 53.05 34.71 27.31
CA THR C 56 51.77 34.01 27.17
C THR C 56 51.68 33.45 25.75
N ILE C 57 51.89 32.15 25.62
CA ILE C 57 51.84 31.48 24.32
C ILE C 57 50.45 30.90 24.12
N LEU C 58 49.84 31.20 22.97
CA LEU C 58 48.49 30.78 22.67
C LEU C 58 48.43 30.10 21.30
N ASN C 59 47.50 29.16 21.17
CA ASN C 59 47.18 28.52 19.90
C ASN C 59 45.82 29.02 19.43
N ILE C 60 45.80 29.65 18.25
CA ILE C 60 44.58 30.25 17.70
C ILE C 60 44.44 29.84 16.24
N THR C 61 43.21 29.58 15.82
CA THR C 61 42.86 29.27 14.45
C THR C 61 41.91 30.33 13.90
N GLY C 62 41.78 30.34 12.59
CA GLY C 62 40.87 31.26 11.93
C GLY C 62 41.07 31.20 10.44
N ARG C 63 40.39 32.11 9.73
CA ARG C 63 40.53 32.24 8.29
C ARG C 63 41.18 33.58 7.96
N ILE C 64 42.32 33.53 7.28
CA ILE C 64 42.93 34.73 6.75
C ILE C 64 41.98 35.37 5.75
N MET C 65 41.66 36.64 5.96
CA MET C 65 40.77 37.37 5.06
C MET C 65 41.40 38.63 4.48
N ARG C 66 42.67 38.90 4.80
CA ARG C 66 43.34 40.11 4.34
C ARG C 66 44.84 39.89 4.46
N VAL C 67 45.57 40.15 3.39
CA VAL C 67 47.02 39.95 3.36
C VAL C 67 47.68 41.30 3.08
N SER C 68 48.50 41.76 4.02
CA SER C 68 49.28 42.98 3.84
C SER C 68 50.72 42.71 4.25
N ALA C 69 51.60 43.61 3.82
CA ALA C 69 53.02 43.51 4.15
C ALA C 69 53.59 44.91 4.28
N SER C 70 54.49 45.09 5.26
CA SER C 70 55.17 46.36 5.47
C SER C 70 56.67 46.15 5.31
N GLY C 71 57.06 45.43 4.28
CA GLY C 71 58.42 44.98 4.09
C GLY C 71 58.50 43.47 4.08
N GLN C 72 59.72 42.98 3.85
CA GLN C 72 59.92 41.53 3.81
C GLN C 72 59.79 40.91 5.19
N LYS C 73 60.04 41.68 6.25
CA LYS C 73 60.11 41.15 7.60
C LYS C 73 58.84 41.34 8.42
N LEU C 74 57.89 42.13 7.94
CA LEU C 74 56.64 42.37 8.64
C LEU C 74 55.47 42.02 7.73
N ARG C 75 54.72 40.99 8.12
CA ARG C 75 53.54 40.56 7.37
C ARG C 75 52.30 40.79 8.22
N PHE C 76 51.27 41.35 7.61
CA PHE C 76 50.03 41.68 8.31
C PHE C 76 48.88 40.90 7.72
N PHE C 77 47.99 40.44 8.59
CA PHE C 77 46.85 39.63 8.18
C PHE C 77 45.63 39.97 9.02
N ASP C 78 44.46 39.83 8.43
CA ASP C 78 43.20 39.82 9.16
C ASP C 78 42.75 38.38 9.33
N LEU C 79 42.51 37.99 10.58
CA LEU C 79 42.07 36.63 10.91
C LEU C 79 40.66 36.71 11.47
N VAL C 80 39.74 35.99 10.85
CA VAL C 80 38.35 36.03 11.28
C VAL C 80 37.94 34.67 11.80
N GLY C 81 37.04 34.68 12.78
CA GLY C 81 36.44 33.48 13.32
C GLY C 81 35.18 33.83 14.09
N ASP C 82 34.10 33.10 13.84
CA ASP C 82 32.84 33.28 14.57
C ASP C 82 32.32 34.71 14.40
N GLY C 83 32.50 35.29 13.22
CA GLY C 83 32.01 36.62 12.92
C GLY C 83 32.83 37.77 13.50
N GLU C 84 33.90 37.46 14.18
CA GLU C 84 34.80 38.44 14.74
C GLU C 84 36.17 38.45 14.06
N LYS C 85 37.03 39.41 14.33
CA LYS C 85 38.27 39.55 13.60
C LYS C 85 39.36 40.15 14.48
N ILE C 86 40.59 39.67 14.29
CA ILE C 86 41.79 40.23 14.90
C ILE C 86 42.85 40.39 13.82
N GLN C 87 43.92 41.08 14.19
CA GLN C 87 45.07 41.25 13.31
C GLN C 87 46.12 40.20 13.61
N VAL C 88 46.84 39.78 12.57
CA VAL C 88 48.01 38.93 12.71
C VAL C 88 49.24 39.77 12.37
N LEU C 89 50.17 39.89 13.32
CA LEU C 89 51.39 40.65 13.13
C LEU C 89 52.57 39.68 13.22
N ALA C 90 52.99 39.16 12.08
CA ALA C 90 54.12 38.24 11.99
C ALA C 90 55.39 39.05 11.82
N ASN C 91 56.23 39.07 12.85
CA ASN C 91 57.50 39.78 12.83
C ASN C 91 58.64 38.77 12.76
N TYR C 92 59.60 39.04 11.87
CA TYR C 92 60.77 38.16 11.73
C TYR C 92 61.51 38.00 13.06
N SER C 93 61.43 39.01 13.93
CA SER C 93 62.12 38.93 15.22
C SER C 93 61.54 37.84 16.11
N PHE C 94 60.25 37.55 15.98
CA PHE C 94 59.56 36.60 16.85
C PHE C 94 59.38 35.24 16.19
N HIS C 95 59.77 35.09 14.94
CA HIS C 95 59.57 33.84 14.22
C HIS C 95 60.47 32.73 14.77
N ASN C 96 59.89 31.54 14.93
CA ASN C 96 60.64 30.35 15.34
C ASN C 96 61.31 29.78 14.11
N HIS C 97 62.57 30.16 13.91
CA HIS C 97 63.28 29.79 12.68
C HIS C 97 63.55 28.30 12.56
N GLU C 98 63.45 27.55 13.66
CA GLU C 98 63.62 26.10 13.57
C GLU C 98 62.50 25.45 12.77
N LYS C 99 61.34 26.09 12.68
CA LYS C 99 60.23 25.53 11.92
C LYS C 99 60.33 25.79 10.42
N GLY C 100 61.16 26.75 10.00
CA GLY C 100 61.32 27.01 8.58
C GLY C 100 61.66 28.47 8.33
N ASN C 101 61.96 28.75 7.07
CA ASN C 101 62.31 30.10 6.65
C ASN C 101 61.09 31.01 6.80
N PHE C 102 61.31 32.20 7.37
CA PHE C 102 60.21 33.12 7.62
C PHE C 102 59.46 33.48 6.34
N ALA C 103 60.17 33.96 5.33
CA ALA C 103 59.51 34.41 4.11
C ALA C 103 58.83 33.26 3.39
N GLU C 104 59.52 32.12 3.26
CA GLU C 104 58.94 30.93 2.63
C GLU C 104 57.64 30.51 3.28
N CYS C 105 57.56 30.64 4.60
CA CYS C 105 56.35 30.24 5.30
C CYS C 105 55.19 31.17 4.99
N TYR C 106 55.42 32.47 5.02
CA TYR C 106 54.35 33.43 4.86
C TYR C 106 54.10 33.81 3.40
N ASP C 107 55.05 33.58 2.50
CA ASP C 107 54.82 33.87 1.09
C ASP C 107 53.69 33.02 0.51
N LYS C 108 53.46 31.83 1.06
CA LYS C 108 52.46 30.93 0.53
C LYS C 108 51.06 31.15 1.10
N ILE C 109 50.93 32.00 2.13
CA ILE C 109 49.60 32.29 2.68
C ILE C 109 48.81 33.09 1.67
N ARG C 110 47.54 32.73 1.50
CA ARG C 110 46.64 33.43 0.60
C ARG C 110 45.36 33.80 1.35
N ARG C 111 44.65 34.79 0.81
CA ARG C 111 43.36 35.16 1.36
C ARG C 111 42.41 33.96 1.32
N GLY C 112 41.80 33.67 2.46
CA GLY C 112 40.90 32.55 2.60
C GLY C 112 41.53 31.31 3.22
N ASP C 113 42.85 31.29 3.37
CA ASP C 113 43.50 30.15 4.02
C ASP C 113 43.07 30.04 5.47
N ILE C 114 42.76 28.83 5.90
CA ILE C 114 42.55 28.53 7.30
C ILE C 114 43.88 28.10 7.90
N VAL C 115 44.29 28.79 8.96
CA VAL C 115 45.62 28.60 9.51
C VAL C 115 45.50 28.37 11.02
N GLY C 116 46.56 27.81 11.59
CA GLY C 116 46.70 27.70 13.02
C GLY C 116 47.96 28.42 13.47
N ILE C 117 47.84 29.29 14.47
CA ILE C 117 48.91 30.17 14.89
C ILE C 117 49.31 29.83 16.32
N VAL C 118 50.61 29.67 16.54
CA VAL C 118 51.19 29.66 17.88
C VAL C 118 51.87 31.02 18.07
N GLY C 119 51.48 31.74 19.11
CA GLY C 119 52.01 33.07 19.30
C GLY C 119 51.54 33.67 20.60
N PHE C 120 51.65 35.00 20.69
CA PHE C 120 51.37 35.69 21.95
C PHE C 120 50.52 36.93 21.70
N PRO C 121 49.74 37.35 22.69
CA PRO C 121 48.86 38.51 22.51
C PRO C 121 49.61 39.83 22.70
N GLY C 122 49.07 40.86 22.06
CA GLY C 122 49.61 42.20 22.24
C GLY C 122 48.81 43.21 21.46
N LYS C 123 49.31 44.44 21.46
CA LYS C 123 48.74 45.52 20.67
C LYS C 123 49.85 46.23 19.91
N SER C 124 49.48 46.78 18.76
CA SER C 124 50.41 47.59 17.99
C SER C 124 50.75 48.87 18.76
N LYS C 125 51.71 49.62 18.24
CA LYS C 125 52.04 50.91 18.83
C LYS C 125 50.82 51.82 18.89
N LYS C 126 49.96 51.76 17.88
CA LYS C 126 48.76 52.57 17.87
C LYS C 126 47.65 51.99 18.75
N GLY C 127 47.65 50.68 18.95
CA GLY C 127 46.67 50.06 19.84
C GLY C 127 45.79 49.02 19.18
N GLU C 128 46.25 48.44 18.07
CA GLU C 128 45.50 47.39 17.38
C GLU C 128 45.75 46.07 18.08
N LEU C 129 44.70 45.50 18.69
CA LEU C 129 44.82 44.18 19.29
C LEU C 129 45.14 43.14 18.23
N SER C 130 46.17 42.36 18.47
CA SER C 130 46.63 41.39 17.49
C SER C 130 47.36 40.26 18.20
N ILE C 131 47.46 39.12 17.52
CA ILE C 131 48.33 38.03 17.95
C ILE C 131 49.60 38.08 17.11
N PHE C 132 50.74 37.89 17.78
CA PHE C 132 52.04 37.89 17.12
C PHE C 132 52.52 36.45 17.01
N PRO C 133 52.45 35.83 15.84
CA PRO C 133 52.85 34.43 15.73
C PRO C 133 54.34 34.24 15.93
N LYS C 134 54.68 33.11 16.55
CA LYS C 134 56.02 32.54 16.44
C LYS C 134 56.05 31.42 15.40
N GLU C 135 54.89 30.93 15.00
CA GLU C 135 54.76 29.89 14.00
C GLU C 135 53.35 29.97 13.42
N THR C 136 53.23 29.76 12.12
CA THR C 136 51.94 29.79 11.44
C THR C 136 51.81 28.54 10.59
N ILE C 137 50.78 27.74 10.87
CA ILE C 137 50.61 26.43 10.26
C ILE C 137 49.37 26.48 9.37
N LEU C 138 49.55 26.15 8.10
CA LEU C 138 48.41 26.08 7.18
C LEU C 138 47.59 24.84 7.50
N LEU C 139 46.30 25.04 7.77
CA LEU C 139 45.39 23.95 8.10
C LEU C 139 44.50 23.55 6.94
N SER C 140 44.03 24.51 6.13
CA SER C 140 43.21 24.20 4.97
C SER C 140 43.29 25.39 4.01
N ALA C 141 43.80 25.16 2.81
CA ALA C 141 43.95 26.22 1.84
C ALA C 141 42.64 26.52 1.12
N CYS C 142 42.44 27.80 0.80
CA CYS C 142 41.35 28.22 -0.07
C CYS C 142 41.90 28.27 -1.49
N LEU C 143 41.44 27.35 -2.34
CA LEU C 143 42.04 27.17 -3.66
C LEU C 143 41.53 28.18 -4.69
N HIS C 144 40.37 28.78 -4.47
CA HIS C 144 39.86 29.82 -5.34
C HIS C 144 40.09 31.20 -4.72
N MET C 145 40.03 32.22 -5.57
CA MET C 145 40.01 33.60 -5.08
C MET C 145 38.68 33.88 -4.41
N LEU C 146 38.71 34.26 -3.15
CA LEU C 146 37.49 34.67 -2.48
C LEU C 146 37.03 35.99 -3.10
N PRO C 147 35.76 36.11 -3.45
CA PRO C 147 35.26 37.41 -3.91
C PRO C 147 35.41 38.44 -2.79
N MET C 148 35.58 39.69 -3.17
CA MET C 148 35.86 40.71 -2.16
C MET C 148 34.55 41.27 -1.62
N LYS C 149 34.67 42.22 -0.68
CA LYS C 149 33.55 42.54 0.21
C LYS C 149 32.31 43.02 -0.55
N TYR C 150 32.51 43.80 -1.59
CA TYR C 150 31.39 44.25 -2.43
C TYR C 150 31.15 43.33 -3.62
N GLY C 151 31.85 42.19 -3.69
CA GLY C 151 31.77 41.33 -4.86
C GLY C 151 30.52 40.49 -4.96
N LEU C 152 29.77 40.35 -3.87
CA LEU C 152 28.53 39.57 -3.91
C LEU C 152 27.30 40.47 -3.91
N THR C 155 24.02 39.22 -8.10
CA THR C 155 24.14 37.80 -8.40
C THR C 155 23.34 36.96 -7.41
N GLU C 156 23.13 35.69 -7.75
CA GLU C 156 22.53 34.73 -6.83
C GLU C 156 23.55 33.70 -6.36
N ILE C 157 24.83 34.08 -6.34
CA ILE C 157 25.85 33.24 -5.73
C ILE C 157 25.55 33.04 -4.26
N ARG C 158 25.03 34.08 -3.59
CA ARG C 158 24.72 34.00 -2.18
C ARG C 158 23.71 32.89 -1.88
N TYR C 159 22.85 32.57 -2.85
CA TYR C 159 21.90 31.47 -2.70
C TYR C 159 22.46 30.13 -3.16
N ARG C 160 23.40 30.15 -4.12
CA ARG C 160 23.93 28.92 -4.68
C ARG C 160 25.19 28.43 -3.98
N GLN C 161 26.04 29.34 -3.51
CA GLN C 161 27.15 29.01 -2.63
C GLN C 161 26.98 29.89 -1.40
N ARG C 162 26.17 29.40 -0.45
CA ARG C 162 25.82 30.20 0.72
C ARG C 162 27.02 30.43 1.63
N TYR C 163 28.00 29.51 1.59
CA TYR C 163 29.18 29.65 2.42
C TYR C 163 29.98 30.90 2.04
N LEU C 164 30.01 31.23 0.75
CA LEU C 164 30.65 32.47 0.33
C LEU C 164 29.93 33.69 0.90
N ASP C 165 28.60 33.65 0.91
CA ASP C 165 27.83 34.76 1.45
C ASP C 165 28.04 34.91 2.95
N LEU C 166 28.14 33.79 3.66
CA LEU C 166 28.41 33.85 5.10
C LEU C 166 29.82 34.37 5.39
N LEU C 167 30.79 34.06 4.53
CA LEU C 167 32.16 34.47 4.79
C LEU C 167 32.37 35.96 4.57
N ILE C 168 31.77 36.52 3.52
CA ILE C 168 32.14 37.84 3.05
C ILE C 168 31.16 38.92 3.50
N ASN C 169 29.88 38.57 3.61
CA ASN C 169 28.84 39.54 3.94
C ASN C 169 28.46 39.41 5.40
N GLU C 170 28.70 40.47 6.17
CA GLU C 170 28.49 40.42 7.62
C GLU C 170 27.02 40.28 7.97
N SER C 171 26.13 40.94 7.22
CA SER C 171 24.71 40.94 7.57
C SER C 171 24.06 39.58 7.39
N SER C 172 24.63 38.71 6.55
CA SER C 172 24.02 37.41 6.31
C SER C 172 24.09 36.53 7.56
N ARG C 173 25.23 36.55 8.25
CA ARG C 173 25.34 35.82 9.51
C ARG C 173 24.32 36.32 10.53
N HIS C 174 24.15 37.64 10.62
CA HIS C 174 23.18 38.21 11.54
C HIS C 174 21.76 37.76 11.22
N THR C 175 21.42 37.72 9.93
CA THR C 175 20.09 37.28 9.51
C THR C 175 19.78 35.88 10.05
N PHE C 176 20.72 34.96 9.91
CA PHE C 176 20.48 33.57 10.28
C PHE C 176 20.62 33.34 11.78
N VAL C 177 21.42 34.16 12.46
CA VAL C 177 21.39 34.16 13.92
C VAL C 177 20.01 34.56 14.42
N THR C 178 19.44 35.62 13.82
CA THR C 178 18.12 36.07 14.23
C THR C 178 17.06 35.02 13.97
N ARG C 179 17.13 34.33 12.83
CA ARG C 179 16.19 33.25 12.54
C ARG C 179 16.20 32.20 13.65
N THR C 180 17.39 31.76 14.06
CA THR C 180 17.49 30.77 15.13
C THR C 180 16.97 31.33 16.45
N LYS C 181 17.25 32.61 16.72
CA LYS C 181 16.71 33.25 17.93
C LYS C 181 15.18 33.25 17.92
N ILE C 182 14.59 33.50 16.75
CA ILE C 182 13.12 33.50 16.64
C ILE C 182 12.57 32.13 17.01
N ILE C 183 13.13 31.06 16.41
CA ILE C 183 12.65 29.72 16.68
C ILE C 183 12.88 29.34 18.13
N ASN C 184 14.03 29.73 18.69
CA ASN C 184 14.29 29.48 20.11
C ASN C 184 13.26 30.16 20.99
N PHE C 185 12.95 31.43 20.70
CA PHE C 185 11.94 32.14 21.47
C PHE C 185 10.58 31.46 21.37
N LEU C 186 10.20 31.03 20.17
CA LEU C 186 8.92 30.36 19.98
C LEU C 186 8.85 29.07 20.79
N ARG C 187 9.88 28.23 20.71
CA ARG C 187 9.88 26.97 21.44
C ARG C 187 9.78 27.21 22.95
N ASN C 188 10.57 28.15 23.47
CA ASN C 188 10.51 28.45 24.91
C ASN C 188 9.17 29.06 25.28
N PHE C 189 8.61 29.90 24.40
CA PHE C 189 7.34 30.55 24.69
C PHE C 189 6.22 29.53 24.79
N LEU C 190 6.23 28.52 23.93
CA LEU C 190 5.22 27.46 24.01
C LEU C 190 5.51 26.51 25.17
N ASN C 191 6.79 26.19 25.40
CA ASN C 191 7.14 25.23 26.44
C ASN C 191 6.78 25.76 27.83
N GLU C 192 7.05 27.03 28.10
CA GLU C 192 6.71 27.62 29.39
C GLU C 192 5.22 27.56 29.68
N ARG C 193 4.39 27.49 28.64
CA ARG C 193 2.94 27.49 28.78
C ARG C 193 2.36 26.09 28.78
N GLY C 194 3.20 25.07 28.89
CA GLY C 194 2.74 23.70 29.04
C GLY C 194 2.51 22.94 27.77
N PHE C 195 2.89 23.49 26.62
CA PHE C 195 2.68 22.80 25.35
C PHE C 195 3.75 21.73 25.13
N PHE C 196 3.36 20.69 24.40
CA PHE C 196 4.18 19.50 24.24
C PHE C 196 4.62 19.36 22.79
N GLU C 197 5.93 19.45 22.55
CA GLU C 197 6.46 19.34 21.21
C GLU C 197 6.46 17.89 20.75
N VAL C 198 6.06 17.67 19.50
CA VAL C 198 5.93 16.34 18.92
C VAL C 198 6.41 16.37 17.47
N GLU C 199 6.55 15.18 16.90
CA GLU C 199 6.91 15.01 15.50
C GLU C 199 5.86 14.13 14.84
N THR C 200 5.21 14.65 13.80
CA THR C 200 4.21 13.95 13.03
C THR C 200 4.76 13.63 11.65
N PRO C 201 4.20 12.65 10.92
CA PRO C 201 4.85 12.16 9.71
C PRO C 201 4.93 13.23 8.64
N MET C 202 6.07 13.27 7.95
CA MET C 202 6.21 14.08 6.75
C MET C 202 5.76 13.35 5.49
N MET C 203 5.68 12.02 5.55
CA MET C 203 5.18 11.21 4.45
C MET C 203 3.85 10.60 4.88
N ASN C 204 2.80 10.83 4.08
CA ASN C 204 1.45 10.47 4.48
C ASN C 204 0.71 9.86 3.30
N LEU C 205 -0.28 9.02 3.62
CA LEU C 205 -1.14 8.46 2.57
C LEU C 205 -1.96 9.55 1.89
N ILE C 206 -2.26 10.63 2.60
CA ILE C 206 -2.99 11.77 2.05
C ILE C 206 -2.38 13.05 2.62
N ALA C 207 -2.47 14.13 1.85
CA ALA C 207 -1.95 15.43 2.24
C ALA C 207 -3.13 16.35 2.48
N GLY C 208 -3.46 16.57 3.76
CA GLY C 208 -4.55 17.45 4.15
C GLY C 208 -4.08 18.52 5.12
N GLY C 209 -5.05 19.33 5.56
CA GLY C 209 -4.77 20.43 6.46
C GLY C 209 -4.59 21.77 5.79
N ALA C 210 -4.65 21.83 4.46
CA ALA C 210 -4.52 23.07 3.70
C ALA C 210 -4.91 22.77 2.27
N ASN C 211 -5.07 23.83 1.47
CA ASN C 211 -5.38 23.70 0.05
C ASN C 211 -4.11 23.98 -0.75
N ALA C 212 -3.39 22.93 -1.09
CA ALA C 212 -2.18 23.06 -1.87
C ALA C 212 -1.89 21.73 -2.57
N ARG C 213 -1.28 21.81 -3.74
CA ARG C 213 -0.84 20.61 -4.44
C ARG C 213 0.34 20.00 -3.69
N PRO C 214 0.32 18.71 -3.40
CA PRO C 214 1.41 18.09 -2.65
C PRO C 214 2.50 17.52 -3.56
N PHE C 215 3.65 17.27 -2.94
CA PHE C 215 4.66 16.41 -3.55
C PHE C 215 4.26 14.96 -3.35
N ILE C 216 4.60 14.12 -4.32
CA ILE C 216 4.34 12.69 -4.23
C ILE C 216 5.65 11.94 -4.39
N THR C 217 5.84 10.91 -3.57
CA THR C 217 7.00 10.04 -3.65
C THR C 217 6.53 8.60 -3.53
N HIS C 218 7.47 7.67 -3.43
CA HIS C 218 7.14 6.25 -3.45
C HIS C 218 8.15 5.49 -2.59
N HIS C 219 7.62 4.56 -1.78
CA HIS C 219 8.45 3.65 -1.00
C HIS C 219 8.49 2.31 -1.71
N ASN C 220 9.70 1.84 -2.03
CA ASN C 220 9.85 0.63 -2.83
C ASN C 220 9.41 -0.61 -2.07
N ASP C 221 9.87 -0.74 -0.82
CA ASP C 221 9.66 -1.99 -0.09
C ASP C 221 8.18 -2.21 0.24
N LEU C 222 7.45 -1.14 0.53
CA LEU C 222 6.02 -1.24 0.77
C LEU C 222 5.20 -1.18 -0.51
N ASP C 223 5.81 -0.80 -1.63
CA ASP C 223 5.10 -0.57 -2.89
C ASP C 223 3.91 0.36 -2.67
N LEU C 224 4.22 1.56 -2.17
CA LEU C 224 3.22 2.47 -1.65
C LEU C 224 3.57 3.90 -2.04
N ASP C 225 2.64 4.58 -2.69
CA ASP C 225 2.81 6.01 -2.96
C ASP C 225 2.52 6.80 -1.70
N LEU C 226 3.30 7.86 -1.48
CA LEU C 226 3.16 8.70 -0.30
C LEU C 226 3.28 10.15 -0.73
N TYR C 227 2.56 11.01 0.00
CA TYR C 227 2.60 12.45 -0.25
C TYR C 227 3.34 13.15 0.88
N LEU C 228 4.15 14.13 0.52
CA LEU C 228 4.76 15.00 1.52
C LEU C 228 3.70 15.88 2.16
N ARG C 229 3.81 16.08 3.47
CA ARG C 229 2.80 16.84 4.17
C ARG C 229 2.78 18.28 3.68
N ILE C 230 1.56 18.79 3.44
CA ILE C 230 1.39 20.22 3.18
C ILE C 230 1.10 20.99 4.45
N ALA C 231 0.81 20.29 5.54
CA ALA C 231 0.54 20.91 6.83
C ALA C 231 0.62 19.82 7.89
N THR C 232 0.70 20.26 9.15
CA THR C 232 0.69 19.36 10.30
C THR C 232 -0.67 19.31 10.98
N GLU C 233 -1.68 19.94 10.37
CA GLU C 233 -2.95 20.18 11.07
C GLU C 233 -3.64 18.89 11.49
N LEU C 234 -3.85 17.97 10.54
CA LEU C 234 -4.68 16.80 10.83
C LEU C 234 -4.06 15.88 11.88
N PRO C 235 -2.81 15.41 11.76
CA PRO C 235 -2.26 14.56 12.83
C PRO C 235 -2.18 15.27 14.17
N LEU C 236 -1.94 16.58 14.19
CA LEU C 236 -1.90 17.31 15.45
C LEU C 236 -3.26 17.28 16.15
N LYS C 237 -4.35 17.37 15.38
CA LYS C 237 -5.67 17.26 15.96
C LYS C 237 -5.91 15.86 16.50
N MET C 238 -5.39 14.84 15.81
CA MET C 238 -5.52 13.47 16.31
C MET C 238 -4.84 13.30 17.66
N LEU C 239 -3.76 14.05 17.90
CA LEU C 239 -3.10 14.01 19.21
C LEU C 239 -3.95 14.69 20.28
N ILE C 240 -4.71 15.72 19.91
CA ILE C 240 -5.65 16.31 20.86
C ILE C 240 -6.69 15.28 21.28
N VAL C 241 -7.24 14.55 20.30
CA VAL C 241 -8.13 13.44 20.61
C VAL C 241 -7.44 12.45 21.54
N GLY C 242 -6.15 12.23 21.33
CA GLY C 242 -5.35 11.35 22.17
C GLY C 242 -5.06 11.87 23.56
N GLY C 243 -5.51 13.07 23.89
CA GLY C 243 -5.32 13.61 25.22
C GLY C 243 -4.11 14.48 25.43
N ILE C 244 -3.36 14.80 24.36
CA ILE C 244 -2.27 15.76 24.45
C ILE C 244 -2.90 17.13 24.21
N ASP C 245 -3.40 17.73 25.29
CA ASP C 245 -4.27 18.90 25.17
C ASP C 245 -3.52 20.16 24.74
N LYS C 246 -2.21 20.23 24.98
CA LYS C 246 -1.36 21.31 24.50
C LYS C 246 -0.24 20.68 23.68
N VAL C 247 -0.36 20.76 22.35
CA VAL C 247 0.55 20.05 21.45
C VAL C 247 0.95 20.99 20.32
N TYR C 248 2.20 20.86 19.87
CA TYR C 248 2.68 21.68 18.77
C TYR C 248 3.82 20.96 18.06
N GLU C 249 4.21 21.53 16.92
CA GLU C 249 5.27 20.98 16.07
C GLU C 249 5.89 22.11 15.29
N ILE C 250 7.22 22.18 15.31
CA ILE C 250 7.98 23.14 14.51
C ILE C 250 8.82 22.35 13.53
N GLY C 251 8.54 22.49 12.24
CA GLY C 251 9.25 21.70 11.26
C GLY C 251 8.85 22.07 9.85
N LYS C 252 9.41 21.33 8.90
CA LYS C 252 9.24 21.62 7.48
C LYS C 252 7.93 21.04 6.95
N VAL C 253 7.25 21.82 6.11
CA VAL C 253 6.14 21.34 5.30
C VAL C 253 6.43 21.69 3.86
N PHE C 254 5.74 21.01 2.94
CA PHE C 254 6.09 21.07 1.53
C PHE C 254 4.85 21.28 0.69
N ARG C 255 4.94 22.21 -0.26
CA ARG C 255 3.82 22.49 -1.16
C ARG C 255 4.35 22.61 -2.58
N ASN C 256 3.76 21.82 -3.49
CA ASN C 256 4.20 21.72 -4.88
C ASN C 256 3.50 22.81 -5.67
N GLU C 257 4.08 24.01 -5.64
CA GLU C 257 3.37 25.22 -6.04
C GLU C 257 4.33 26.14 -6.78
N GLY C 258 3.90 27.39 -6.94
CA GLY C 258 4.77 28.40 -7.49
C GLY C 258 5.81 28.87 -6.50
N ILE C 259 6.96 29.30 -7.03
CA ILE C 259 8.06 29.83 -6.25
C ILE C 259 8.11 31.34 -6.48
N ASP C 260 8.26 32.10 -5.41
CA ASP C 260 8.45 33.54 -5.53
C ASP C 260 9.08 34.05 -4.24
N ASN C 261 9.11 35.38 -4.09
CA ASN C 261 9.82 36.01 -2.98
C ASN C 261 9.21 35.68 -1.62
N THR C 262 8.02 35.09 -1.57
CA THR C 262 7.41 34.67 -0.32
C THR C 262 6.99 33.21 -0.34
N HIS C 263 7.52 32.43 -1.29
CA HIS C 263 7.15 31.02 -1.42
C HIS C 263 8.41 30.22 -1.73
N ASN C 264 8.82 29.37 -0.79
CA ASN C 264 9.81 28.33 -1.02
C ASN C 264 9.12 26.98 -1.02
N PRO C 265 9.45 26.08 -1.95
CA PRO C 265 8.75 24.78 -2.01
C PRO C 265 8.73 24.04 -0.70
N GLU C 266 9.80 24.13 0.09
CA GLU C 266 9.81 23.64 1.46
C GLU C 266 10.02 24.83 2.39
N PHE C 267 9.19 24.92 3.43
CA PHE C 267 9.26 26.05 4.35
C PHE C 267 8.87 25.56 5.74
N THR C 268 9.23 26.37 6.73
CA THR C 268 9.13 25.98 8.13
C THR C 268 7.91 26.62 8.77
N SER C 269 7.00 25.80 9.28
CA SER C 269 5.82 26.27 9.96
C SER C 269 5.85 25.81 11.42
N CYS C 270 5.10 26.53 12.25
CA CYS C 270 4.77 26.08 13.59
C CYS C 270 3.25 26.07 13.73
N GLU C 271 2.71 24.92 14.10
CA GLU C 271 1.30 24.80 14.42
C GLU C 271 1.16 24.30 15.85
N PHE C 272 0.29 24.93 16.62
CA PHE C 272 -0.05 24.44 17.95
C PHE C 272 -1.55 24.29 18.04
N TYR C 273 -1.98 23.33 18.87
CA TYR C 273 -3.40 23.12 19.11
C TYR C 273 -3.64 23.08 20.60
N TRP C 274 -4.70 23.76 21.03
CA TRP C 274 -4.88 24.16 22.42
C TRP C 274 -6.31 23.83 22.80
N ALA C 275 -6.50 22.67 23.43
CA ALA C 275 -7.84 22.22 23.78
C ALA C 275 -8.51 23.20 24.74
N TYR C 276 -9.80 23.41 24.53
CA TYR C 276 -10.67 24.27 25.35
C TYR C 276 -10.40 25.75 25.14
N ALA C 277 -9.60 26.10 24.13
CA ALA C 277 -9.45 27.46 23.69
C ALA C 277 -10.30 27.72 22.44
N ASP C 278 -10.61 28.98 22.21
CA ASP C 278 -11.27 29.37 20.96
C ASP C 278 -10.50 30.51 20.30
N TYR C 279 -11.04 31.07 19.22
CA TYR C 279 -10.27 32.04 18.45
C TYR C 279 -10.10 33.37 19.19
N ASN C 280 -10.88 33.62 20.23
CA ASN C 280 -10.59 34.76 21.09
C ASN C 280 -9.28 34.56 21.84
N ASP C 281 -9.06 33.35 22.35
CA ASP C 281 -7.76 33.00 22.95
C ASP C 281 -6.64 33.12 21.93
N LEU C 282 -6.92 32.73 20.68
CA LEU C 282 -5.88 32.72 19.66
C LEU C 282 -5.48 34.13 19.23
N ILE C 283 -6.45 35.04 19.17
CA ILE C 283 -6.13 36.44 18.89
C ILE C 283 -5.24 37.01 20.00
N LYS C 284 -5.58 36.73 21.25
CA LYS C 284 -4.76 37.22 22.35
C LYS C 284 -3.38 36.58 22.33
N TRP C 285 -3.30 35.27 22.07
CA TRP C 285 -2.01 34.62 21.93
C TRP C 285 -1.18 35.28 20.84
N SER C 286 -1.81 35.58 19.70
CA SER C 286 -1.09 36.20 18.59
C SER C 286 -0.52 37.56 18.98
N GLU C 287 -1.30 38.36 19.70
CA GLU C 287 -0.83 39.68 20.11
C GLU C 287 0.23 39.57 21.20
N ASP C 288 0.03 38.66 22.15
CA ASP C 288 1.05 38.43 23.18
C ASP C 288 2.37 37.98 22.55
N PHE C 289 2.30 37.03 21.62
CA PHE C 289 3.53 36.42 21.09
C PHE C 289 4.32 37.41 20.26
N PHE C 290 3.69 38.04 19.27
CA PHE C 290 4.43 38.90 18.36
C PHE C 290 4.97 40.13 19.05
N SER C 291 4.21 40.70 19.99
CA SER C 291 4.69 41.88 20.71
C SER C 291 5.89 41.54 21.59
N GLN C 292 5.85 40.40 22.28
CA GLN C 292 6.98 40.02 23.11
C GLN C 292 8.16 39.51 22.28
N LEU C 293 7.89 38.88 21.14
CA LEU C 293 8.98 38.45 20.26
C LEU C 293 9.77 39.64 19.75
N VAL C 294 9.08 40.66 19.24
CA VAL C 294 9.76 41.82 18.68
C VAL C 294 10.53 42.57 19.76
N TYR C 295 9.91 42.76 20.92
CA TYR C 295 10.62 43.42 22.01
C TYR C 295 11.82 42.59 22.47
N HIS C 296 11.69 41.27 22.42
CA HIS C 296 12.80 40.40 22.80
C HIS C 296 14.00 40.60 21.90
N LEU C 297 13.77 40.87 20.62
CA LEU C 297 14.85 40.99 19.65
C LEU C 297 15.42 42.41 19.58
N PHE C 298 14.57 43.43 19.68
CA PHE C 298 15.01 44.81 19.46
C PHE C 298 14.91 45.73 20.66
N GLY C 299 14.28 45.30 21.75
CA GLY C 299 14.07 46.21 22.86
C GLY C 299 13.06 47.29 22.58
N THR C 300 12.21 47.10 21.57
CA THR C 300 11.20 48.06 21.18
C THR C 300 10.12 47.32 20.41
N TYR C 301 8.96 47.96 20.28
CA TYR C 301 7.86 47.36 19.53
C TYR C 301 7.80 47.82 18.09
N LYS C 302 8.56 48.85 17.71
CA LYS C 302 8.51 49.43 16.38
C LYS C 302 9.82 49.17 15.66
N ILE C 303 9.74 48.56 14.47
CA ILE C 303 10.89 48.24 13.66
C ILE C 303 10.73 48.90 12.30
N SER C 304 11.86 49.10 11.62
CA SER C 304 11.86 49.59 10.26
C SER C 304 11.92 48.43 9.28
N TYR C 305 11.17 48.53 8.18
CA TYR C 305 11.15 47.49 7.17
C TYR C 305 11.06 48.13 5.80
N ASN C 306 11.88 47.66 4.86
CA ASN C 306 11.89 48.16 3.49
C ASN C 306 10.97 47.30 2.65
N LYS C 307 9.68 47.62 2.70
CA LYS C 307 8.66 46.86 1.98
C LYS C 307 8.98 46.77 0.49
N ASP C 308 9.35 47.89 -0.13
CA ASP C 308 9.57 47.97 -1.56
C ASP C 308 11.05 47.96 -1.93
N GLY C 309 11.90 47.40 -1.08
CA GLY C 309 13.32 47.30 -1.36
C GLY C 309 14.12 48.35 -0.62
N PRO C 310 15.43 48.12 -0.49
CA PRO C 310 16.28 49.10 0.20
C PRO C 310 16.35 50.45 -0.50
N GLU C 311 16.10 50.50 -1.80
CA GLU C 311 16.17 51.76 -2.54
C GLU C 311 14.95 52.64 -2.32
N ASN C 312 13.86 52.07 -1.80
CA ASN C 312 12.62 52.80 -1.61
C ASN C 312 12.44 53.17 -0.14
N GLN C 313 11.47 54.04 0.11
CA GLN C 313 11.22 54.53 1.45
C GLN C 313 10.85 53.39 2.38
N PRO C 314 11.50 53.26 3.53
CA PRO C 314 11.09 52.25 4.51
C PRO C 314 9.83 52.69 5.23
N ILE C 315 9.24 51.74 5.95
CA ILE C 315 8.09 52.01 6.80
C ILE C 315 8.36 51.44 8.19
N GLU C 316 7.72 52.04 9.18
CA GLU C 316 7.76 51.51 10.54
C GLU C 316 6.63 50.50 10.72
N ILE C 317 6.96 49.38 11.37
CA ILE C 317 5.97 48.41 11.81
C ILE C 317 5.85 48.55 13.32
N ASP C 318 4.67 48.92 13.79
CA ASP C 318 4.41 49.05 15.21
C ASP C 318 3.73 47.78 15.69
N PHE C 319 4.44 46.99 16.49
CA PHE C 319 3.91 45.74 17.02
C PHE C 319 3.23 45.91 18.38
N THR C 320 3.05 47.15 18.82
CA THR C 320 2.35 47.40 20.08
C THR C 320 0.93 46.89 19.98
N PRO C 321 0.48 46.02 20.87
CA PRO C 321 -0.88 45.48 20.78
C PRO C 321 -1.87 46.43 21.43
N PRO C 322 -3.16 46.31 21.11
CA PRO C 322 -3.79 45.35 20.19
C PRO C 322 -3.63 45.74 18.71
N TYR C 323 -3.88 44.77 17.82
CA TYR C 323 -3.86 44.91 16.38
C TYR C 323 -5.29 44.95 15.84
N PRO C 324 -5.56 45.75 14.81
CA PRO C 324 -6.93 45.85 14.30
C PRO C 324 -7.46 44.51 13.80
N LYS C 325 -8.76 44.31 13.98
CA LYS C 325 -9.46 43.14 13.48
C LYS C 325 -10.42 43.60 12.38
N VAL C 326 -10.41 42.90 11.25
CA VAL C 326 -11.11 43.33 10.05
C VAL C 326 -11.86 42.12 9.48
N SER C 327 -13.18 42.20 9.46
CA SER C 327 -14.01 41.11 8.96
C SER C 327 -14.01 41.14 7.44
N ILE C 328 -13.81 39.97 6.82
CA ILE C 328 -13.52 39.93 5.39
C ILE C 328 -14.75 40.28 4.57
N VAL C 329 -15.88 39.61 4.80
CA VAL C 329 -17.08 39.86 4.01
C VAL C 329 -17.58 41.29 4.23
N GLU C 330 -17.46 41.79 5.46
CA GLU C 330 -17.96 43.12 5.77
C GLU C 330 -17.16 44.20 5.07
N GLU C 331 -15.83 44.05 5.02
CA GLU C 331 -14.98 45.08 4.42
C GLU C 331 -15.03 45.04 2.90
N ILE C 332 -15.08 43.84 2.30
CA ILE C 332 -15.32 43.75 0.86
C ILE C 332 -16.58 44.51 0.48
N GLU C 333 -17.63 44.33 1.28
CA GLU C 333 -18.89 45.04 1.04
C GLU C 333 -18.72 46.54 1.27
N LYS C 334 -17.94 46.92 2.28
CA LYS C 334 -17.75 48.32 2.59
C LYS C 334 -16.97 49.04 1.47
N VAL C 335 -15.82 48.47 1.07
CA VAL C 335 -14.96 49.13 0.11
C VAL C 335 -15.56 49.12 -1.30
N THR C 336 -16.50 48.21 -1.58
CA THR C 336 -17.08 48.10 -2.91
C THR C 336 -18.51 48.58 -3.00
N ASN C 337 -19.12 48.98 -1.89
CA ASN C 337 -20.49 49.50 -1.87
C ASN C 337 -21.51 48.45 -2.33
N THR C 338 -21.14 47.17 -2.29
CA THR C 338 -22.02 46.10 -2.72
C THR C 338 -22.36 45.19 -1.56
N ILE C 339 -23.41 44.39 -1.74
CA ILE C 339 -23.81 43.38 -0.78
C ILE C 339 -23.65 42.02 -1.46
N LEU C 340 -23.00 41.07 -0.81
CA LEU C 340 -22.83 39.77 -1.42
C LEU C 340 -23.67 38.86 -0.61
N GLU C 341 -24.82 38.50 -1.13
CA GLU C 341 -25.74 37.67 -0.39
C GLU C 341 -25.37 36.23 -0.37
N GLN C 342 -25.68 35.58 0.73
CA GLN C 342 -25.44 34.20 0.89
C GLN C 342 -26.47 33.36 0.19
N PRO C 343 -26.15 32.17 -0.24
CA PRO C 343 -24.83 31.55 -0.28
C PRO C 343 -23.80 32.17 -1.21
N PHE C 344 -22.57 32.12 -0.80
CA PHE C 344 -21.51 32.67 -1.60
C PHE C 344 -21.41 31.93 -2.90
N ASP C 345 -21.60 30.63 -2.89
CA ASP C 345 -21.47 29.93 -4.16
C ASP C 345 -22.74 30.00 -5.01
N SER C 346 -23.73 30.80 -4.63
CA SER C 346 -24.85 31.08 -5.52
C SER C 346 -24.36 31.90 -6.70
N ASN C 347 -24.86 31.57 -7.88
CA ASN C 347 -24.33 32.18 -9.08
C ASN C 347 -24.67 33.67 -9.18
N GLU C 348 -25.71 34.12 -8.48
CA GLU C 348 -26.00 35.56 -8.48
C GLU C 348 -24.88 36.34 -7.80
N THR C 349 -24.36 35.81 -6.70
CA THR C 349 -23.31 36.50 -5.96
C THR C 349 -21.92 36.24 -6.51
N ILE C 350 -21.73 35.18 -7.28
CA ILE C 350 -20.44 34.94 -7.93
C ILE C 350 -20.26 35.91 -9.10
N GLU C 351 -21.29 36.08 -9.92
CA GLU C 351 -21.25 37.11 -10.94
C GLU C 351 -21.09 38.49 -10.32
N LYS C 352 -21.71 38.73 -9.17
CA LYS C 352 -21.53 39.99 -8.47
C LYS C 352 -20.07 40.20 -8.08
N MET C 353 -19.42 39.15 -7.58
CA MET C 353 -18.00 39.25 -7.23
C MET C 353 -17.14 39.39 -8.48
N ILE C 354 -17.49 38.67 -9.55
CA ILE C 354 -16.75 38.79 -10.80
C ILE C 354 -16.85 40.21 -11.35
N ASN C 355 -18.04 40.82 -11.26
CA ASN C 355 -18.20 42.17 -11.76
C ASN C 355 -17.46 43.19 -10.91
N ILE C 356 -17.26 42.92 -9.62
CA ILE C 356 -16.42 43.77 -8.80
C ILE C 356 -14.98 43.73 -9.32
N ILE C 357 -14.53 42.56 -9.74
CA ILE C 357 -13.14 42.38 -10.16
C ILE C 357 -12.89 43.05 -11.50
N LYS C 358 -13.86 42.95 -12.42
CA LYS C 358 -13.68 43.54 -13.75
C LYS C 358 -13.82 45.06 -13.72
N GLU C 359 -14.63 45.60 -12.81
CA GLU C 359 -14.74 47.04 -12.67
C GLU C 359 -13.45 47.66 -12.13
N HIS C 360 -12.63 46.88 -11.41
CA HIS C 360 -11.39 47.37 -10.84
C HIS C 360 -10.17 46.78 -11.54
N LYS C 361 -10.35 46.20 -12.73
CA LYS C 361 -9.28 45.73 -13.59
C LYS C 361 -8.43 44.64 -12.92
N ILE C 362 -8.97 43.97 -11.91
CA ILE C 362 -8.24 42.88 -11.27
C ILE C 362 -8.34 41.63 -12.15
N GLU C 363 -7.35 40.75 -12.01
CA GLU C 363 -7.35 39.50 -12.76
C GLU C 363 -8.42 38.56 -12.21
N LEU C 364 -9.09 37.85 -13.11
CA LEU C 364 -10.04 36.84 -12.68
C LEU C 364 -9.28 35.57 -12.29
N PRO C 365 -9.51 35.02 -11.10
CA PRO C 365 -8.89 33.73 -10.77
C PRO C 365 -9.24 32.70 -11.83
N ASN C 366 -8.23 31.94 -12.27
CA ASN C 366 -8.39 31.15 -13.48
C ASN C 366 -9.57 30.19 -13.39
N PRO C 367 -9.72 29.34 -12.36
CA PRO C 367 -11.06 28.84 -12.03
C PRO C 367 -11.77 29.82 -11.11
N PRO C 368 -12.91 30.38 -11.53
CA PRO C 368 -13.58 31.41 -10.71
C PRO C 368 -14.58 30.82 -9.71
N THR C 369 -14.08 30.04 -8.76
CA THR C 369 -14.95 29.54 -7.70
C THR C 369 -15.14 30.61 -6.63
N ALA C 370 -16.18 30.41 -5.81
CA ALA C 370 -16.55 31.40 -4.80
C ALA C 370 -15.40 31.68 -3.85
N ALA C 371 -14.68 30.65 -3.41
CA ALA C 371 -13.60 30.84 -2.46
C ALA C 371 -12.43 31.60 -3.10
N LYS C 372 -12.02 31.19 -4.30
CA LYS C 372 -10.92 31.87 -4.98
C LYS C 372 -11.28 33.31 -5.34
N LEU C 373 -12.56 33.58 -5.62
CA LEU C 373 -12.98 34.94 -5.91
C LEU C 373 -12.91 35.81 -4.65
N LEU C 374 -13.41 35.29 -3.53
CA LEU C 374 -13.34 36.02 -2.27
C LEU C 374 -11.90 36.29 -1.87
N ASP C 375 -11.01 35.32 -2.08
CA ASP C 375 -9.61 35.53 -1.73
C ASP C 375 -8.97 36.57 -2.64
N GLN C 376 -9.32 36.57 -3.93
CA GLN C 376 -8.82 37.60 -4.83
C GLN C 376 -9.36 38.98 -4.44
N LEU C 377 -10.61 39.03 -3.96
CA LEU C 377 -11.14 40.28 -3.44
C LEU C 377 -10.41 40.71 -2.17
N ALA C 378 -10.14 39.75 -1.28
CA ALA C 378 -9.40 40.08 -0.06
C ALA C 378 -7.98 40.53 -0.38
N SER C 379 -7.33 39.87 -1.32
CA SER C 379 -5.95 40.19 -1.66
C SER C 379 -5.79 41.59 -2.23
N HIS C 380 -6.85 42.16 -2.81
CA HIS C 380 -6.78 43.46 -3.45
C HIS C 380 -7.40 44.58 -2.63
N PHE C 381 -8.39 44.29 -1.79
CA PHE C 381 -9.16 45.33 -1.13
C PHE C 381 -8.91 45.44 0.37
N ILE C 382 -8.38 44.40 1.02
CA ILE C 382 -8.22 44.37 2.48
C ILE C 382 -6.77 44.15 2.88
N GLU C 383 -6.10 43.18 2.26
CA GLU C 383 -4.84 42.66 2.79
C GLU C 383 -3.72 43.70 2.82
N ASN C 384 -3.89 44.83 2.14
CA ASN C 384 -2.92 45.93 2.21
C ASN C 384 -3.48 47.14 2.95
N LYS C 385 -4.50 46.95 3.79
CA LYS C 385 -5.13 48.08 4.48
C LYS C 385 -4.17 48.70 5.49
N TYR C 386 -3.37 47.89 6.17
CA TYR C 386 -2.45 48.38 7.19
C TYR C 386 -1.04 47.90 6.88
N ASN C 387 -0.11 48.84 6.79
CA ASN C 387 1.30 48.52 6.66
C ASN C 387 2.13 48.95 7.86
N ASP C 388 1.69 49.98 8.60
CA ASP C 388 2.41 50.44 9.77
C ASP C 388 2.20 49.55 10.98
N LYS C 389 1.34 48.54 10.89
CA LYS C 389 1.06 47.66 12.02
C LYS C 389 0.56 46.33 11.48
N PRO C 390 0.81 45.23 12.17
CA PRO C 390 0.13 43.98 11.82
C PRO C 390 -1.36 44.08 12.10
N PHE C 391 -2.13 43.25 11.40
CA PHE C 391 -3.58 43.27 11.62
C PHE C 391 -4.15 41.91 11.24
N PHE C 392 -5.37 41.66 11.72
CA PHE C 392 -6.06 40.40 11.52
C PHE C 392 -7.18 40.57 10.50
N ILE C 393 -7.31 39.59 9.62
CA ILE C 393 -8.52 39.41 8.82
C ILE C 393 -9.30 38.25 9.42
N VAL C 394 -10.54 38.49 9.81
CA VAL C 394 -11.27 37.55 10.65
C VAL C 394 -12.57 37.13 9.97
N GLU C 395 -13.13 36.02 10.48
CA GLU C 395 -14.50 35.59 10.17
C GLU C 395 -14.66 35.21 8.70
N HIS C 396 -13.71 34.41 8.20
CA HIS C 396 -13.75 33.95 6.83
C HIS C 396 -14.99 33.08 6.58
N PRO C 397 -15.57 33.16 5.38
CA PRO C 397 -16.70 32.29 5.03
C PRO C 397 -16.36 30.81 5.20
N GLN C 398 -17.40 30.02 5.48
CA GLN C 398 -17.24 28.57 5.62
C GLN C 398 -16.69 27.93 4.36
N ILE C 399 -17.04 28.47 3.19
CA ILE C 399 -16.56 27.88 1.94
C ILE C 399 -15.08 28.12 1.74
N MET C 400 -14.50 29.11 2.42
CA MET C 400 -13.06 29.33 2.41
C MET C 400 -12.33 28.53 3.49
N SER C 401 -13.05 27.91 4.42
CA SER C 401 -12.46 27.39 5.65
C SER C 401 -13.06 26.03 5.98
N PRO C 402 -12.69 24.99 5.23
CA PRO C 402 -13.30 23.67 5.44
C PRO C 402 -13.00 23.05 6.79
N LEU C 403 -11.99 23.52 7.51
CA LEU C 403 -11.64 22.94 8.81
C LEU C 403 -11.91 23.87 9.98
N ALA C 404 -12.48 25.04 9.74
CA ALA C 404 -12.78 25.99 10.81
C ALA C 404 -14.22 25.81 11.27
N LYS C 405 -14.44 25.97 12.57
CA LYS C 405 -15.77 25.81 13.13
C LYS C 405 -16.67 26.98 12.74
N TYR C 406 -17.94 26.68 12.51
CA TYR C 406 -18.91 27.71 12.16
C TYR C 406 -19.03 28.75 13.27
N HIS C 407 -19.35 29.97 12.86
CA HIS C 407 -19.42 31.10 13.77
C HIS C 407 -20.59 30.97 14.72
N ARG C 408 -20.41 31.36 15.95
CA ARG C 408 -21.45 31.23 16.90
C ARG C 408 -22.70 31.97 16.54
N THR C 409 -22.59 33.15 15.97
CA THR C 409 -23.73 34.03 15.74
C THR C 409 -23.87 34.52 14.31
N LYS C 410 -22.86 34.35 13.46
CA LYS C 410 -22.91 34.88 12.10
C LYS C 410 -23.01 33.72 11.12
N PRO C 411 -24.18 33.48 10.52
CA PRO C 411 -24.33 32.33 9.62
C PRO C 411 -23.42 32.42 8.40
N GLY C 412 -22.97 31.26 7.94
CA GLY C 412 -22.10 31.16 6.79
C GLY C 412 -20.64 31.42 7.08
N LEU C 413 -20.32 32.08 8.19
CA LEU C 413 -18.95 32.45 8.52
C LEU C 413 -18.33 31.40 9.43
N THR C 414 -17.03 31.60 9.71
CA THR C 414 -16.30 30.76 10.64
C THR C 414 -15.56 31.64 11.64
N GLU C 415 -15.04 30.99 12.69
CA GLU C 415 -14.32 31.69 13.74
C GLU C 415 -12.82 31.64 13.45
N ARG C 416 -12.45 32.31 12.36
CA ARG C 416 -11.11 32.24 11.79
C ARG C 416 -10.44 33.59 11.85
N LEU C 417 -9.10 33.57 11.92
CA LEU C 417 -8.29 34.78 11.88
C LEU C 417 -7.05 34.52 11.06
N GLU C 418 -6.61 35.53 10.31
CA GLU C 418 -5.34 35.51 9.60
C GLU C 418 -4.64 36.83 9.86
N MET C 419 -3.39 36.77 10.31
CA MET C 419 -2.63 37.98 10.58
C MET C 419 -1.70 38.28 9.41
N PHE C 420 -1.66 39.54 9.01
CA PHE C 420 -0.84 39.98 7.90
C PHE C 420 0.18 41.01 8.36
N ILE C 421 1.34 40.99 7.71
CA ILE C 421 2.37 42.00 7.89
C ILE C 421 2.77 42.48 6.51
N CYS C 422 2.58 43.77 6.23
CA CYS C 422 2.88 44.37 4.93
C CYS C 422 2.26 43.57 3.79
N GLY C 423 1.02 43.12 3.98
CA GLY C 423 0.30 42.42 2.94
C GLY C 423 0.63 40.96 2.78
N LYS C 424 1.41 40.37 3.69
CA LYS C 424 1.80 38.97 3.61
C LYS C 424 1.20 38.19 4.78
N GLU C 425 0.64 37.03 4.48
CA GLU C 425 0.04 36.18 5.50
C GLU C 425 1.15 35.46 6.27
N VAL C 426 1.18 35.66 7.59
CA VAL C 426 2.14 34.99 8.45
C VAL C 426 1.48 34.09 9.48
N LEU C 427 0.16 34.14 9.62
CA LEU C 427 -0.54 33.47 10.71
C LEU C 427 -1.92 33.04 10.23
N ASN C 428 -2.31 31.81 10.62
CA ASN C 428 -3.63 31.27 10.27
C ASN C 428 -4.11 30.46 11.45
N ALA C 429 -5.30 30.80 11.96
CA ALA C 429 -5.80 30.21 13.19
C ALA C 429 -7.32 30.28 13.18
N TYR C 430 -7.94 29.36 13.92
CA TYR C 430 -9.39 29.35 14.04
C TYR C 430 -9.84 28.33 15.08
N THR C 431 -11.05 28.56 15.59
CA THR C 431 -11.75 27.55 16.36
C THR C 431 -11.92 26.30 15.50
N GLU C 432 -11.51 25.16 16.02
CA GLU C 432 -11.45 23.95 15.22
C GLU C 432 -12.82 23.31 15.08
N LEU C 433 -13.14 22.89 13.86
CA LEU C 433 -14.35 22.11 13.58
C LEU C 433 -14.18 20.72 14.18
N ASN C 434 -14.99 20.41 15.20
CA ASN C 434 -14.91 19.12 15.87
C ASN C 434 -16.18 18.29 15.73
N ASP C 435 -17.13 18.74 14.91
CA ASP C 435 -18.32 17.96 14.61
C ASP C 435 -18.04 17.10 13.38
N PRO C 436 -17.90 15.78 13.51
CA PRO C 436 -17.59 14.96 12.33
C PRO C 436 -18.66 15.02 11.25
N PHE C 437 -19.92 15.25 11.62
CA PHE C 437 -20.97 15.29 10.61
C PHE C 437 -20.93 16.58 9.79
N LYS C 438 -20.51 17.69 10.42
CA LYS C 438 -20.24 18.90 9.67
C LYS C 438 -18.93 18.83 8.91
N GLN C 439 -18.03 17.92 9.29
CA GLN C 439 -16.69 17.91 8.70
C GLN C 439 -16.68 17.20 7.35
N LYS C 440 -17.19 15.96 7.28
CA LYS C 440 -17.21 15.28 5.99
C LYS C 440 -18.10 16.02 4.99
N GLU C 441 -19.17 16.65 5.47
CA GLU C 441 -19.95 17.53 4.61
C GLU C 441 -19.08 18.67 4.08
N CYS C 442 -18.22 19.23 4.94
CA CYS C 442 -17.22 20.18 4.45
C CYS C 442 -16.22 19.49 3.53
N PHE C 443 -15.89 18.23 3.81
CA PHE C 443 -15.03 17.47 2.92
C PHE C 443 -15.77 17.09 1.63
N LYS C 444 -17.04 16.72 1.75
CA LYS C 444 -17.80 16.33 0.57
C LYS C 444 -18.01 17.51 -0.38
N LEU C 445 -18.23 18.70 0.18
CA LEU C 445 -18.35 19.89 -0.66
C LEU C 445 -17.01 20.26 -1.28
N GLN C 446 -15.91 19.92 -0.62
CA GLN C 446 -14.57 20.24 -1.11
C GLN C 446 -13.96 19.14 -1.98
N GLN C 447 -14.18 17.87 -1.62
CA GLN C 447 -13.55 16.80 -2.37
C GLN C 447 -14.36 16.41 -3.60
N LYS C 448 -15.69 16.40 -3.49
CA LYS C 448 -16.55 16.00 -4.60
C LYS C 448 -16.99 17.20 -5.43
N ASP C 449 -17.53 18.22 -4.79
CA ASP C 449 -18.08 19.35 -5.52
C ASP C 449 -17.01 20.35 -5.97
N ARG C 450 -15.89 20.45 -5.24
CA ARG C 450 -14.94 21.52 -5.51
C ARG C 450 -13.81 21.12 -6.44
N GLU C 451 -13.36 19.86 -6.39
CA GLU C 451 -12.36 19.39 -7.35
C GLU C 451 -12.96 19.26 -8.75
N ALA C 458 -8.49 19.64 -1.23
CA ALA C 458 -7.92 18.54 -0.47
C ALA C 458 -8.88 17.35 -0.41
N GLN C 459 -8.33 16.15 -0.56
CA GLN C 459 -9.13 14.94 -0.45
C GLN C 459 -9.42 14.61 1.00
N LEU C 460 -10.48 13.83 1.21
CA LEU C 460 -10.90 13.47 2.56
C LEU C 460 -9.97 12.43 3.15
N ASP C 461 -9.52 12.67 4.39
CA ASP C 461 -8.74 11.71 5.14
C ASP C 461 -9.69 10.90 6.03
N SER C 462 -9.84 9.61 5.72
CA SER C 462 -10.68 8.76 6.56
C SER C 462 -10.07 8.54 7.93
N ALA C 463 -8.73 8.56 8.03
CA ALA C 463 -8.08 8.44 9.32
C ALA C 463 -8.39 9.63 10.22
N PHE C 464 -8.35 10.84 9.66
CA PHE C 464 -8.67 12.03 10.44
C PHE C 464 -10.15 12.06 10.82
N CYS C 465 -11.04 11.72 9.88
CA CYS C 465 -12.47 11.76 10.17
C CYS C 465 -12.86 10.71 11.19
N THR C 466 -12.20 9.55 11.17
CA THR C 466 -12.49 8.50 12.15
C THR C 466 -12.07 8.92 13.55
N SER C 467 -10.88 9.52 13.68
CA SER C 467 -10.47 10.04 14.98
C SER C 467 -11.42 11.13 15.46
N LEU C 468 -11.98 11.91 14.53
CA LEU C 468 -12.87 13.00 14.90
C LEU C 468 -14.14 12.50 15.56
N GLU C 469 -14.60 11.30 15.22
CA GLU C 469 -15.81 10.75 15.81
C GLU C 469 -15.54 9.98 17.10
N TYR C 470 -14.29 9.95 17.57
CA TYR C 470 -13.99 9.52 18.92
C TYR C 470 -14.08 10.66 19.92
N GLY C 471 -14.33 11.88 19.45
CA GLY C 471 -14.49 13.04 20.30
C GLY C 471 -13.27 13.93 20.32
N LEU C 472 -13.33 15.01 19.55
CA LEU C 472 -12.33 16.07 19.62
C LEU C 472 -12.88 17.18 20.50
N PRO C 473 -12.25 17.50 21.62
CA PRO C 473 -12.77 18.56 22.48
C PRO C 473 -12.79 19.89 21.75
N PRO C 474 -13.59 20.85 22.22
CA PRO C 474 -13.50 22.20 21.66
C PRO C 474 -12.06 22.69 21.73
N THR C 475 -11.55 23.15 20.59
CA THR C 475 -10.12 23.36 20.45
C THR C 475 -9.87 24.58 19.56
N GLY C 476 -8.82 25.32 19.89
CA GLY C 476 -8.31 26.38 19.04
C GLY C 476 -6.94 26.02 18.52
N GLY C 477 -6.72 26.23 17.23
CA GLY C 477 -5.47 25.91 16.58
C GLY C 477 -4.92 27.10 15.83
N LEU C 478 -3.60 27.12 15.68
CA LEU C 478 -2.91 28.27 15.10
C LEU C 478 -1.68 27.79 14.35
N GLY C 479 -1.40 28.44 13.22
CA GLY C 479 -0.21 28.14 12.45
C GLY C 479 0.55 29.41 12.13
N LEU C 480 1.88 29.29 12.08
CA LEU C 480 2.77 30.40 11.77
C LEU C 480 3.69 30.04 10.62
N GLY C 481 3.97 31.04 9.77
CA GLY C 481 5.00 30.90 8.76
C GLY C 481 6.30 31.50 9.25
N ILE C 482 7.24 30.66 9.68
CA ILE C 482 8.41 31.14 10.39
C ILE C 482 9.33 31.91 9.45
N ASP C 483 9.46 31.47 8.22
CA ASP C 483 10.31 32.12 7.24
C ASP C 483 9.83 33.53 6.92
N ARG C 484 8.55 33.68 6.77
CA ARG C 484 8.00 35.00 6.51
C ARG C 484 8.19 35.92 7.70
N ILE C 485 7.98 35.40 8.91
CA ILE C 485 8.20 36.20 10.12
C ILE C 485 9.65 36.66 10.20
N THR C 486 10.60 35.74 9.91
CA THR C 486 12.01 36.10 9.92
C THR C 486 12.31 37.19 8.90
N MET C 487 11.65 37.15 7.75
CA MET C 487 11.84 38.18 6.72
C MET C 487 11.61 39.56 7.28
N PHE C 488 10.47 39.76 7.95
CA PHE C 488 10.12 41.10 8.43
C PHE C 488 11.01 41.52 9.60
N LEU C 489 11.52 40.56 10.37
CA LEU C 489 12.36 40.87 11.52
C LEU C 489 13.85 40.90 11.18
N THR C 490 14.21 40.61 9.93
CA THR C 490 15.58 40.82 9.46
C THR C 490 15.65 41.83 8.32
N ASN C 491 14.55 42.51 8.03
CA ASN C 491 14.48 43.52 6.96
C ASN C 491 14.87 42.92 5.61
N LYS C 492 14.35 41.74 5.32
CA LYS C 492 14.52 41.10 4.02
C LYS C 492 13.16 40.97 3.33
N ASN C 493 13.17 41.13 2.00
CA ASN C 493 11.95 41.04 1.22
C ASN C 493 11.95 39.86 0.24
N SER C 494 12.87 38.92 0.39
CA SER C 494 12.80 37.64 -0.30
C SER C 494 13.00 36.51 0.71
N ILE C 495 12.15 35.48 0.61
CA ILE C 495 12.30 34.31 1.46
C ILE C 495 13.64 33.61 1.23
N LYS C 496 14.23 33.79 0.05
CA LYS C 496 15.56 33.24 -0.22
C LYS C 496 16.62 33.81 0.71
N ASP C 497 16.37 34.99 1.29
CA ASP C 497 17.35 35.64 2.16
C ASP C 497 17.33 35.10 3.58
N VAL C 498 16.33 34.29 3.96
CA VAL C 498 16.22 33.76 5.31
C VAL C 498 16.23 32.24 5.33
N ILE C 499 16.48 31.61 4.18
CA ILE C 499 16.66 30.17 4.08
C ILE C 499 18.07 29.93 3.57
N LEU C 500 18.82 29.09 4.30
CA LEU C 500 20.25 28.91 4.01
C LEU C 500 20.48 28.45 2.58
N PHE C 501 19.73 27.42 2.15
CA PHE C 501 19.83 26.90 0.78
C PHE C 501 18.43 26.87 0.17
N PRO C 502 17.97 27.98 -0.39
CA PRO C 502 16.64 27.99 -1.00
C PRO C 502 16.62 27.21 -2.30
N THR C 503 15.42 26.76 -2.67
CA THR C 503 15.23 25.95 -3.87
C THR C 503 15.51 26.80 -5.11
N MET C 504 16.62 26.50 -5.78
CA MET C 504 17.01 27.20 -6.99
C MET C 504 16.87 26.27 -8.20
N ARG C 505 16.53 26.87 -9.34
CA ARG C 505 16.60 26.13 -10.59
C ARG C 505 18.06 25.81 -10.88
N PRO C 506 18.39 24.56 -11.19
CA PRO C 506 19.80 24.19 -11.36
C PRO C 506 20.44 24.96 -12.51
N ALA C 507 21.77 25.07 -12.42
CA ALA C 507 22.55 25.85 -13.39
C ALA C 507 22.35 25.35 -14.82
N VAL D 3 -22.85 -6.54 22.49
CA VAL D 3 -22.67 -5.18 22.02
C VAL D 3 -21.98 -5.17 20.65
N ASP D 4 -22.75 -4.87 19.61
CA ASP D 4 -22.22 -4.82 18.25
C ASP D 4 -21.73 -3.41 17.94
N PRO D 5 -20.44 -3.22 17.69
CA PRO D 5 -19.93 -1.85 17.47
C PRO D 5 -20.56 -1.13 16.29
N ARG D 6 -21.06 -1.86 15.30
CA ARG D 6 -21.61 -1.22 14.10
C ARG D 6 -22.78 -0.30 14.44
N LEU D 7 -23.85 -0.86 15.02
CA LEU D 7 -25.02 -0.06 15.34
C LEU D 7 -24.87 0.72 16.64
N TYR D 8 -23.83 0.46 17.42
CA TYR D 8 -23.52 1.31 18.57
C TYR D 8 -23.09 2.69 18.08
N PHE D 9 -22.17 2.73 17.12
CA PHE D 9 -21.79 4.00 16.50
C PHE D 9 -23.00 4.66 15.84
N GLU D 10 -23.87 3.86 15.23
CA GLU D 10 -25.02 4.42 14.54
C GLU D 10 -26.02 5.04 15.51
N ASN D 11 -26.16 4.49 16.71
CA ASN D 11 -27.13 5.03 17.66
C ASN D 11 -26.61 6.27 18.35
N ARG D 12 -25.30 6.35 18.61
CA ARG D 12 -24.73 7.63 19.04
C ARG D 12 -24.86 8.68 17.95
N SER D 13 -24.78 8.27 16.69
CA SER D 13 -24.97 9.19 15.57
C SER D 13 -26.39 9.73 15.54
N LYS D 14 -27.38 8.85 15.69
CA LYS D 14 -28.77 9.30 15.75
C LYS D 14 -29.01 10.16 16.98
N PHE D 15 -28.35 9.83 18.09
CA PHE D 15 -28.42 10.66 19.29
C PHE D 15 -27.98 12.08 18.99
N ILE D 16 -26.85 12.22 18.29
CA ILE D 16 -26.36 13.55 17.94
C ILE D 16 -27.39 14.30 17.10
N GLN D 17 -28.01 13.62 16.14
CA GLN D 17 -29.01 14.28 15.31
C GLN D 17 -30.29 14.54 16.08
N ASP D 18 -30.65 13.65 17.01
CA ASP D 18 -31.82 13.90 17.84
C ASP D 18 -31.60 15.11 18.75
N GLN D 19 -30.42 15.21 19.37
CA GLN D 19 -30.13 16.36 20.21
C GLN D 19 -30.13 17.65 19.40
N LYS D 20 -29.64 17.60 18.16
CA LYS D 20 -29.70 18.77 17.29
C LYS D 20 -31.15 19.17 17.01
N ASP D 21 -31.99 18.19 16.67
CA ASP D 21 -33.39 18.47 16.39
C ASP D 21 -34.10 19.05 17.61
N LYS D 22 -33.71 18.64 18.82
CA LYS D 22 -34.32 19.13 20.04
C LYS D 22 -33.89 20.54 20.40
N GLY D 23 -33.08 21.19 19.58
CA GLY D 23 -32.58 22.52 19.90
C GLY D 23 -31.32 22.55 20.73
N ILE D 24 -30.66 21.42 20.92
CA ILE D 24 -29.43 21.33 21.70
C ILE D 24 -28.24 21.31 20.75
N ASN D 25 -27.18 22.00 21.12
CA ASN D 25 -25.91 21.89 20.40
C ASN D 25 -25.04 20.88 21.11
N PRO D 26 -24.79 19.70 20.53
CA PRO D 26 -23.91 18.72 21.18
C PRO D 26 -22.43 19.04 21.06
N TYR D 27 -22.06 20.15 20.43
CA TYR D 27 -20.66 20.58 20.30
C TYR D 27 -20.58 22.06 20.61
N PRO D 28 -20.63 22.44 21.89
CA PRO D 28 -20.53 23.85 22.24
C PRO D 28 -19.22 24.47 21.77
N HIS D 29 -19.25 25.79 21.57
CA HIS D 29 -18.10 26.49 21.02
C HIS D 29 -17.00 26.69 22.06
N LYS D 30 -17.36 27.17 23.25
CA LYS D 30 -16.38 27.53 24.25
C LYS D 30 -16.90 27.18 25.64
N PHE D 31 -16.08 26.47 26.40
CA PHE D 31 -16.29 26.23 27.82
C PHE D 31 -15.03 26.67 28.53
N GLU D 32 -15.15 27.67 29.40
CA GLU D 32 -13.97 28.30 29.99
C GLU D 32 -13.59 27.55 31.25
N ARG D 33 -12.51 26.77 31.16
CA ARG D 33 -12.05 25.97 32.27
C ARG D 33 -11.42 26.84 33.35
N THR D 34 -11.67 26.49 34.62
CA THR D 34 -11.06 27.18 35.75
C THR D 34 -9.74 26.55 36.16
N ILE D 35 -9.59 25.25 35.95
CA ILE D 35 -8.51 24.48 36.56
C ILE D 35 -8.33 23.20 35.76
N SER D 36 -7.09 22.78 35.60
CA SER D 36 -6.84 21.50 34.94
C SER D 36 -6.91 20.39 35.97
N ILE D 37 -7.01 19.15 35.48
CA ILE D 37 -7.11 17.99 36.36
C ILE D 37 -5.80 17.76 37.10
N PRO D 38 -4.62 17.90 36.46
CA PRO D 38 -3.37 17.83 37.25
C PRO D 38 -3.29 18.81 38.41
N GLU D 39 -3.57 20.10 38.17
CA GLU D 39 -3.50 21.07 39.24
C GLU D 39 -4.69 20.99 40.18
N PHE D 40 -5.82 20.43 39.73
CA PHE D 40 -6.91 20.11 40.65
C PHE D 40 -6.47 19.04 41.64
N ILE D 41 -5.77 18.02 41.14
CA ILE D 41 -5.17 17.02 42.01
C ILE D 41 -4.13 17.66 42.90
N GLU D 42 -3.26 18.49 42.32
CA GLU D 42 -2.20 19.15 43.09
C GLU D 42 -2.78 19.96 44.24
N LYS D 43 -3.93 20.60 44.03
CA LYS D 43 -4.47 21.55 44.99
C LYS D 43 -5.31 20.92 46.09
N TYR D 44 -6.02 19.82 45.80
CA TYR D 44 -7.02 19.29 46.70
C TYR D 44 -6.77 17.85 47.16
N LYS D 45 -5.63 17.26 46.78
CA LYS D 45 -5.36 15.88 47.19
C LYS D 45 -5.24 15.74 48.71
N ASP D 46 -4.99 16.84 49.42
CA ASP D 46 -4.81 16.80 50.87
C ASP D 46 -6.11 16.97 51.64
N LEU D 47 -7.26 17.06 50.96
CA LEU D 47 -8.53 17.12 51.66
C LEU D 47 -8.76 15.83 52.42
N GLY D 48 -9.50 15.93 53.54
CA GLY D 48 -9.87 14.75 54.28
C GLY D 48 -10.98 13.98 53.61
N ASN D 49 -11.15 12.72 54.03
CA ASN D 49 -12.25 11.92 53.53
C ASN D 49 -13.59 12.57 53.89
N GLY D 50 -14.52 12.57 52.93
CA GLY D 50 -15.82 13.16 53.14
C GLY D 50 -15.87 14.66 53.14
N GLU D 51 -14.72 15.34 53.07
CA GLU D 51 -14.68 16.79 53.10
C GLU D 51 -15.13 17.36 51.76
N HIS D 52 -15.93 18.43 51.82
CA HIS D 52 -16.35 19.18 50.65
C HIS D 52 -15.94 20.63 50.80
N LEU D 53 -15.44 21.22 49.72
CA LEU D 53 -15.33 22.68 49.63
C LEU D 53 -16.53 23.18 48.82
N GLU D 54 -17.68 23.19 49.49
CA GLU D 54 -18.94 23.48 48.81
C GLU D 54 -19.06 24.94 48.40
N ASP D 55 -18.30 25.84 49.03
CA ASP D 55 -18.31 27.24 48.63
C ASP D 55 -17.44 27.51 47.41
N THR D 56 -16.58 26.55 47.04
CA THR D 56 -15.65 26.72 45.92
C THR D 56 -16.25 26.06 44.69
N ILE D 57 -16.70 26.87 43.74
CA ILE D 57 -17.26 26.38 42.48
C ILE D 57 -16.18 26.48 41.41
N LEU D 58 -15.96 25.39 40.68
CA LEU D 58 -14.92 25.32 39.67
C LEU D 58 -15.50 24.80 38.37
N ASN D 59 -14.90 25.21 37.26
CA ASN D 59 -15.22 24.69 35.95
C ASN D 59 -14.07 23.79 35.50
N ILE D 60 -14.37 22.53 35.23
CA ILE D 60 -13.36 21.54 34.88
C ILE D 60 -13.85 20.73 33.69
N THR D 61 -12.89 20.26 32.89
CA THR D 61 -13.18 19.45 31.72
C THR D 61 -12.35 18.18 31.77
N GLY D 62 -12.79 17.20 30.97
CA GLY D 62 -12.06 15.95 30.88
C GLY D 62 -12.84 14.94 30.05
N ARG D 63 -12.28 13.74 29.98
CA ARG D 63 -12.86 12.65 29.21
C ARG D 63 -13.38 11.58 30.16
N ILE D 64 -14.68 11.32 30.10
CA ILE D 64 -15.26 10.23 30.89
C ILE D 64 -14.67 8.91 30.43
N MET D 65 -14.20 8.10 31.38
CA MET D 65 -13.59 6.82 31.05
C MET D 65 -14.16 5.65 31.82
N ARG D 66 -15.18 5.87 32.66
CA ARG D 66 -15.83 4.80 33.40
C ARG D 66 -17.18 5.31 33.86
N VAL D 67 -18.20 4.45 33.74
CA VAL D 67 -19.56 4.80 34.10
C VAL D 67 -20.08 3.78 35.09
N SER D 68 -20.70 4.25 36.17
CA SER D 68 -21.32 3.39 37.16
C SER D 68 -22.32 4.22 37.96
N ALA D 69 -23.17 3.53 38.71
CA ALA D 69 -24.24 4.19 39.44
C ALA D 69 -24.62 3.37 40.66
N SER D 70 -25.14 4.06 41.68
CA SER D 70 -25.69 3.44 42.88
C SER D 70 -27.08 4.04 43.07
N GLY D 71 -28.09 3.40 42.51
CA GLY D 71 -29.41 3.97 42.49
C GLY D 71 -29.54 5.06 41.44
N GLN D 72 -30.70 5.70 41.42
CA GLN D 72 -30.95 6.75 40.44
C GLN D 72 -30.34 8.08 40.86
N LYS D 73 -30.28 8.36 42.17
CA LYS D 73 -29.85 9.67 42.66
C LYS D 73 -28.33 9.80 42.77
N LEU D 74 -27.56 8.80 42.37
CA LEU D 74 -26.11 8.83 42.55
C LEU D 74 -25.43 8.24 41.33
N ARG D 75 -24.50 9.00 40.74
CA ARG D 75 -23.77 8.59 39.54
C ARG D 75 -22.30 8.91 39.72
N PHE D 76 -21.43 7.95 39.38
CA PHE D 76 -19.99 8.13 39.46
C PHE D 76 -19.37 7.91 38.09
N PHE D 77 -18.34 8.70 37.77
CA PHE D 77 -17.56 8.53 36.56
C PHE D 77 -16.09 8.75 36.87
N ASP D 78 -15.23 8.18 36.03
CA ASP D 78 -13.83 8.54 36.01
C ASP D 78 -13.64 9.69 35.01
N LEU D 79 -12.81 10.65 35.38
CA LEU D 79 -12.53 11.81 34.54
C LEU D 79 -11.02 11.91 34.36
N VAL D 80 -10.56 11.83 33.11
CA VAL D 80 -9.14 11.83 32.81
C VAL D 80 -8.79 13.09 32.04
N GLY D 81 -7.62 13.64 32.34
CA GLY D 81 -7.06 14.76 31.60
C GLY D 81 -5.56 14.82 31.80
N ASP D 82 -4.81 14.95 30.71
CA ASP D 82 -3.35 15.07 30.76
C ASP D 82 -2.73 13.91 31.53
N GLY D 83 -3.20 12.70 31.25
CA GLY D 83 -2.65 11.50 31.85
C GLY D 83 -2.96 11.29 33.31
N GLU D 84 -3.89 12.05 33.88
CA GLU D 84 -4.26 11.92 35.28
C GLU D 84 -5.77 11.75 35.40
N LYS D 85 -6.25 11.53 36.62
CA LYS D 85 -7.60 11.01 36.81
C LYS D 85 -8.16 11.45 38.15
N ILE D 86 -9.41 11.92 38.12
CA ILE D 86 -10.22 12.12 39.31
C ILE D 86 -11.58 11.48 39.06
N GLN D 87 -12.37 11.36 40.13
CA GLN D 87 -13.73 10.84 40.03
C GLN D 87 -14.73 11.97 39.92
N VAL D 88 -15.79 11.76 39.15
CA VAL D 88 -16.96 12.61 39.14
C VAL D 88 -18.03 11.95 40.01
N LEU D 89 -18.61 12.71 40.93
CA LEU D 89 -19.61 12.19 41.86
C LEU D 89 -20.86 13.05 41.74
N ALA D 90 -21.80 12.59 40.91
CA ALA D 90 -23.05 13.33 40.66
C ALA D 90 -24.10 12.88 41.67
N ASN D 91 -24.36 13.72 42.66
CA ASN D 91 -25.39 13.46 43.66
C ASN D 91 -26.59 14.33 43.35
N TYR D 92 -27.78 13.70 43.32
CA TYR D 92 -29.01 14.43 43.01
C TYR D 92 -29.26 15.55 44.01
N SER D 93 -28.75 15.41 45.23
CA SER D 93 -28.88 16.48 46.22
C SER D 93 -28.13 17.73 45.80
N PHE D 94 -27.07 17.59 45.02
CA PHE D 94 -26.23 18.71 44.62
C PHE D 94 -26.55 19.22 43.21
N HIS D 95 -27.47 18.58 42.52
CA HIS D 95 -27.76 18.92 41.13
C HIS D 95 -28.56 20.22 41.04
N ASN D 96 -28.18 21.06 40.08
CA ASN D 96 -28.95 22.27 39.77
C ASN D 96 -30.11 21.84 38.89
N HIS D 97 -31.29 21.71 39.49
CA HIS D 97 -32.46 21.22 38.77
C HIS D 97 -33.01 22.25 37.79
N GLU D 98 -32.62 23.53 37.92
CA GLU D 98 -33.01 24.53 36.95
C GLU D 98 -32.40 24.27 35.58
N LYS D 99 -31.30 23.53 35.52
CA LYS D 99 -30.60 23.24 34.27
C LYS D 99 -31.12 21.97 33.59
N GLY D 100 -32.04 21.24 34.20
CA GLY D 100 -32.58 20.05 33.59
C GLY D 100 -32.80 18.90 34.54
N ASN D 101 -33.45 17.83 34.06
CA ASN D 101 -33.72 16.67 34.90
C ASN D 101 -32.42 15.90 35.16
N PHE D 102 -32.20 15.53 36.43
CA PHE D 102 -30.97 14.87 36.83
C PHE D 102 -30.73 13.61 36.02
N ALA D 103 -31.70 12.69 36.02
CA ALA D 103 -31.51 11.41 35.36
C ALA D 103 -31.26 11.58 33.86
N GLU D 104 -32.01 12.49 33.21
CA GLU D 104 -31.85 12.65 31.78
C GLU D 104 -30.47 13.16 31.42
N CYS D 105 -29.90 14.04 32.24
CA CYS D 105 -28.57 14.57 31.96
C CYS D 105 -27.51 13.48 32.01
N TYR D 106 -27.51 12.67 33.07
CA TYR D 106 -26.45 11.70 33.26
C TYR D 106 -26.73 10.34 32.64
N ASP D 107 -27.98 10.04 32.30
CA ASP D 107 -28.25 8.79 31.58
C ASP D 107 -27.63 8.80 30.20
N LYS D 108 -27.47 9.97 29.58
CA LYS D 108 -26.93 10.05 28.23
C LYS D 108 -25.41 10.13 28.20
N ILE D 109 -24.74 10.25 29.34
CA ILE D 109 -23.29 10.25 29.37
C ILE D 109 -22.77 8.86 29.02
N ARG D 110 -21.76 8.81 28.16
CA ARG D 110 -21.15 7.55 27.75
C ARG D 110 -19.64 7.62 27.91
N ARG D 111 -19.04 6.44 28.08
CA ARG D 111 -17.60 6.34 28.22
C ARG D 111 -16.89 6.95 27.02
N GLY D 112 -15.94 7.86 27.27
CA GLY D 112 -15.23 8.55 26.23
C GLY D 112 -15.73 9.95 25.93
N ASP D 113 -16.90 10.31 26.44
CA ASP D 113 -17.42 11.66 26.23
C ASP D 113 -16.52 12.69 26.91
N ILE D 114 -16.29 13.81 26.21
CA ILE D 114 -15.66 14.98 26.81
C ILE D 114 -16.75 15.85 27.39
N VAL D 115 -16.62 16.19 28.67
CA VAL D 115 -17.65 16.97 29.35
C VAL D 115 -17.02 18.20 29.99
N GLY D 116 -17.87 19.17 30.28
CA GLY D 116 -17.50 20.30 31.11
C GLY D 116 -18.36 20.28 32.36
N ILE D 117 -17.74 20.41 33.52
CA ILE D 117 -18.43 20.24 34.79
C ILE D 117 -18.31 21.54 35.58
N VAL D 118 -19.44 22.03 36.08
CA VAL D 118 -19.48 23.08 37.08
C VAL D 118 -19.80 22.43 38.41
N GLY D 119 -18.88 22.52 39.36
CA GLY D 119 -19.07 21.83 40.62
C GLY D 119 -18.05 22.24 41.65
N PHE D 120 -18.04 21.50 42.76
CA PHE D 120 -17.15 21.84 43.85
C PHE D 120 -16.22 20.68 44.21
N PRO D 121 -15.04 20.96 44.74
CA PRO D 121 -14.08 19.89 45.04
C PRO D 121 -14.38 19.22 46.37
N GLY D 122 -13.88 17.99 46.49
CA GLY D 122 -14.05 17.24 47.72
C GLY D 122 -13.62 15.81 47.53
N LYS D 123 -13.72 15.06 48.61
CA LYS D 123 -13.44 13.63 48.62
C LYS D 123 -14.68 12.86 49.04
N SER D 124 -14.91 11.72 48.40
CA SER D 124 -15.98 10.83 48.83
C SER D 124 -15.62 10.25 50.20
N LYS D 125 -16.62 9.65 50.84
CA LYS D 125 -16.39 9.03 52.15
C LYS D 125 -15.32 7.94 52.09
N LYS D 126 -15.13 7.32 50.93
CA LYS D 126 -14.05 6.36 50.74
C LYS D 126 -12.70 7.02 50.57
N GLY D 127 -12.65 8.34 50.39
CA GLY D 127 -11.41 9.07 50.29
C GLY D 127 -10.90 9.33 48.90
N GLU D 128 -11.70 9.09 47.87
CA GLU D 128 -11.27 9.32 46.49
C GLU D 128 -11.56 10.76 46.10
N LEU D 129 -10.53 11.46 45.64
CA LEU D 129 -10.67 12.85 45.25
C LEU D 129 -11.65 12.99 44.10
N SER D 130 -12.59 13.93 44.22
CA SER D 130 -13.72 13.98 43.30
C SER D 130 -14.11 15.43 43.04
N ILE D 131 -14.66 15.65 41.84
CA ILE D 131 -15.44 16.85 41.55
C ILE D 131 -16.91 16.49 41.71
N PHE D 132 -17.63 17.27 42.52
CA PHE D 132 -19.06 17.06 42.71
C PHE D 132 -19.81 18.00 41.79
N PRO D 133 -20.33 17.53 40.66
CA PRO D 133 -20.99 18.45 39.74
C PRO D 133 -22.30 19.00 40.31
N LYS D 134 -22.56 20.27 40.01
CA LYS D 134 -23.90 20.81 40.02
C LYS D 134 -24.51 20.82 38.62
N GLU D 135 -23.66 20.67 37.60
CA GLU D 135 -24.08 20.71 36.20
C GLU D 135 -22.99 20.04 35.38
N THR D 136 -23.39 19.16 34.45
CA THR D 136 -22.46 18.51 33.55
C THR D 136 -22.97 18.68 32.13
N ILE D 137 -22.09 19.13 31.24
CA ILE D 137 -22.44 19.51 29.87
C ILE D 137 -21.63 18.65 28.91
N LEU D 138 -22.30 18.07 27.92
CA LEU D 138 -21.59 17.37 26.86
C LEU D 138 -20.85 18.37 25.98
N LEU D 139 -19.54 18.24 25.91
CA LEU D 139 -18.71 19.08 25.05
C LEU D 139 -18.38 18.42 23.72
N SER D 140 -18.11 17.12 23.71
CA SER D 140 -17.84 16.39 22.48
C SER D 140 -18.06 14.91 22.74
N ALA D 141 -19.00 14.31 22.01
CA ALA D 141 -19.34 12.91 22.22
C ALA D 141 -18.31 11.99 21.59
N CYS D 142 -18.11 10.83 22.23
CA CYS D 142 -17.34 9.73 21.65
C CYS D 142 -18.35 8.77 21.02
N LEU D 143 -18.34 8.70 19.69
CA LEU D 143 -19.37 7.96 18.97
C LEU D 143 -19.09 6.47 18.86
N HIS D 144 -17.84 6.06 18.98
CA HIS D 144 -17.47 4.65 18.95
C HIS D 144 -17.30 4.10 20.36
N MET D 145 -17.36 2.77 20.46
CA MET D 145 -16.95 2.10 21.68
C MET D 145 -15.44 2.12 21.80
N LEU D 146 -14.94 2.68 22.90
CA LEU D 146 -13.51 2.61 23.08
C LEU D 146 -13.12 1.27 23.69
N PRO D 147 -12.00 0.69 23.27
CA PRO D 147 -11.57 -0.57 23.85
C PRO D 147 -11.17 -0.40 25.31
N MET D 148 -11.23 -1.51 26.05
CA MET D 148 -10.75 -1.52 27.41
C MET D 148 -9.22 -1.53 27.42
N LYS D 149 -8.65 -1.24 28.59
CA LYS D 149 -7.20 -1.15 28.72
C LYS D 149 -6.50 -2.42 28.24
N TYR D 150 -7.16 -3.56 28.38
CA TYR D 150 -6.62 -4.82 27.89
C TYR D 150 -6.75 -4.90 26.36
N LYS D 153 -3.74 -4.37 22.88
CA LYS D 153 -2.52 -5.06 23.27
C LYS D 153 -1.54 -5.11 22.11
N ASP D 154 -1.14 -6.31 21.72
CA ASP D 154 -0.26 -6.50 20.57
C ASP D 154 -1.13 -6.43 19.31
N THR D 155 -1.47 -5.20 18.94
CA THR D 155 -2.37 -4.94 17.83
C THR D 155 -1.89 -3.73 17.05
N GLU D 156 -2.19 -3.71 15.75
CA GLU D 156 -1.82 -2.58 14.90
C GLU D 156 -2.61 -1.32 15.23
N ILE D 157 -3.65 -1.42 16.07
CA ILE D 157 -4.47 -0.25 16.39
C ILE D 157 -3.63 0.84 17.02
N ARG D 158 -2.68 0.47 17.89
CA ARG D 158 -1.88 1.47 18.58
C ARG D 158 -0.99 2.26 17.63
N TYR D 159 -0.62 1.68 16.50
CA TYR D 159 0.17 2.39 15.50
C TYR D 159 -0.72 3.12 14.50
N ARG D 160 -1.90 2.57 14.19
CA ARG D 160 -2.78 3.18 13.21
C ARG D 160 -3.75 4.17 13.83
N GLN D 161 -4.12 3.96 15.10
CA GLN D 161 -4.92 4.91 15.87
C GLN D 161 -4.13 5.17 17.14
N ARG D 162 -3.18 6.11 17.08
CA ARG D 162 -2.32 6.39 18.22
C ARG D 162 -3.10 7.08 19.33
N TYR D 163 -4.13 7.84 18.99
CA TYR D 163 -4.92 8.54 19.99
C TYR D 163 -5.58 7.57 20.96
N LEU D 164 -6.04 6.42 20.47
CA LEU D 164 -6.57 5.38 21.34
C LEU D 164 -5.49 4.86 22.29
N ASP D 165 -4.31 4.56 21.74
CA ASP D 165 -3.20 4.10 22.56
C ASP D 165 -2.82 5.13 23.61
N LEU D 166 -2.80 6.42 23.22
CA LEU D 166 -2.49 7.47 24.17
C LEU D 166 -3.58 7.63 25.23
N LEU D 167 -4.84 7.40 24.86
CA LEU D 167 -5.94 7.55 25.82
C LEU D 167 -5.97 6.39 26.81
N ILE D 168 -5.49 5.21 26.41
CA ILE D 168 -5.76 3.97 27.10
C ILE D 168 -4.51 3.38 27.74
N ASN D 169 -3.38 3.44 27.05
CA ASN D 169 -2.13 2.87 27.55
C ASN D 169 -1.30 4.00 28.15
N GLU D 170 -1.30 4.10 29.48
CA GLU D 170 -0.64 5.21 30.15
C GLU D 170 0.88 5.18 29.99
N SER D 171 1.46 4.01 29.70
CA SER D 171 2.90 3.96 29.44
C SER D 171 3.27 4.60 28.10
N SER D 172 2.30 4.74 27.18
CA SER D 172 2.58 5.37 25.90
C SER D 172 2.83 6.87 26.08
N ARG D 173 2.06 7.53 26.95
CA ARG D 173 2.31 8.94 27.21
C ARG D 173 3.69 9.16 27.80
N HIS D 174 4.10 8.32 28.75
CA HIS D 174 5.43 8.47 29.34
C HIS D 174 6.53 8.21 28.33
N THR D 175 6.29 7.34 27.35
CA THR D 175 7.31 7.05 26.35
C THR D 175 7.57 8.26 25.47
N PHE D 176 6.51 8.96 25.06
CA PHE D 176 6.69 10.12 24.19
C PHE D 176 7.07 11.37 24.97
N VAL D 177 6.74 11.44 26.25
CA VAL D 177 7.29 12.49 27.11
C VAL D 177 8.80 12.35 27.19
N THR D 178 9.28 11.11 27.41
CA THR D 178 10.71 10.87 27.49
C THR D 178 11.39 11.20 26.17
N ARG D 179 10.74 10.88 25.04
CA ARG D 179 11.30 11.24 23.74
C ARG D 179 11.55 12.73 23.63
N THR D 180 10.54 13.53 23.97
CA THR D 180 10.69 14.98 23.92
C THR D 180 11.75 15.46 24.91
N LYS D 181 11.84 14.81 26.07
CA LYS D 181 12.88 15.15 27.04
C LYS D 181 14.26 14.87 26.48
N ILE D 182 14.42 13.76 25.76
CA ILE D 182 15.72 13.43 25.17
C ILE D 182 16.15 14.50 24.17
N ILE D 183 15.24 14.89 23.28
CA ILE D 183 15.56 15.92 22.29
C ILE D 183 15.81 17.26 22.98
N ASN D 184 15.05 17.55 24.03
CA ASN D 184 15.26 18.79 24.77
C ASN D 184 16.64 18.80 25.42
N PHE D 185 17.01 17.69 26.06
CA PHE D 185 18.33 17.62 26.68
C PHE D 185 19.44 17.81 25.66
N LEU D 186 19.30 17.17 24.49
CA LEU D 186 20.35 17.25 23.47
C LEU D 186 20.49 18.67 22.91
N ARG D 187 19.35 19.34 22.68
CA ARG D 187 19.41 20.71 22.18
C ARG D 187 20.10 21.63 23.17
N ASN D 188 19.73 21.55 24.45
CA ASN D 188 20.36 22.39 25.47
C ASN D 188 21.83 22.01 25.65
N PHE D 189 22.16 20.74 25.54
CA PHE D 189 23.51 20.24 25.68
C PHE D 189 24.39 20.82 24.59
N LEU D 190 23.89 20.84 23.39
CA LEU D 190 24.66 21.41 22.29
C LEU D 190 24.69 22.93 22.37
N ASN D 191 23.53 23.56 22.64
CA ASN D 191 23.45 25.02 22.63
C ASN D 191 24.35 25.64 23.69
N GLU D 192 24.47 24.96 24.82
CA GLU D 192 25.33 25.31 25.95
C GLU D 192 26.79 25.30 25.56
N ARG D 193 27.14 24.45 24.63
CA ARG D 193 28.49 24.33 24.17
C ARG D 193 28.77 25.28 23.01
N GLY D 194 27.86 26.21 22.78
CA GLY D 194 28.03 27.20 21.74
C GLY D 194 27.65 26.76 20.35
N PHE D 195 26.95 25.64 20.21
CA PHE D 195 26.55 25.17 18.90
C PHE D 195 25.34 25.94 18.40
N PHE D 196 25.26 26.07 17.08
CA PHE D 196 24.25 26.88 16.41
C PHE D 196 23.35 25.98 15.57
N GLU D 197 22.05 26.01 15.85
CA GLU D 197 21.10 25.17 15.14
C GLU D 197 20.67 25.83 13.84
N VAL D 198 20.58 25.02 12.79
CA VAL D 198 20.23 25.49 11.45
C VAL D 198 19.24 24.52 10.82
N GLU D 199 18.74 24.91 9.65
CA GLU D 199 17.86 24.07 8.84
C GLU D 199 18.44 23.99 7.43
N THR D 200 18.71 22.78 6.97
CA THR D 200 19.24 22.54 5.63
C THR D 200 18.16 21.90 4.76
N PRO D 201 18.32 21.89 3.43
CA PRO D 201 17.22 21.43 2.57
C PRO D 201 16.92 19.95 2.76
N MET D 202 15.64 19.63 2.76
CA MET D 202 15.20 18.24 2.75
C MET D 202 14.99 17.71 1.33
N MET D 203 14.94 18.59 0.34
CA MET D 203 14.82 18.21 -1.07
C MET D 203 16.05 18.73 -1.80
N ASN D 204 16.70 17.85 -2.56
CA ASN D 204 18.03 18.12 -3.08
C ASN D 204 18.18 17.56 -4.49
N LEU D 205 19.09 18.17 -5.26
CA LEU D 205 19.41 17.65 -6.59
C LEU D 205 20.06 16.29 -6.53
N ILE D 206 20.87 16.04 -5.49
CA ILE D 206 21.41 14.71 -5.20
C ILE D 206 21.32 14.49 -3.70
N ALA D 207 21.17 13.23 -3.32
CA ALA D 207 21.11 12.83 -1.92
C ALA D 207 22.44 12.20 -1.52
N GLY D 208 23.24 12.93 -0.75
CA GLY D 208 24.52 12.43 -0.28
C GLY D 208 24.62 12.44 1.23
N GLY D 209 25.83 12.17 1.75
CA GLY D 209 26.06 12.17 3.18
C GLY D 209 25.93 10.83 3.84
N ALA D 210 25.43 9.81 3.13
CA ALA D 210 25.29 8.46 3.67
C ALA D 210 25.17 7.51 2.48
N ASN D 211 24.96 6.24 2.80
CA ASN D 211 24.79 5.20 1.78
C ASN D 211 23.42 4.57 1.95
N ALA D 212 22.45 5.04 1.15
CA ALA D 212 21.08 4.57 1.25
C ALA D 212 20.32 4.98 0.01
N ARG D 213 19.42 4.11 -0.44
CA ARG D 213 18.53 4.45 -1.55
C ARG D 213 17.60 5.58 -1.13
N PRO D 214 17.54 6.67 -1.89
CA PRO D 214 16.69 7.80 -1.50
C PRO D 214 15.28 7.72 -2.09
N PHE D 215 14.38 8.48 -1.49
CA PHE D 215 13.10 8.76 -2.14
C PHE D 215 13.31 9.81 -3.22
N ILE D 216 12.48 9.73 -4.26
CA ILE D 216 12.50 10.72 -5.32
C ILE D 216 11.12 11.36 -5.41
N THR D 217 11.11 12.65 -5.76
CA THR D 217 9.89 13.40 -5.94
C THR D 217 10.10 14.40 -7.08
N HIS D 218 9.04 15.13 -7.41
CA HIS D 218 9.06 16.01 -8.56
C HIS D 218 8.41 17.34 -8.21
N HIS D 219 9.06 18.43 -8.59
CA HIS D 219 8.49 19.77 -8.47
C HIS D 219 7.97 20.18 -9.84
N ASN D 220 6.69 20.55 -9.89
CA ASN D 220 6.01 20.68 -11.17
C ASN D 220 6.42 21.96 -11.91
N ASP D 221 6.48 23.10 -11.21
CA ASP D 221 6.82 24.35 -11.88
C ASP D 221 8.24 24.31 -12.43
N LEU D 222 9.21 23.91 -11.61
CA LEU D 222 10.58 23.77 -12.10
C LEU D 222 10.74 22.59 -13.04
N ASP D 223 9.78 21.66 -13.05
CA ASP D 223 9.87 20.44 -13.87
C ASP D 223 11.16 19.69 -13.56
N LEU D 224 11.36 19.42 -12.26
CA LEU D 224 12.65 18.95 -11.78
C LEU D 224 12.45 17.82 -10.77
N ASP D 225 13.13 16.71 -11.00
CA ASP D 225 13.17 15.64 -10.01
C ASP D 225 14.06 16.05 -8.85
N LEU D 226 13.60 15.78 -7.63
CA LEU D 226 14.34 16.10 -6.42
C LEU D 226 14.37 14.88 -5.51
N TYR D 227 15.42 14.77 -4.72
CA TYR D 227 15.59 13.67 -3.77
C TYR D 227 15.42 14.17 -2.35
N LEU D 228 14.72 13.38 -1.53
CA LEU D 228 14.68 13.64 -0.11
C LEU D 228 16.03 13.29 0.50
N ARG D 229 16.48 14.13 1.44
CA ARG D 229 17.80 13.94 2.03
C ARG D 229 17.86 12.62 2.79
N ILE D 230 18.93 11.85 2.56
CA ILE D 230 19.20 10.67 3.38
C ILE D 230 20.04 11.02 4.60
N ALA D 231 20.55 12.24 4.67
CA ALA D 231 21.38 12.71 5.77
C ALA D 231 21.55 14.21 5.61
N THR D 232 22.11 14.85 6.62
CA THR D 232 22.36 16.28 6.63
C THR D 232 23.84 16.60 6.57
N GLU D 233 24.68 15.60 6.31
CA GLU D 233 26.14 15.74 6.41
C GLU D 233 26.66 16.82 5.47
N LEU D 234 26.28 16.75 4.19
CA LEU D 234 26.94 17.58 3.18
C LEU D 234 26.67 19.07 3.37
N PRO D 235 25.42 19.55 3.46
CA PRO D 235 25.22 20.99 3.65
C PRO D 235 25.79 21.51 4.96
N LEU D 236 25.83 20.68 6.01
CA LEU D 236 26.35 21.14 7.30
C LEU D 236 27.83 21.45 7.22
N LYS D 237 28.60 20.61 6.50
CA LYS D 237 30.01 20.92 6.29
C LYS D 237 30.18 22.20 5.48
N MET D 238 29.32 22.41 4.48
CA MET D 238 29.36 23.65 3.72
C MET D 238 29.14 24.85 4.64
N LEU D 239 28.40 24.66 5.73
CA LEU D 239 28.23 25.73 6.71
C LEU D 239 29.50 25.92 7.53
N ILE D 240 30.25 24.86 7.79
CA ILE D 240 31.56 25.02 8.42
C ILE D 240 32.47 25.85 7.52
N VAL D 241 32.48 25.54 6.21
CA VAL D 241 33.21 26.36 5.25
C VAL D 241 32.77 27.81 5.34
N GLY D 242 31.47 28.04 5.49
CA GLY D 242 30.93 29.37 5.67
C GLY D 242 31.23 30.02 7.01
N GLY D 243 31.96 29.33 7.88
CA GLY D 243 32.40 29.91 9.14
C GLY D 243 31.49 29.72 10.33
N ILE D 244 30.48 28.85 10.24
CA ILE D 244 29.69 28.48 11.40
C ILE D 244 30.40 27.28 12.01
N ASP D 245 31.36 27.55 12.89
CA ASP D 245 32.31 26.55 13.34
C ASP D 245 31.72 25.52 14.29
N LYS D 246 30.55 25.78 14.86
CA LYS D 246 29.82 24.77 15.65
C LYS D 246 28.37 24.83 15.19
N VAL D 247 27.97 23.86 14.36
CA VAL D 247 26.67 23.87 13.72
C VAL D 247 26.02 22.50 13.91
N TYR D 248 24.68 22.48 13.95
CA TYR D 248 23.97 21.22 14.10
C TYR D 248 22.54 21.36 13.57
N GLU D 249 21.92 20.21 13.36
CA GLU D 249 20.54 20.13 12.89
C GLU D 249 19.89 18.89 13.48
N ILE D 250 18.67 19.05 14.01
CA ILE D 250 17.88 17.94 14.52
C ILE D 250 16.60 17.89 13.69
N GLY D 251 16.44 16.83 12.90
CA GLY D 251 15.32 16.79 11.99
C GLY D 251 15.22 15.45 11.28
N LYS D 252 14.16 15.33 10.48
CA LYS D 252 13.87 14.09 9.78
C LYS D 252 14.82 13.90 8.59
N VAL D 253 15.25 12.66 8.39
CA VAL D 253 15.86 12.23 7.14
C VAL D 253 15.05 11.06 6.60
N PHE D 254 15.29 10.73 5.34
CA PHE D 254 14.46 9.77 4.62
C PHE D 254 15.34 8.75 3.93
N ARG D 255 15.10 7.48 4.20
CA ARG D 255 15.83 6.40 3.54
C ARG D 255 14.85 5.37 3.00
N ASN D 256 14.97 5.08 1.70
CA ASN D 256 14.03 4.24 0.96
C ASN D 256 14.54 2.80 0.97
N GLU D 257 14.31 2.12 2.09
CA GLU D 257 14.84 0.77 2.27
C GLU D 257 13.87 -0.02 3.16
N GLY D 258 14.34 -1.15 3.69
CA GLY D 258 13.45 -2.06 4.39
C GLY D 258 13.00 -1.51 5.74
N ILE D 259 11.86 -2.01 6.19
CA ILE D 259 11.26 -1.62 7.46
C ILE D 259 11.37 -2.78 8.43
N ASP D 260 11.82 -2.51 9.64
CA ASP D 260 11.85 -3.50 10.71
C ASP D 260 11.85 -2.77 12.05
N ASN D 261 12.15 -3.51 13.12
CA ASN D 261 12.05 -2.96 14.47
C ASN D 261 13.00 -1.79 14.71
N THR D 262 14.05 -1.65 13.91
CA THR D 262 14.98 -0.53 14.04
C THR D 262 15.01 0.37 12.81
N HIS D 263 14.04 0.23 11.89
CA HIS D 263 14.04 0.98 10.64
C HIS D 263 12.64 1.49 10.35
N ASN D 264 12.47 2.81 10.38
CA ASN D 264 11.31 3.50 9.85
C ASN D 264 11.72 4.37 8.68
N PRO D 265 10.95 4.42 7.59
CA PRO D 265 11.40 5.13 6.38
C PRO D 265 11.77 6.58 6.61
N GLU D 266 11.07 7.28 7.50
CA GLU D 266 11.52 8.56 8.01
C GLU D 266 11.83 8.42 9.49
N PHE D 267 12.98 8.95 9.90
CA PHE D 267 13.38 8.93 11.30
C PHE D 267 14.13 10.23 11.60
N THR D 268 14.39 10.45 12.88
CA THR D 268 14.94 11.71 13.36
C THR D 268 16.41 11.51 13.72
N SER D 269 17.27 12.38 13.19
CA SER D 269 18.69 12.34 13.45
C SER D 269 19.15 13.70 13.94
N CYS D 270 20.26 13.69 14.68
CA CYS D 270 20.99 14.91 15.00
C CYS D 270 22.41 14.74 14.49
N GLU D 271 22.83 15.65 13.62
CA GLU D 271 24.22 15.72 13.18
C GLU D 271 24.78 17.07 13.61
N PHE D 272 25.97 17.06 14.19
CA PHE D 272 26.64 18.30 14.55
C PHE D 272 28.07 18.27 14.05
N TYR D 273 28.55 19.44 13.64
CA TYR D 273 29.88 19.55 13.06
C TYR D 273 30.66 20.61 13.82
N TRP D 274 31.86 20.23 14.24
CA TRP D 274 32.61 20.92 15.30
C TRP D 274 34.01 21.19 14.76
N ALA D 275 34.22 22.42 14.27
CA ALA D 275 35.48 22.77 13.65
C ALA D 275 36.62 22.64 14.65
N TYR D 276 37.77 22.15 14.16
CA TYR D 276 39.03 22.00 14.88
C TYR D 276 38.99 20.87 15.90
N ALA D 277 37.90 20.12 15.99
CA ALA D 277 37.85 18.88 16.76
C ALA D 277 38.22 17.70 15.87
N ASP D 278 38.50 16.56 16.50
CA ASP D 278 38.87 15.36 15.77
C ASP D 278 38.20 14.15 16.40
N TYR D 279 38.62 12.96 15.94
CA TYR D 279 38.07 11.70 16.41
C TYR D 279 38.09 11.58 17.93
N ASN D 280 39.18 12.01 18.56
CA ASN D 280 39.30 11.87 20.00
C ASN D 280 38.32 12.79 20.74
N ASP D 281 38.13 14.02 20.24
CA ASP D 281 37.14 14.90 20.84
C ASP D 281 35.73 14.33 20.74
N LEU D 282 35.44 13.58 19.68
CA LEU D 282 34.12 13.01 19.47
C LEU D 282 33.89 11.80 20.38
N ILE D 283 34.94 11.01 20.65
CA ILE D 283 34.84 9.95 21.64
C ILE D 283 34.44 10.54 23.00
N LYS D 284 35.13 11.60 23.41
CA LYS D 284 34.84 12.23 24.69
C LYS D 284 33.44 12.82 24.71
N TRP D 285 33.02 13.46 23.61
CA TRP D 285 31.66 13.99 23.54
C TRP D 285 30.62 12.89 23.69
N SER D 286 30.83 11.75 23.04
CA SER D 286 29.84 10.68 23.08
C SER D 286 29.70 10.12 24.49
N GLU D 287 30.83 9.91 25.18
CA GLU D 287 30.76 9.38 26.54
C GLU D 287 30.18 10.39 27.50
N ASP D 288 30.51 11.68 27.33
CA ASP D 288 29.91 12.71 28.17
C ASP D 288 28.41 12.83 27.93
N PHE D 289 27.98 12.80 26.67
CA PHE D 289 26.58 13.03 26.36
C PHE D 289 25.71 11.89 26.88
N PHE D 290 26.09 10.65 26.58
CA PHE D 290 25.24 9.52 26.94
C PHE D 290 25.21 9.29 28.45
N SER D 291 26.36 9.43 29.11
CA SER D 291 26.38 9.27 30.56
C SER D 291 25.55 10.36 31.25
N GLN D 292 25.68 11.60 30.80
CA GLN D 292 24.90 12.69 31.41
C GLN D 292 23.42 12.57 31.07
N LEU D 293 23.11 12.15 29.84
CA LEU D 293 21.71 12.00 29.44
C LEU D 293 21.01 10.96 30.31
N VAL D 294 21.64 9.80 30.49
CA VAL D 294 21.02 8.72 31.25
C VAL D 294 20.87 9.10 32.72
N TYR D 295 21.89 9.76 33.30
CA TYR D 295 21.78 10.21 34.68
C TYR D 295 20.74 11.31 34.80
N HIS D 296 20.65 12.19 33.79
CA HIS D 296 19.63 13.23 33.82
C HIS D 296 18.23 12.65 33.84
N LEU D 297 18.03 11.49 33.21
CA LEU D 297 16.71 10.87 33.13
C LEU D 297 16.40 9.96 34.32
N PHE D 298 17.39 9.26 34.85
CA PHE D 298 17.15 8.17 35.79
C PHE D 298 17.84 8.32 37.13
N GLY D 299 18.68 9.33 37.32
CA GLY D 299 19.39 9.45 38.57
C GLY D 299 20.48 8.41 38.77
N THR D 300 20.82 7.66 37.74
CA THR D 300 21.85 6.63 37.80
C THR D 300 22.36 6.38 36.40
N TYR D 301 23.55 5.78 36.32
CA TYR D 301 24.15 5.45 35.03
C TYR D 301 23.74 4.09 34.51
N LYS D 302 22.94 3.34 35.26
CA LYS D 302 22.59 1.97 34.93
C LYS D 302 21.08 1.85 34.77
N ILE D 303 20.65 1.22 33.67
CA ILE D 303 19.25 1.04 33.36
C ILE D 303 18.99 -0.44 33.06
N SER D 304 17.72 -0.82 33.15
CA SER D 304 17.27 -2.15 32.78
C SER D 304 16.63 -2.10 31.40
N TYR D 305 16.88 -3.13 30.60
CA TYR D 305 16.36 -3.16 29.24
C TYR D 305 16.08 -4.59 28.81
N ASN D 306 14.87 -4.81 28.29
CA ASN D 306 14.47 -6.11 27.74
C ASN D 306 15.00 -6.21 26.31
N LYS D 307 16.26 -6.63 26.18
CA LYS D 307 16.80 -6.93 24.85
C LYS D 307 15.98 -8.02 24.17
N ASP D 308 15.70 -9.10 24.90
CA ASP D 308 14.77 -10.11 24.43
C ASP D 308 13.35 -9.57 24.64
N GLY D 309 12.34 -10.40 24.41
CA GLY D 309 10.98 -9.97 24.59
C GLY D 309 10.70 -9.51 26.01
N PRO D 310 9.60 -8.79 26.22
CA PRO D 310 9.12 -8.54 27.59
C PRO D 310 8.82 -9.82 28.34
N GLU D 311 8.58 -10.91 27.62
CA GLU D 311 8.39 -12.24 28.19
C GLU D 311 9.69 -12.88 28.66
N ASN D 312 10.83 -12.24 28.44
CA ASN D 312 12.13 -12.75 28.86
C ASN D 312 12.78 -11.79 29.84
N GLN D 313 13.83 -12.28 30.49
CA GLN D 313 14.49 -11.51 31.53
C GLN D 313 15.15 -10.26 30.93
N PRO D 314 15.16 -9.16 31.67
CA PRO D 314 15.89 -7.97 31.21
C PRO D 314 17.38 -8.07 31.52
N ILE D 315 18.14 -7.21 30.85
CA ILE D 315 19.56 -7.04 31.09
C ILE D 315 19.81 -5.62 31.59
N GLU D 316 20.96 -5.42 32.21
CA GLU D 316 21.38 -4.09 32.64
C GLU D 316 22.39 -3.53 31.66
N ILE D 317 22.23 -2.26 31.33
CA ILE D 317 23.17 -1.54 30.48
C ILE D 317 23.79 -0.42 31.31
N ASP D 318 25.10 -0.48 31.48
CA ASP D 318 25.83 0.49 32.28
C ASP D 318 26.41 1.56 31.37
N PHE D 319 25.92 2.79 31.50
CA PHE D 319 26.43 3.91 30.73
C PHE D 319 27.52 4.67 31.47
N THR D 320 28.16 4.06 32.45
CA THR D 320 29.29 4.68 33.12
C THR D 320 30.47 4.77 32.16
N PRO D 321 31.00 5.97 31.89
CA PRO D 321 32.17 6.07 31.01
C PRO D 321 33.43 5.60 31.73
N PRO D 322 34.47 5.21 30.99
CA PRO D 322 34.54 5.15 29.52
C PRO D 322 33.97 3.85 28.96
N TYR D 323 33.77 3.81 27.63
CA TYR D 323 33.21 2.66 26.95
C TYR D 323 34.29 1.98 26.11
N PRO D 324 34.18 0.67 25.88
CA PRO D 324 35.23 -0.03 25.10
C PRO D 324 35.31 0.48 23.67
N LYS D 325 36.53 0.42 23.13
CA LYS D 325 36.80 0.76 21.74
C LYS D 325 37.34 -0.48 21.03
N VAL D 326 36.71 -0.83 19.89
CA VAL D 326 37.00 -2.07 19.20
C VAL D 326 37.28 -1.76 17.73
N SER D 327 38.48 -2.10 17.27
CA SER D 327 38.83 -1.90 15.86
C SER D 327 38.15 -2.95 15.00
N ILE D 328 37.53 -2.50 13.90
CA ILE D 328 36.57 -3.35 13.18
C ILE D 328 37.29 -4.50 12.47
N VAL D 329 38.22 -4.19 11.57
CA VAL D 329 38.85 -5.26 10.79
C VAL D 329 39.68 -6.17 11.69
N GLU D 330 40.36 -5.59 12.68
CA GLU D 330 41.15 -6.39 13.60
C GLU D 330 40.27 -7.34 14.40
N GLU D 331 39.08 -6.89 14.78
CA GLU D 331 38.17 -7.75 15.54
C GLU D 331 37.46 -8.75 14.64
N ILE D 332 37.12 -8.34 13.41
CA ILE D 332 36.60 -9.30 12.45
C ILE D 332 37.60 -10.43 12.26
N GLU D 333 38.89 -10.10 12.13
CA GLU D 333 39.90 -11.09 11.84
C GLU D 333 40.05 -12.10 12.98
N LYS D 334 39.97 -11.64 14.23
CA LYS D 334 40.10 -12.55 15.35
C LYS D 334 38.92 -13.51 15.43
N VAL D 335 37.71 -13.00 15.26
CA VAL D 335 36.52 -13.83 15.40
C VAL D 335 36.36 -14.78 14.22
N THR D 336 36.81 -14.37 13.03
CA THR D 336 36.61 -15.16 11.82
C THR D 336 37.78 -16.07 11.48
N ASN D 337 38.88 -15.99 12.23
CA ASN D 337 40.07 -16.82 11.98
C ASN D 337 40.59 -16.61 10.56
N THR D 338 40.75 -15.34 10.19
CA THR D 338 41.15 -14.97 8.85
C THR D 338 41.98 -13.69 8.92
N ILE D 339 42.79 -13.46 7.90
CA ILE D 339 43.44 -12.18 7.67
C ILE D 339 42.84 -11.57 6.40
N LEU D 340 42.34 -10.35 6.51
CA LEU D 340 41.84 -9.59 5.36
C LEU D 340 42.91 -8.56 4.98
N GLU D 341 43.79 -8.95 4.06
CA GLU D 341 44.85 -8.06 3.58
C GLU D 341 44.27 -6.94 2.73
N GLN D 342 44.88 -5.76 2.81
CA GLN D 342 44.46 -4.64 1.98
C GLN D 342 45.17 -4.80 0.64
N PRO D 343 44.51 -4.47 -0.46
CA PRO D 343 43.32 -3.64 -0.47
C PRO D 343 42.10 -4.49 -0.22
N PHE D 344 41.21 -4.00 0.63
CA PHE D 344 40.04 -4.72 0.96
C PHE D 344 39.17 -4.94 -0.24
N ASP D 345 39.24 -4.08 -1.23
CA ASP D 345 38.42 -4.25 -2.41
C ASP D 345 39.10 -5.04 -3.52
N SER D 346 40.23 -5.69 -3.24
CA SER D 346 40.85 -6.57 -4.22
C SER D 346 40.01 -7.82 -4.44
N ASN D 347 40.25 -8.49 -5.56
CA ASN D 347 39.50 -9.69 -5.88
C ASN D 347 39.74 -10.79 -4.84
N GLU D 348 40.97 -10.89 -4.34
CA GLU D 348 41.30 -11.93 -3.38
C GLU D 348 40.58 -11.72 -2.06
N THR D 349 40.67 -10.51 -1.51
CA THR D 349 40.03 -10.22 -0.22
C THR D 349 38.51 -10.31 -0.34
N ILE D 350 37.95 -9.91 -1.48
CA ILE D 350 36.50 -10.04 -1.69
C ILE D 350 36.10 -11.51 -1.70
N GLU D 351 36.77 -12.31 -2.53
CA GLU D 351 36.51 -13.75 -2.56
C GLU D 351 36.72 -14.38 -1.20
N LYS D 352 37.67 -13.87 -0.41
CA LYS D 352 37.90 -14.38 0.93
C LYS D 352 36.75 -14.05 1.87
N MET D 353 36.26 -12.81 1.80
CA MET D 353 35.11 -12.44 2.62
C MET D 353 33.85 -13.18 2.17
N ILE D 354 33.72 -13.42 0.86
CA ILE D 354 32.61 -14.22 0.36
C ILE D 354 32.60 -15.59 1.03
N ASN D 355 33.77 -16.25 1.08
CA ASN D 355 33.84 -17.61 1.59
C ASN D 355 33.53 -17.67 3.08
N ILE D 356 33.89 -16.64 3.84
CA ILE D 356 33.52 -16.59 5.25
C ILE D 356 32.00 -16.60 5.39
N ILE D 357 31.31 -15.80 4.58
CA ILE D 357 29.87 -15.68 4.68
C ILE D 357 29.19 -16.99 4.30
N LYS D 358 29.71 -17.67 3.29
CA LYS D 358 29.15 -18.96 2.89
C LYS D 358 29.45 -20.04 3.93
N GLU D 359 30.69 -20.05 4.45
CA GLU D 359 31.07 -21.09 5.42
C GLU D 359 30.26 -20.98 6.70
N HIS D 360 29.91 -19.78 7.12
CA HIS D 360 29.11 -19.56 8.32
C HIS D 360 27.61 -19.54 8.05
N LYS D 361 27.20 -19.79 6.80
CA LYS D 361 25.79 -19.81 6.41
C LYS D 361 25.13 -18.46 6.69
N ILE D 362 25.75 -17.39 6.20
CA ILE D 362 25.21 -16.05 6.29
C ILE D 362 24.73 -15.62 4.90
N GLU D 363 23.74 -14.74 4.88
CA GLU D 363 23.20 -14.26 3.61
C GLU D 363 24.24 -13.41 2.87
N LEU D 364 24.41 -13.64 1.60
CA LEU D 364 25.32 -12.86 0.82
C LEU D 364 24.69 -11.57 0.36
N PRO D 365 25.41 -10.49 0.52
CA PRO D 365 24.92 -9.18 0.11
C PRO D 365 25.00 -8.88 -1.40
N PRO D 367 24.43 -7.63 -3.96
CA PRO D 367 25.57 -6.82 -4.32
C PRO D 367 26.70 -7.08 -3.34
N PRO D 368 27.63 -7.93 -3.71
CA PRO D 368 28.70 -8.29 -2.80
C PRO D 368 29.97 -7.45 -2.89
N THR D 369 29.84 -6.17 -2.68
CA THR D 369 31.00 -5.34 -2.68
C THR D 369 31.80 -5.45 -1.43
N ALA D 370 33.04 -5.02 -1.48
CA ALA D 370 33.91 -5.05 -0.30
C ALA D 370 33.26 -4.34 0.88
N ALA D 371 32.64 -3.19 0.63
CA ALA D 371 32.01 -2.43 1.71
C ALA D 371 30.79 -3.16 2.26
N LYS D 372 30.00 -3.79 1.38
CA LYS D 372 28.84 -4.54 1.85
C LYS D 372 29.26 -5.81 2.58
N LEU D 373 30.38 -6.41 2.18
CA LEU D 373 30.85 -7.62 2.85
C LEU D 373 31.39 -7.31 4.24
N LEU D 374 32.23 -6.28 4.36
CA LEU D 374 32.76 -5.89 5.66
C LEU D 374 31.64 -5.52 6.63
N ASP D 375 30.59 -4.86 6.12
CA ASP D 375 29.47 -4.49 6.98
C ASP D 375 28.71 -5.71 7.45
N GLN D 376 28.45 -6.65 6.52
CA GLN D 376 27.80 -7.90 6.92
C GLN D 376 28.68 -8.69 7.88
N LEU D 377 29.99 -8.69 7.66
CA LEU D 377 30.90 -9.35 8.60
C LEU D 377 30.86 -8.68 9.96
N ALA D 378 30.83 -7.35 9.99
CA ALA D 378 30.75 -6.62 11.26
C ALA D 378 29.47 -6.94 11.99
N SER D 379 28.34 -7.02 11.28
CA SER D 379 27.05 -7.27 11.92
C SER D 379 27.03 -8.65 12.59
N HIS D 380 27.56 -9.67 11.92
CA HIS D 380 27.42 -11.05 12.37
C HIS D 380 28.50 -11.49 13.34
N PHE D 381 29.55 -10.70 13.54
CA PHE D 381 30.67 -11.14 14.38
C PHE D 381 31.14 -10.12 15.41
N ILE D 382 30.87 -8.83 15.24
CA ILE D 382 31.44 -7.79 16.08
C ILE D 382 30.38 -7.03 16.87
N GLU D 383 29.28 -6.67 16.23
CA GLU D 383 28.40 -5.64 16.75
C GLU D 383 27.64 -6.04 18.01
N ASN D 384 27.61 -7.34 18.34
CA ASN D 384 27.02 -7.80 19.60
C ASN D 384 28.08 -8.21 20.62
N LYS D 385 29.29 -7.68 20.51
CA LYS D 385 30.36 -8.07 21.43
C LYS D 385 30.03 -7.67 22.87
N TYR D 386 29.41 -6.50 23.05
CA TYR D 386 29.02 -6.02 24.37
C TYR D 386 27.52 -5.78 24.39
N ASN D 387 26.87 -6.24 25.46
CA ASN D 387 25.46 -5.97 25.70
C ASN D 387 25.21 -5.25 27.01
N ASP D 388 26.12 -5.33 27.98
CA ASP D 388 25.96 -4.70 29.28
C ASP D 388 26.35 -3.23 29.29
N LYS D 389 26.83 -2.69 28.17
CA LYS D 389 27.22 -1.30 28.09
C LYS D 389 27.37 -0.94 26.62
N PRO D 390 27.30 0.35 26.28
CA PRO D 390 27.62 0.78 24.92
C PRO D 390 29.09 0.55 24.62
N PHE D 391 29.41 0.45 23.33
CA PHE D 391 30.80 0.32 22.93
C PHE D 391 30.99 0.87 21.53
N PHE D 392 32.24 1.25 21.23
CA PHE D 392 32.60 1.87 19.98
C PHE D 392 33.28 0.87 19.07
N ILE D 393 32.79 0.75 17.84
CA ILE D 393 33.54 0.13 16.75
C ILE D 393 34.24 1.25 15.99
N VAL D 394 35.56 1.11 15.80
CA VAL D 394 36.39 2.23 15.38
C VAL D 394 37.29 1.82 14.22
N GLU D 395 37.86 2.84 13.58
CA GLU D 395 38.94 2.69 12.60
C GLU D 395 38.48 1.92 11.36
N HIS D 396 37.32 2.32 10.83
CA HIS D 396 36.75 1.65 9.66
C HIS D 396 37.65 1.83 8.43
N PRO D 397 37.73 0.83 7.55
CA PRO D 397 38.46 1.00 6.29
C PRO D 397 37.94 2.18 5.48
N GLN D 398 38.83 2.75 4.68
CA GLN D 398 38.46 3.90 3.85
C GLN D 398 37.32 3.57 2.90
N ILE D 399 37.30 2.33 2.37
CA ILE D 399 36.29 1.95 1.39
C ILE D 399 34.90 1.82 1.98
N MET D 400 34.80 1.78 3.31
CA MET D 400 33.50 1.88 3.99
C MET D 400 33.14 3.31 4.36
N SER D 401 34.08 4.25 4.24
CA SER D 401 33.94 5.57 4.84
C SER D 401 34.37 6.63 3.83
N PRO D 402 33.60 6.82 2.76
CA PRO D 402 34.03 7.73 1.69
C PRO D 402 34.12 9.18 2.12
N LEU D 403 33.56 9.55 3.26
CA LEU D 403 33.58 10.93 3.73
C LEU D 403 34.43 11.11 4.98
N ALA D 404 35.13 10.07 5.43
CA ALA D 404 35.93 10.13 6.66
C ALA D 404 37.40 10.32 6.31
N LYS D 405 38.09 11.09 7.14
CA LYS D 405 39.50 11.37 6.90
C LYS D 405 40.36 10.14 7.23
N TYR D 406 41.40 9.95 6.41
CA TYR D 406 42.30 8.82 6.59
C TYR D 406 43.02 8.90 7.93
N HIS D 407 43.29 7.73 8.51
CA HIS D 407 43.93 7.62 9.81
C HIS D 407 45.34 8.17 9.76
N ARG D 408 45.74 8.90 10.83
CA ARG D 408 47.07 9.49 10.88
C ARG D 408 48.16 8.47 10.66
N THR D 409 48.00 7.28 11.23
CA THR D 409 49.09 6.32 11.35
C THR D 409 48.77 4.94 10.79
N LYS D 410 47.50 4.59 10.59
CA LYS D 410 47.14 3.26 10.13
C LYS D 410 46.66 3.34 8.69
N PRO D 411 47.46 2.91 7.72
CA PRO D 411 47.08 3.05 6.31
C PRO D 411 45.84 2.23 5.98
N GLY D 412 45.01 2.79 5.10
CA GLY D 412 43.80 2.13 4.65
C GLY D 412 42.60 2.28 5.57
N LEU D 413 42.78 2.85 6.76
CA LEU D 413 41.70 3.03 7.71
C LEU D 413 41.34 4.51 7.80
N THR D 414 40.26 4.78 8.53
CA THR D 414 39.80 6.14 8.79
C THR D 414 39.68 6.36 10.28
N GLU D 415 39.47 7.61 10.67
CA GLU D 415 39.29 7.98 12.07
C GLU D 415 37.80 8.06 12.40
N ARG D 416 37.15 6.91 12.31
CA ARG D 416 35.71 6.77 12.42
C ARG D 416 35.35 6.00 13.68
N LEU D 417 34.18 6.32 14.24
CA LEU D 417 33.65 5.61 15.40
C LEU D 417 32.16 5.41 15.23
N GLU D 418 31.69 4.22 15.63
CA GLU D 418 30.26 3.93 15.73
C GLU D 418 29.99 3.39 17.12
N MET D 419 28.94 3.88 17.77
CA MET D 419 28.54 3.37 19.06
C MET D 419 27.31 2.50 18.92
N PHE D 420 27.33 1.34 19.58
CA PHE D 420 26.22 0.41 19.56
C PHE D 420 25.67 0.21 20.96
N ILE D 421 24.36 0.00 21.03
CA ILE D 421 23.69 -0.42 22.25
C ILE D 421 22.90 -1.68 21.92
N CYS D 422 23.26 -2.79 22.55
CA CYS D 422 22.62 -4.08 22.31
C CYS D 422 22.64 -4.44 20.82
N GLY D 423 23.77 -4.18 20.17
CA GLY D 423 23.96 -4.58 18.80
C GLY D 423 23.35 -3.68 17.75
N LYS D 424 22.83 -2.52 18.14
CA LYS D 424 22.21 -1.59 17.20
C LYS D 424 22.97 -0.27 17.22
N GLU D 425 23.33 0.21 16.05
CA GLU D 425 24.07 1.43 15.85
C GLU D 425 23.29 2.64 16.34
N VAL D 426 23.92 3.57 17.03
CA VAL D 426 23.16 4.65 17.65
C VAL D 426 23.86 5.96 17.33
N LEU D 427 25.07 5.86 16.79
CA LEU D 427 25.96 7.00 16.67
C LEU D 427 26.96 6.73 15.55
N ASN D 428 27.27 7.77 14.78
CA ASN D 428 28.23 7.70 13.70
C ASN D 428 29.00 9.01 13.65
N ALA D 429 30.33 8.93 13.82
CA ALA D 429 31.14 10.13 13.88
C ALA D 429 32.52 9.83 13.30
N TYR D 430 33.19 10.89 12.84
CA TYR D 430 34.57 10.75 12.39
C TYR D 430 35.19 12.12 12.15
N THR D 431 36.53 12.12 12.15
CA THR D 431 37.28 13.24 11.59
C THR D 431 36.88 13.41 10.13
N GLU D 432 36.50 14.62 9.76
CA GLU D 432 35.96 14.86 8.44
C GLU D 432 37.07 14.97 7.39
N LEU D 433 36.85 14.29 6.26
CA LEU D 433 37.73 14.46 5.11
C LEU D 433 37.58 15.88 4.57
N ASN D 434 38.70 16.62 4.53
CA ASN D 434 38.67 18.00 4.07
C ASN D 434 39.64 18.28 2.93
N ASP D 435 40.34 17.27 2.43
CA ASP D 435 41.15 17.43 1.23
C ASP D 435 40.26 17.29 0.00
N PRO D 436 40.08 18.34 -0.80
CA PRO D 436 39.17 18.22 -1.96
C PRO D 436 39.59 17.14 -2.94
N PHE D 437 40.89 16.94 -3.11
CA PHE D 437 41.37 16.00 -4.12
C PHE D 437 41.20 14.56 -3.67
N LYS D 438 41.38 14.28 -2.37
CA LYS D 438 41.07 12.95 -1.87
C LYS D 438 39.57 12.68 -1.88
N GLN D 439 38.75 13.72 -1.70
CA GLN D 439 37.30 13.55 -1.65
C GLN D 439 36.75 13.07 -2.99
N LYS D 440 37.19 13.70 -4.09
CA LYS D 440 36.72 13.28 -5.41
C LYS D 440 37.15 11.85 -5.73
N GLU D 441 38.29 11.40 -5.18
CA GLU D 441 38.68 10.00 -5.33
C GLU D 441 37.63 9.08 -4.71
N CYS D 442 37.27 9.35 -3.45
CA CYS D 442 36.32 8.49 -2.76
C CYS D 442 34.97 8.47 -3.47
N PHE D 443 34.57 9.60 -4.04
CA PHE D 443 33.33 9.64 -4.82
C PHE D 443 33.47 8.89 -6.13
N LYS D 444 34.67 8.95 -6.75
CA LYS D 444 34.90 8.19 -7.97
C LYS D 444 34.89 6.68 -7.71
N LEU D 445 35.42 6.27 -6.55
CA LEU D 445 35.39 4.85 -6.20
C LEU D 445 33.97 4.37 -5.95
N GLN D 446 33.14 5.22 -5.32
CA GLN D 446 31.74 4.86 -5.12
C GLN D 446 31.02 4.64 -6.43
N GLN D 447 31.40 5.38 -7.48
CA GLN D 447 30.79 5.16 -8.79
C GLN D 447 31.21 3.83 -9.38
N LYS D 448 32.39 3.32 -9.02
CA LYS D 448 32.77 1.96 -9.43
C LYS D 448 31.85 0.94 -8.79
N ASP D 449 31.42 1.20 -7.55
CA ASP D 449 30.46 0.30 -6.91
C ASP D 449 29.06 0.47 -7.48
N ARG D 450 28.73 1.66 -8.00
CA ARG D 450 27.38 1.91 -8.50
C ARG D 450 27.13 1.15 -9.79
N GLU D 451 28.12 1.07 -10.68
CA GLU D 451 27.94 0.33 -11.92
C GLU D 451 27.89 -1.17 -11.71
N LYS D 452 28.30 -1.65 -10.53
CA LYS D 452 28.16 -3.05 -10.17
C LYS D 452 26.81 -3.36 -9.55
N GLY D 453 25.90 -2.39 -9.48
CA GLY D 453 24.55 -2.61 -9.01
C GLY D 453 24.23 -2.11 -7.62
N ASP D 454 25.08 -1.26 -7.03
CA ASP D 454 24.84 -0.78 -5.66
C ASP D 454 23.91 0.43 -5.72
N THR D 455 22.64 0.23 -5.39
CA THR D 455 21.66 1.31 -5.41
C THR D 455 21.90 2.32 -4.29
N GLU D 456 22.64 1.95 -3.26
CA GLU D 456 22.84 2.77 -2.07
C GLU D 456 24.11 3.58 -2.09
N ALA D 457 24.94 3.44 -3.11
CA ALA D 457 26.17 4.22 -3.19
C ALA D 457 25.84 5.68 -3.44
N ALA D 458 26.46 6.57 -2.67
CA ALA D 458 26.17 7.99 -2.78
C ALA D 458 26.79 8.57 -4.04
N GLN D 459 26.05 9.45 -4.71
CA GLN D 459 26.54 10.08 -5.93
C GLN D 459 27.55 11.17 -5.61
N LEU D 460 28.31 11.55 -6.62
CA LEU D 460 29.16 12.73 -6.56
C LEU D 460 28.31 14.00 -6.55
N ASP D 461 28.54 14.86 -5.56
CA ASP D 461 27.97 16.21 -5.54
C ASP D 461 29.09 17.18 -5.90
N SER D 462 28.97 17.83 -7.06
CA SER D 462 29.97 18.79 -7.47
C SER D 462 29.92 20.04 -6.59
N ALA D 463 28.72 20.47 -6.19
CA ALA D 463 28.59 21.65 -5.35
C ALA D 463 29.25 21.45 -3.99
N PHE D 464 29.15 20.24 -3.43
CA PHE D 464 29.82 19.96 -2.17
C PHE D 464 31.33 19.93 -2.35
N CYS D 465 31.81 19.27 -3.41
CA CYS D 465 33.25 19.25 -3.68
C CYS D 465 33.79 20.64 -3.91
N THR D 466 33.02 21.49 -4.59
CA THR D 466 33.44 22.87 -4.81
C THR D 466 33.58 23.62 -3.50
N SER D 467 32.69 23.35 -2.54
CA SER D 467 32.77 24.01 -1.24
C SER D 467 34.06 23.63 -0.52
N LEU D 468 34.50 22.38 -0.66
CA LEU D 468 35.75 21.96 -0.03
C LEU D 468 36.95 22.69 -0.64
N GLU D 469 36.88 23.05 -1.92
CA GLU D 469 37.97 23.76 -2.57
C GLU D 469 38.16 25.17 -2.02
N TYR D 470 37.18 25.70 -1.29
CA TYR D 470 37.32 26.99 -0.64
C TYR D 470 37.91 26.86 0.77
N GLY D 471 38.17 25.64 1.22
CA GLY D 471 38.86 25.41 2.46
C GLY D 471 37.92 25.02 3.59
N LEU D 472 37.85 23.71 3.86
CA LEU D 472 37.14 23.23 5.02
C LEU D 472 38.15 23.00 6.13
N PRO D 473 38.02 23.67 7.28
CA PRO D 473 39.01 23.51 8.34
C PRO D 473 38.99 22.09 8.87
N PRO D 474 40.02 21.66 9.60
CA PRO D 474 39.96 20.36 10.27
C PRO D 474 38.71 20.32 11.16
N THR D 475 37.93 19.26 11.01
CA THR D 475 36.59 19.26 11.58
C THR D 475 36.21 17.86 12.02
N GLY D 476 35.47 17.79 13.12
CA GLY D 476 34.89 16.54 13.58
C GLY D 476 33.37 16.60 13.58
N GLY D 477 32.72 15.62 12.96
CA GLY D 477 31.27 15.58 12.92
C GLY D 477 30.71 14.31 13.53
N LEU D 478 29.46 14.37 13.97
CA LEU D 478 28.84 13.26 14.67
C LEU D 478 27.35 13.21 14.34
N GLY D 479 26.82 12.00 14.22
CA GLY D 479 25.40 11.82 13.99
C GLY D 479 24.80 10.86 15.01
N LEU D 480 23.55 11.13 15.37
CA LEU D 480 22.82 10.33 16.36
C LEU D 480 21.50 9.86 15.78
N GLY D 481 21.12 8.64 16.14
CA GLY D 481 19.79 8.15 15.85
C GLY D 481 18.86 8.38 17.02
N ILE D 482 18.00 9.41 16.93
CA ILE D 482 17.21 9.84 18.07
C ILE D 482 16.23 8.74 18.49
N ASP D 483 15.50 8.22 17.52
CA ASP D 483 14.51 7.19 17.77
C ASP D 483 15.10 5.95 18.42
N ARG D 484 16.25 5.53 17.94
CA ARG D 484 16.93 4.37 18.50
C ARG D 484 17.41 4.65 19.92
N ILE D 485 17.96 5.84 20.18
CA ILE D 485 18.29 6.24 21.54
C ILE D 485 17.06 6.16 22.43
N THR D 486 15.94 6.70 21.92
CA THR D 486 14.70 6.71 22.71
C THR D 486 14.23 5.30 23.01
N MET D 487 14.43 4.37 22.07
CA MET D 487 14.03 2.99 22.30
C MET D 487 14.70 2.41 23.54
N PHE D 488 16.01 2.62 23.67
CA PHE D 488 16.76 2.02 24.77
C PHE D 488 16.52 2.71 26.10
N LEU D 489 15.98 3.93 26.10
CA LEU D 489 15.71 4.66 27.33
C LEU D 489 14.23 4.63 27.72
N THR D 490 13.37 4.02 26.89
CA THR D 490 11.99 3.75 27.26
C THR D 490 11.68 2.26 27.24
N ASN D 491 12.71 1.41 27.15
CA ASN D 491 12.55 -0.04 27.17
C ASN D 491 11.62 -0.53 26.07
N LYS D 492 11.83 -0.03 24.85
CA LYS D 492 11.05 -0.45 23.70
C LYS D 492 11.91 -1.30 22.77
N ASN D 493 11.26 -2.29 22.14
CA ASN D 493 11.93 -3.21 21.23
C ASN D 493 11.65 -2.89 19.77
N SER D 494 10.81 -1.90 19.48
CA SER D 494 10.45 -1.56 18.12
C SER D 494 10.46 -0.05 17.95
N ILE D 495 11.04 0.41 16.84
CA ILE D 495 11.03 1.84 16.53
C ILE D 495 9.61 2.38 16.43
N LYS D 496 8.65 1.52 16.05
CA LYS D 496 7.25 1.94 15.97
C LYS D 496 6.73 2.40 17.32
N ASP D 497 7.32 1.91 18.41
CA ASP D 497 6.87 2.25 19.76
C ASP D 497 7.32 3.64 20.21
N VAL D 498 8.20 4.31 19.46
CA VAL D 498 8.69 5.63 19.83
C VAL D 498 8.42 6.66 18.74
N ILE D 499 7.70 6.29 17.70
CA ILE D 499 7.25 7.22 16.67
C ILE D 499 5.73 7.30 16.75
N LEU D 500 5.21 8.52 16.85
CA LEU D 500 3.78 8.71 17.07
C LEU D 500 2.94 8.06 15.96
N PHE D 501 3.35 8.26 14.70
CA PHE D 501 2.65 7.70 13.55
C PHE D 501 3.65 6.99 12.65
N PRO D 502 4.05 5.76 12.99
CA PRO D 502 4.98 5.02 12.13
C PRO D 502 4.39 4.78 10.76
N THR D 503 5.27 4.55 9.78
CA THR D 503 4.85 4.35 8.41
C THR D 503 4.11 3.02 8.27
N MET D 504 2.82 3.10 7.94
CA MET D 504 1.96 1.94 7.81
C MET D 504 1.27 2.00 6.46
N ARG D 505 1.16 0.85 5.79
CA ARG D 505 0.42 0.81 4.54
C ARG D 505 -1.07 0.75 4.83
N PRO D 506 -1.90 1.23 3.91
CA PRO D 506 -3.35 1.31 4.18
C PRO D 506 -3.98 -0.05 4.37
N ALA D 507 -5.07 -0.07 5.14
CA ALA D 507 -5.80 -1.30 5.40
C ALA D 507 -6.67 -1.67 4.21
C11 D5F E . -0.90 -27.02 -2.98
C12 D5F E . -0.59 -26.22 -5.37
C13 D5F E . 0.20 -24.98 -4.93
C1 D5F E . -5.88 -31.07 -3.10
C10 D5F E . -0.79 -28.53 -2.85
C2 D5F E . -5.99 -32.34 -3.67
C3 D5F E . -4.85 -32.98 -4.15
C4 D5F E . -3.62 -32.36 -4.09
C5 D5F E . -3.52 -31.09 -3.53
C6 D5F E . -2.29 -30.45 -3.46
C7 D5F E . -2.16 -29.18 -2.90
C8 D5F E . -4.50 -29.09 -2.44
C9 D5F E . -4.65 -30.45 -3.04
C14 D5F E . 0.49 -24.98 -3.42
C15 D5F E . 0.49 -26.41 -2.87
C16 D5F E . -1.31 -25.91 -6.68
C17 D5F E . -1.58 -26.63 -4.29
O1 D5F E . -6.99 -30.44 -2.62
O2 D5F E . -4.96 -34.23 -4.70
O3 D5F E . -3.27 -28.51 -2.40
O4 D5F E . -5.51 -28.49 -2.00
C1 GOL F . 9.60 -7.30 -13.41
O1 GOL F . 8.50 -6.68 -12.85
C2 GOL F . 10.82 -6.90 -12.56
O2 GOL F . 10.69 -5.62 -12.03
C3 GOL F . 10.92 -7.99 -11.46
O3 GOL F . 11.69 -7.44 -10.43
N LYS G . 2.74 -26.13 -10.68
CA LYS G . 3.11 -26.02 -9.28
C LYS G . 2.38 -27.05 -8.42
O LYS G . 1.58 -27.84 -8.93
CB LYS G . 2.84 -24.61 -8.75
CG LYS G . 3.76 -23.55 -9.33
CD LYS G . 5.21 -23.83 -8.97
CE LYS G . 6.12 -22.71 -9.45
NZ LYS G . 6.26 -22.73 -10.94
OXT LYS G . 2.57 -27.11 -7.21
C11 D5F H . -24.03 -21.02 -25.41
C12 D5F H . -24.46 -21.69 -22.98
C13 D5F H . -25.38 -20.50 -22.75
C1 D5F H . -19.08 -24.50 -27.57
C10 D5F H . -24.15 -22.21 -26.35
C2 D5F H . -18.96 -25.87 -27.70
C3 D5F H . -20.08 -26.69 -27.54
C4 D5F H . -21.31 -26.12 -27.24
C5 D5F H . -21.42 -24.74 -27.11
C6 D5F H . -22.65 -24.16 -26.82
C7 D5F H . -22.79 -22.78 -26.68
C8 D5F H . -20.47 -22.46 -27.12
C9 D5F H . -20.31 -23.93 -27.27
C14 D5F H . -25.42 -19.56 -23.95
C15 D5F H . -25.39 -20.36 -25.24
C16 D5F H . -23.76 -22.04 -21.67
C17 D5F H . -23.43 -21.42 -24.07
O1 D5F H . -17.99 -23.69 -27.72
O2 D5F H . -19.97 -28.03 -27.67
O3 D5F H . -21.71 -21.94 -26.83
O4 D5F H . -19.48 -21.70 -27.26
C1 GOL I . -36.33 -9.19 -8.28
O1 GOL I . -37.16 -8.40 -9.08
C2 GOL I . -35.66 -8.25 -7.25
O2 GOL I . -36.58 -7.74 -6.35
C3 GOL I . -34.58 -9.11 -6.57
O3 GOL I . -33.37 -8.44 -6.74
N LYS J . -27.65 -24.24 -18.72
CA LYS J . -28.02 -23.40 -19.86
C LYS J . -27.24 -23.78 -21.12
O LYS J . -26.34 -24.63 -21.09
CB LYS J . -27.78 -21.92 -19.52
CG LYS J . -28.73 -21.36 -18.48
CD LYS J . -30.16 -21.33 -18.99
CE LYS J . -31.09 -20.63 -18.01
NZ LYS J . -31.21 -21.38 -16.73
OXT LYS J . -27.50 -23.26 -22.20
C11 D5F K . 1.53 30.68 5.94
C12 D5F K . 0.97 28.54 7.23
C13 D5F K . 0.67 29.37 8.47
C1 D5F K . 5.79 29.06 1.38
C10 D5F K . 1.31 30.78 4.44
C2 D5F K . 5.58 28.26 0.26
C3 D5F K . 4.29 27.89 -0.09
C4 D5F K . 3.20 28.32 0.66
C5 D5F K . 3.43 29.12 1.78
C6 D5F K . 2.36 29.56 2.55
C7 D5F K . 2.55 30.35 3.67
C8 D5F K . 4.90 30.34 3.34
C9 D5F K . 4.72 29.49 2.14
C14 D5F K . 0.32 30.81 8.14
C15 D5F K . 0.22 31.05 6.63
C16 D5F K . 1.52 27.18 7.64
C17 D5F K . 1.97 29.26 6.33
O1 D5F K . 7.06 29.42 1.72
O2 D5F K . 4.09 27.11 -1.19
O3 D5F K . 3.80 30.74 4.05
O4 D5F K . 6.06 30.69 3.69
C1 GOL L . -6.99 25.69 28.52
O1 GOL L . -5.62 25.52 28.76
C2 GOL L . -7.35 27.15 28.92
O2 GOL L . -7.87 27.22 30.20
C3 GOL L . -8.34 27.63 27.85
O3 GOL L . -8.80 28.87 28.27
C1 GOL M . 11.47 19.27 15.34
O1 GOL M . 10.58 18.54 14.54
C2 GOL M . 12.31 18.23 16.12
O2 GOL M . 13.66 18.45 15.94
C3 GOL M . 11.87 18.39 17.59
O3 GOL M . 12.77 19.26 18.18
N LYS N . -2.88 24.16 8.58
CA LYS N . -3.08 25.60 8.50
C LYS N . -2.44 26.19 7.26
O LYS N . -1.76 25.48 6.50
CB LYS N . -2.53 26.28 9.76
CG LYS N . -3.35 26.02 11.01
CD LYS N . -4.76 26.59 10.85
CE LYS N . -5.54 26.51 12.16
NZ LYS N . -5.93 25.11 12.50
OXT LYS N . -2.57 27.38 6.99
C11 D5F O . 21.81 5.81 12.63
C12 D5F O . 22.51 8.08 11.68
C13 D5F O . 23.16 8.36 13.03
C1 D5F O . 16.00 4.19 10.41
C10 D5F O . 21.51 4.56 11.81
C2 D5F O . 15.64 3.89 9.10
C3 D5F O . 16.63 3.70 8.14
C4 D5F O . 17.97 3.79 8.49
C5 D5F O . 18.33 4.08 9.80
C6 D5F O . 19.66 4.17 10.16
C7 D5F O . 20.03 4.47 11.48
C8 D5F O . 17.76 4.60 12.16
C9 D5F O . 17.35 4.28 10.76
C14 D5F O . 23.67 7.10 13.72
C15 D5F O . 23.30 5.83 12.95
C16 D5F O . 21.98 9.37 11.06
C17 D5F O . 21.39 7.05 11.84
O1 D5F O . 15.03 4.39 11.35
O2 D5F O . 16.28 3.41 6.85
O3 D5F O . 19.08 4.67 12.46
O4 D5F O . 16.89 4.78 13.05
N LYS P . 25.75 11.40 7.99
CA LYS P . 26.14 10.26 8.81
C LYS P . 25.14 9.11 8.69
O LYS P . 25.28 8.09 9.34
CB LYS P . 26.27 10.69 10.28
CG LYS P . 27.44 11.63 10.55
CD LYS P . 28.77 10.98 10.21
CE LYS P . 29.93 11.80 10.75
NZ LYS P . 30.15 13.03 9.96
OXT LYS P . 24.18 9.19 7.93
#